data_7L2I
#
_entry.id   7L2I
#
_cell.length_a   1.00
_cell.length_b   1.00
_cell.length_c   1.00
_cell.angle_alpha   90.00
_cell.angle_beta   90.00
_cell.angle_gamma   90.00
#
_symmetry.space_group_name_H-M   'P 1'
#
loop_
_entity.id
_entity.type
_entity.pdbx_description
1 polymer 'Transient receptor potential cation channel subfamily V member 1'
2 non-polymer '(2S)-1-(butanoyloxy)-3-{[(R)-hydroxy{[(1S,2R,3R,4R,5R,6S)-2,3,4,5,6-pentahydroxycyclohexyl]oxy}phosphoryl]oxy}propan-2-yl tridecanoate'
#
_entity_poly.entity_id   1
_entity_poly.type   'polypeptide(L)'
_entity_poly.pdbx_seq_one_letter_code
;GAMGSEQRASLDSEESESPPQENSCLDPPDRDPNCKPPPVKPHIFTTRSRTRLFGKGDSEEASPLDCPYEEGGLASCPII
TVSSVLTIQRPGDGPASVRPSSQDSVSAGEKPPRLYDRRSIFDAVAQSNCQELESLLPFLQRSKKRLTDSEFKDPETGKT
CLLKAMLNLHNGQNDTIALLLDVARKTDSLKQFVNASYTDSYYKGQTALHIAIERRNMTLVTLLVENGADVQAAANGDFF
KKTKGRPGFYFGELPLSLAACTNQLAIVKFLLQNSWQPADISARDSVGNTVLHALVEVADNTVDNTKFVTSMYNEILILG
AKLHPTLKLEEITNRKGLTPLALAASSGKIGVLAYILQREIHEPECRHLSRKFTEWAYGPVHSSLYDLSCIDTCEKNSVL
EVIAYSSSETPNRHDMLLVEPLNRLLQDKWDRFVKRIFYFNFFVYCLYMIIFTAAAYYRPVEGLPPYKLKNTVGDYFRVT
GEILSVSGGVYFFFRGIQYFLQRRPSLKSLFVDSYSEILFFVQSLFMLVSVVLYFSQRKEYVASMVFSLAMGWTNMLYYT
RGFQQMGIYAVMIEKMILRDLCRFMFVYLVFLFGFSTAVVTLIEDGKNNSLPMESTPHKCRGSACKPGNSYNSLYSTCLE
LFKFTIGMGDLEFTENYDFKAVFIILLLAYVILTYILLLNMLIALMGETVNKIAQESKNIWKLQRAITILDTEKSFLKCM
RKAFRSGKLLQVGFTPDGKDDYRWCFRVDEVNWTTWNTNVGIINEDPGNCEGVKRTLSFSLRSGRVSGRNWKNFALVPLL
RDASTRDRHATQQEEVQLKHYTGSLKPEDAEVFKDSMVPGEK
;
_entity_poly.pdbx_strand_id   A,C,D,B
#
# COMPACT_ATOMS: atom_id res chain seq x y z
N TYR A 202 -40.61 0.47 -37.00
CA TYR A 202 -39.32 0.27 -36.35
C TYR A 202 -38.60 -0.93 -36.95
N TYR A 203 -39.20 -2.11 -36.84
CA TYR A 203 -38.60 -3.35 -37.36
C TYR A 203 -38.78 -3.43 -38.87
N LYS A 204 -38.27 -2.42 -39.56
CA LYS A 204 -38.54 -2.25 -40.97
C LYS A 204 -37.77 -3.27 -41.81
N GLY A 205 -38.38 -3.65 -42.94
CA GLY A 205 -37.75 -4.58 -43.85
C GLY A 205 -37.55 -5.97 -43.29
N GLN A 206 -38.42 -6.40 -42.38
CA GLN A 206 -38.27 -7.69 -41.74
C GLN A 206 -38.50 -8.82 -42.75
N THR A 207 -37.80 -9.93 -42.54
CA THR A 207 -38.00 -11.13 -43.34
C THR A 207 -37.96 -12.34 -42.43
N ALA A 208 -38.64 -13.40 -42.88
CA ALA A 208 -38.83 -14.56 -42.02
C ALA A 208 -37.52 -15.28 -41.74
N LEU A 209 -36.56 -15.19 -42.67
CA LEU A 209 -35.25 -15.77 -42.41
C LEU A 209 -34.62 -15.14 -41.19
N HIS A 210 -34.70 -13.83 -41.09
CA HIS A 210 -34.11 -13.14 -39.95
C HIS A 210 -34.82 -13.51 -38.66
N ILE A 211 -36.13 -13.71 -38.70
CA ILE A 211 -36.85 -14.12 -37.50
C ILE A 211 -36.41 -15.52 -37.08
N ALA A 212 -36.35 -16.46 -38.03
CA ALA A 212 -36.00 -17.84 -37.69
C ALA A 212 -34.59 -17.89 -37.12
N ILE A 213 -33.68 -17.13 -37.72
CA ILE A 213 -32.30 -17.14 -37.27
C ILE A 213 -32.19 -16.45 -35.92
N GLU A 214 -32.94 -15.35 -35.72
CA GLU A 214 -33.03 -14.74 -34.41
C GLU A 214 -33.53 -15.74 -33.37
N ARG A 215 -34.44 -16.62 -33.77
CA ARG A 215 -34.95 -17.65 -32.89
C ARG A 215 -34.06 -18.89 -32.85
N ARG A 216 -32.98 -18.94 -33.63
CA ARG A 216 -32.06 -20.08 -33.62
C ARG A 216 -32.77 -21.37 -33.98
N ASN A 217 -33.59 -21.30 -35.03
CA ASN A 217 -34.31 -22.46 -35.57
C ASN A 217 -33.79 -22.67 -36.99
N MET A 218 -32.90 -23.64 -37.15
CA MET A 218 -32.32 -23.89 -38.47
C MET A 218 -33.32 -24.53 -39.41
N THR A 219 -34.26 -25.31 -38.87
CA THR A 219 -35.20 -26.03 -39.72
C THR A 219 -36.08 -25.06 -40.51
N LEU A 220 -36.57 -24.02 -39.85
CA LEU A 220 -37.39 -23.03 -40.53
C LEU A 220 -36.58 -22.33 -41.62
N VAL A 221 -35.31 -22.06 -41.35
CA VAL A 221 -34.44 -21.47 -42.36
C VAL A 221 -34.35 -22.39 -43.56
N THR A 222 -34.17 -23.69 -43.30
CA THR A 222 -34.06 -24.66 -44.38
C THR A 222 -35.32 -24.66 -45.23
N LEU A 223 -36.48 -24.62 -44.57
CA LEU A 223 -37.73 -24.60 -45.31
C LEU A 223 -37.82 -23.33 -46.15
N LEU A 224 -37.50 -22.19 -45.56
CA LEU A 224 -37.69 -20.92 -46.25
C LEU A 224 -36.80 -20.83 -47.48
N VAL A 225 -35.55 -21.25 -47.35
CA VAL A 225 -34.69 -21.22 -48.53
C VAL A 225 -35.15 -22.25 -49.54
N GLU A 226 -35.60 -23.42 -49.08
CA GLU A 226 -36.15 -24.41 -49.99
C GLU A 226 -37.43 -23.92 -50.64
N ASN A 227 -38.17 -23.07 -49.95
CA ASN A 227 -39.33 -22.41 -50.52
C ASN A 227 -38.98 -21.17 -51.34
N GLY A 228 -37.70 -21.00 -51.67
CA GLY A 228 -37.31 -19.95 -52.57
C GLY A 228 -37.16 -18.59 -51.94
N ALA A 229 -36.74 -18.54 -50.68
CA ALA A 229 -36.54 -17.26 -50.01
C ALA A 229 -35.34 -16.54 -50.61
N ASP A 230 -35.41 -15.21 -50.61
CA ASP A 230 -34.34 -14.38 -51.14
C ASP A 230 -33.17 -14.29 -50.15
N VAL A 231 -31.98 -14.07 -50.70
CA VAL A 231 -30.75 -13.99 -49.92
C VAL A 231 -30.39 -12.56 -49.56
N GLN A 232 -30.53 -11.64 -50.51
CA GLN A 232 -30.11 -10.26 -50.32
C GLN A 232 -31.18 -9.48 -49.54
N ALA A 233 -31.37 -9.91 -48.29
CA ALA A 233 -32.37 -9.28 -47.42
C ALA A 233 -31.79 -7.95 -46.96
N ALA A 234 -32.05 -6.90 -47.73
CA ALA A 234 -31.58 -5.55 -47.40
C ALA A 234 -32.54 -4.89 -46.40
N ALA A 235 -32.70 -5.56 -45.27
CA ALA A 235 -33.61 -5.07 -44.25
C ALA A 235 -33.05 -3.79 -43.66
N ASN A 236 -33.90 -2.77 -43.59
CA ASN A 236 -33.51 -1.45 -43.10
C ASN A 236 -34.05 -1.20 -41.70
N GLY A 237 -34.31 -2.26 -40.96
CA GLY A 237 -34.91 -2.11 -39.65
C GLY A 237 -33.97 -1.39 -38.69
N ASP A 238 -34.56 -0.47 -37.93
CA ASP A 238 -33.81 0.27 -36.92
C ASP A 238 -33.41 -0.63 -35.76
N PHE A 239 -34.00 -1.81 -35.64
CA PHE A 239 -33.63 -2.73 -34.57
C PHE A 239 -32.18 -3.18 -34.68
N PHE A 240 -31.59 -3.10 -35.87
CA PHE A 240 -30.24 -3.60 -36.11
C PHE A 240 -29.38 -2.65 -36.95
N LYS A 241 -29.61 -1.34 -36.81
CA LYS A 241 -28.69 -0.36 -37.35
C LYS A 241 -27.58 -0.08 -36.34
N LYS A 242 -26.65 0.78 -36.75
CA LYS A 242 -25.74 1.42 -35.81
C LYS A 242 -26.52 2.30 -34.83
N THR A 243 -25.79 3.04 -34.00
CA THR A 243 -26.43 3.85 -32.95
C THR A 243 -27.24 2.99 -32.00
N LYS A 244 -26.56 2.14 -31.23
CA LYS A 244 -27.16 1.22 -30.27
C LYS A 244 -27.70 1.91 -29.01
N GLY A 245 -27.75 3.24 -28.95
CA GLY A 245 -28.41 3.90 -27.83
C GLY A 245 -29.85 3.44 -27.68
N ARG A 246 -30.58 3.40 -28.79
CA ARG A 246 -31.83 2.64 -28.77
C ARG A 246 -31.50 1.15 -28.65
N PRO A 247 -32.31 0.37 -27.94
CA PRO A 247 -32.05 -1.08 -27.90
C PRO A 247 -32.05 -1.69 -29.30
N GLY A 248 -31.06 -2.52 -29.57
CA GLY A 248 -30.95 -3.17 -30.86
C GLY A 248 -29.73 -4.06 -30.89
N PHE A 249 -29.61 -4.82 -31.98
CA PHE A 249 -28.50 -5.76 -32.16
C PHE A 249 -28.08 -5.67 -33.61
N TYR A 250 -26.86 -5.19 -33.85
CA TYR A 250 -26.41 -4.86 -35.19
C TYR A 250 -26.19 -6.12 -36.01
N PHE A 251 -26.77 -6.14 -37.21
CA PHE A 251 -26.61 -7.22 -38.18
C PHE A 251 -25.97 -6.77 -39.48
N GLY A 252 -26.08 -5.49 -39.82
CA GLY A 252 -25.56 -5.02 -41.08
C GLY A 252 -26.33 -5.54 -42.26
N GLU A 253 -27.64 -5.76 -42.10
CA GLU A 253 -28.55 -5.92 -43.23
C GLU A 253 -28.15 -7.10 -44.12
N LEU A 254 -27.90 -8.26 -43.48
CA LEU A 254 -27.47 -9.45 -44.19
C LEU A 254 -27.74 -10.70 -43.34
N PRO A 255 -28.39 -11.74 -43.87
CA PRO A 255 -28.58 -12.95 -43.06
C PRO A 255 -27.30 -13.70 -42.73
N LEU A 256 -26.28 -13.65 -43.59
CA LEU A 256 -25.00 -14.24 -43.22
C LEU A 256 -24.45 -13.58 -41.97
N SER A 257 -24.42 -12.25 -41.97
CA SER A 257 -23.94 -11.52 -40.82
C SER A 257 -24.79 -11.82 -39.60
N LEU A 258 -26.09 -11.95 -39.80
CA LEU A 258 -26.98 -12.27 -38.69
C LEU A 258 -26.62 -13.61 -38.06
N ALA A 259 -26.43 -14.63 -38.89
CA ALA A 259 -26.09 -15.94 -38.37
C ALA A 259 -24.76 -15.92 -37.66
N ALA A 260 -23.78 -15.23 -38.25
CA ALA A 260 -22.44 -15.20 -37.65
C ALA A 260 -22.46 -14.44 -36.33
N CYS A 261 -23.23 -13.34 -36.28
CA CYS A 261 -23.36 -12.60 -35.04
C CYS A 261 -23.96 -13.47 -33.95
N THR A 262 -24.79 -14.42 -34.32
CA THR A 262 -25.49 -15.25 -33.37
C THR A 262 -24.73 -16.50 -32.99
N ASN A 263 -23.51 -16.68 -33.50
CA ASN A 263 -22.71 -17.85 -33.21
C ASN A 263 -23.40 -19.12 -33.68
N GLN A 264 -23.96 -19.06 -34.89
CA GLN A 264 -24.68 -20.17 -35.52
C GLN A 264 -23.87 -20.62 -36.73
N LEU A 265 -22.95 -21.55 -36.51
CA LEU A 265 -22.09 -22.01 -37.60
C LEU A 265 -22.88 -22.72 -38.68
N ALA A 266 -23.81 -23.59 -38.28
CA ALA A 266 -24.52 -24.40 -39.26
C ALA A 266 -25.34 -23.52 -40.21
N ILE A 267 -26.00 -22.50 -39.66
CA ILE A 267 -26.82 -21.63 -40.49
C ILE A 267 -25.97 -20.94 -41.53
N VAL A 268 -24.83 -20.38 -41.11
CA VAL A 268 -24.07 -19.56 -42.02
C VAL A 268 -23.39 -20.42 -43.09
N LYS A 269 -22.89 -21.59 -42.70
CA LYS A 269 -22.31 -22.48 -43.69
C LYS A 269 -23.37 -22.93 -44.69
N PHE A 270 -24.57 -23.21 -44.19
CA PHE A 270 -25.67 -23.61 -45.05
C PHE A 270 -26.04 -22.49 -46.01
N LEU A 271 -26.08 -21.26 -45.51
CA LEU A 271 -26.37 -20.12 -46.37
C LEU A 271 -25.32 -19.96 -47.45
N LEU A 272 -24.06 -20.09 -47.07
CA LEU A 272 -23.00 -19.99 -48.06
C LEU A 272 -22.98 -21.16 -49.03
N GLN A 273 -23.65 -22.27 -48.71
CA GLN A 273 -23.54 -23.48 -49.49
C GLN A 273 -24.92 -24.02 -49.86
N ASN A 274 -25.89 -23.13 -50.03
CA ASN A 274 -27.22 -23.55 -50.43
C ASN A 274 -27.23 -23.96 -51.90
N SER A 275 -28.12 -24.91 -52.23
CA SER A 275 -28.24 -25.40 -53.60
C SER A 275 -29.19 -24.56 -54.44
N TRP A 276 -30.37 -24.23 -53.89
CA TRP A 276 -31.35 -23.46 -54.65
C TRP A 276 -30.77 -22.10 -55.01
N GLN A 277 -30.19 -21.39 -54.04
CA GLN A 277 -29.47 -20.17 -54.31
C GLN A 277 -28.44 -19.95 -53.20
N PRO A 278 -27.14 -20.07 -53.47
CA PRO A 278 -26.16 -19.80 -52.41
C PRO A 278 -25.98 -18.31 -52.16
N ALA A 279 -25.30 -18.01 -51.05
CA ALA A 279 -25.01 -16.65 -50.63
C ALA A 279 -23.58 -16.29 -50.98
N ASP A 280 -23.37 -15.01 -51.31
CA ASP A 280 -22.06 -14.48 -51.68
C ASP A 280 -21.51 -13.70 -50.49
N ILE A 281 -20.40 -14.19 -49.93
CA ILE A 281 -19.86 -13.64 -48.69
C ILE A 281 -19.42 -12.19 -48.84
N SER A 282 -18.97 -11.79 -50.03
CA SER A 282 -18.46 -10.45 -50.23
C SER A 282 -19.55 -9.39 -50.38
N ALA A 283 -20.82 -9.76 -50.24
CA ALA A 283 -21.90 -8.79 -50.37
C ALA A 283 -21.83 -7.76 -49.26
N ARG A 284 -22.11 -6.50 -49.60
CA ARG A 284 -21.94 -5.37 -48.71
C ARG A 284 -23.26 -4.67 -48.46
N ASP A 285 -23.39 -4.15 -47.25
CA ASP A 285 -24.60 -3.46 -46.83
C ASP A 285 -24.55 -1.99 -47.24
N SER A 286 -25.54 -1.23 -46.80
CA SER A 286 -25.65 0.18 -47.18
C SER A 286 -24.49 1.01 -46.67
N VAL A 287 -23.86 0.61 -45.56
CA VAL A 287 -22.66 1.28 -45.08
C VAL A 287 -21.40 0.80 -45.79
N GLY A 288 -21.49 -0.31 -46.53
CA GLY A 288 -20.34 -0.96 -47.13
C GLY A 288 -19.72 -2.04 -46.28
N ASN A 289 -20.33 -2.38 -45.15
CA ASN A 289 -19.79 -3.40 -44.26
C ASN A 289 -20.12 -4.79 -44.77
N THR A 290 -19.25 -5.73 -44.44
CA THR A 290 -19.45 -7.14 -44.72
C THR A 290 -19.58 -7.91 -43.42
N VAL A 291 -19.55 -9.25 -43.51
CA VAL A 291 -19.67 -10.08 -42.33
C VAL A 291 -18.57 -9.77 -41.34
N LEU A 292 -17.34 -9.61 -41.83
CA LEU A 292 -16.21 -9.37 -40.94
C LEU A 292 -16.34 -8.05 -40.21
N HIS A 293 -16.78 -6.99 -40.89
CA HIS A 293 -16.97 -5.72 -40.21
C HIS A 293 -18.02 -5.87 -39.11
N ALA A 294 -19.07 -6.63 -39.37
CA ALA A 294 -20.06 -6.89 -38.33
C ALA A 294 -19.46 -7.68 -37.18
N LEU A 295 -18.62 -8.67 -37.48
CA LEU A 295 -17.97 -9.44 -36.42
C LEU A 295 -17.12 -8.54 -35.54
N VAL A 296 -16.42 -7.62 -36.17
CA VAL A 296 -15.64 -6.64 -35.42
C VAL A 296 -16.57 -5.81 -34.56
N GLU A 297 -17.70 -5.39 -35.12
CA GLU A 297 -18.58 -4.48 -34.41
C GLU A 297 -19.15 -5.13 -33.16
N VAL A 298 -19.50 -6.42 -33.24
CA VAL A 298 -20.17 -7.07 -32.12
C VAL A 298 -19.23 -7.47 -31.00
N ALA A 299 -17.92 -7.33 -31.19
CA ALA A 299 -17.01 -7.67 -30.11
C ALA A 299 -17.11 -6.63 -29.00
N ASP A 300 -16.80 -7.06 -27.78
CA ASP A 300 -16.67 -6.14 -26.66
C ASP A 300 -15.50 -6.49 -25.75
N ASN A 301 -14.61 -7.38 -26.18
CA ASN A 301 -13.36 -7.67 -25.50
C ASN A 301 -13.56 -8.37 -24.16
N THR A 302 -14.69 -9.07 -23.97
CA THR A 302 -14.80 -10.02 -22.87
C THR A 302 -14.35 -11.40 -23.32
N VAL A 303 -14.13 -12.28 -22.34
CA VAL A 303 -13.47 -13.57 -22.61
C VAL A 303 -14.31 -14.42 -23.55
N ASP A 304 -15.58 -14.60 -23.20
CA ASP A 304 -16.41 -15.48 -24.01
C ASP A 304 -16.75 -14.82 -25.33
N ASN A 305 -16.94 -13.50 -25.32
CA ASN A 305 -17.10 -12.78 -26.57
C ASN A 305 -15.87 -12.94 -27.44
N THR A 306 -14.69 -12.90 -26.82
CA THR A 306 -13.47 -13.14 -27.58
C THR A 306 -13.49 -14.52 -28.21
N LYS A 307 -13.92 -15.53 -27.45
CA LYS A 307 -14.02 -16.88 -28.02
C LYS A 307 -14.98 -16.90 -29.19
N PHE A 308 -16.17 -16.34 -29.01
CA PHE A 308 -17.19 -16.38 -30.05
C PHE A 308 -16.68 -15.71 -31.32
N VAL A 309 -16.19 -14.49 -31.19
CA VAL A 309 -15.85 -13.72 -32.38
C VAL A 309 -14.60 -14.28 -33.02
N THR A 310 -13.64 -14.73 -32.22
CA THR A 310 -12.45 -15.35 -32.77
C THR A 310 -12.80 -16.57 -33.59
N SER A 311 -13.56 -17.49 -33.00
CA SER A 311 -13.91 -18.71 -33.71
C SER A 311 -14.68 -18.39 -34.98
N MET A 312 -15.72 -17.56 -34.87
CA MET A 312 -16.55 -17.27 -36.02
C MET A 312 -15.75 -16.58 -37.11
N TYR A 313 -14.88 -15.65 -36.73
CA TYR A 313 -14.07 -14.95 -37.71
C TYR A 313 -13.19 -15.91 -38.47
N ASN A 314 -12.49 -16.78 -37.75
CA ASN A 314 -11.59 -17.72 -38.39
C ASN A 314 -12.34 -18.60 -39.37
N GLU A 315 -13.45 -19.19 -38.91
CA GLU A 315 -14.18 -20.12 -39.76
C GLU A 315 -14.78 -19.42 -40.97
N ILE A 316 -15.36 -18.24 -40.75
CA ILE A 316 -15.98 -17.51 -41.84
C ILE A 316 -14.95 -17.20 -42.90
N LEU A 317 -13.78 -16.73 -42.48
CA LEU A 317 -12.77 -16.37 -43.45
C LEU A 317 -12.30 -17.58 -44.23
N ILE A 318 -12.04 -18.68 -43.54
CA ILE A 318 -11.50 -19.85 -44.22
C ILE A 318 -12.50 -20.36 -45.24
N LEU A 319 -13.78 -20.45 -44.85
CA LEU A 319 -14.78 -20.92 -45.77
C LEU A 319 -14.94 -19.99 -46.95
N GLY A 320 -14.97 -18.68 -46.69
CA GLY A 320 -15.09 -17.74 -47.79
C GLY A 320 -13.96 -17.88 -48.78
N ALA A 321 -12.76 -18.15 -48.27
CA ALA A 321 -11.63 -18.36 -49.17
C ALA A 321 -11.81 -19.64 -49.98
N LYS A 322 -12.27 -20.71 -49.34
CA LYS A 322 -12.39 -21.97 -50.07
C LYS A 322 -13.49 -21.90 -51.12
N LEU A 323 -14.56 -21.16 -50.87
CA LEU A 323 -15.61 -21.04 -51.87
C LEU A 323 -15.15 -20.22 -53.06
N HIS A 324 -14.43 -19.13 -52.81
CA HIS A 324 -13.92 -18.25 -53.87
C HIS A 324 -12.44 -17.96 -53.60
N PRO A 325 -11.55 -18.91 -53.89
CA PRO A 325 -10.12 -18.63 -53.68
C PRO A 325 -9.60 -17.48 -54.53
N THR A 326 -10.30 -17.13 -55.60
CA THR A 326 -9.87 -16.03 -56.44
C THR A 326 -10.16 -14.66 -55.83
N LEU A 327 -11.14 -14.57 -54.93
CA LEU A 327 -11.66 -13.30 -54.46
C LEU A 327 -11.20 -13.02 -53.03
N LYS A 328 -10.88 -11.75 -52.77
CA LYS A 328 -10.46 -11.31 -51.45
C LYS A 328 -11.66 -10.95 -50.60
N LEU A 329 -11.51 -11.06 -49.28
CA LEU A 329 -12.54 -10.65 -48.34
C LEU A 329 -12.07 -9.59 -47.36
N GLU A 330 -11.02 -9.87 -46.58
CA GLU A 330 -10.66 -8.94 -45.51
C GLU A 330 -9.99 -7.68 -46.03
N GLU A 331 -9.64 -7.62 -47.31
CA GLU A 331 -9.16 -6.39 -47.90
C GLU A 331 -10.29 -5.47 -48.32
N ILE A 332 -11.55 -5.88 -48.21
CA ILE A 332 -12.66 -5.06 -48.67
C ILE A 332 -12.94 -3.97 -47.66
N THR A 333 -13.07 -2.74 -48.17
CA THR A 333 -13.23 -1.54 -47.35
C THR A 333 -14.63 -0.99 -47.45
N ASN A 334 -15.10 -0.38 -46.37
CA ASN A 334 -16.42 0.23 -46.34
C ASN A 334 -16.33 1.65 -46.88
N ARG A 335 -17.41 2.41 -46.74
CA ARG A 335 -17.45 3.77 -47.30
C ARG A 335 -16.40 4.66 -46.67
N LYS A 336 -16.05 4.42 -45.41
CA LYS A 336 -14.99 5.15 -44.76
C LYS A 336 -13.61 4.62 -45.13
N GLY A 337 -13.54 3.57 -45.96
CA GLY A 337 -12.26 3.06 -46.41
C GLY A 337 -11.54 2.18 -45.41
N LEU A 338 -12.28 1.52 -44.52
CA LEU A 338 -11.70 0.74 -43.43
C LEU A 338 -11.82 -0.75 -43.69
N THR A 339 -10.72 -1.47 -43.52
CA THR A 339 -10.78 -2.91 -43.48
C THR A 339 -11.24 -3.36 -42.11
N PRO A 340 -11.55 -4.63 -41.94
CA PRO A 340 -11.79 -5.14 -40.60
C PRO A 340 -10.64 -4.90 -39.66
N LEU A 341 -9.40 -4.98 -40.15
CA LEU A 341 -8.27 -4.69 -39.27
C LEU A 341 -8.27 -3.24 -38.84
N ALA A 342 -8.38 -2.34 -39.81
CA ALA A 342 -8.42 -0.92 -39.47
C ALA A 342 -9.62 -0.60 -38.59
N LEU A 343 -10.77 -1.20 -38.87
CA LEU A 343 -11.93 -0.94 -38.04
C LEU A 343 -11.69 -1.41 -36.62
N ALA A 344 -11.27 -2.66 -36.45
CA ALA A 344 -11.08 -3.21 -35.11
C ALA A 344 -10.03 -2.42 -34.36
N ALA A 345 -9.05 -1.88 -35.07
CA ALA A 345 -8.08 -1.01 -34.42
C ALA A 345 -8.74 0.27 -33.96
N SER A 346 -9.48 0.93 -34.85
CA SER A 346 -9.95 2.28 -34.56
C SER A 346 -10.93 2.33 -33.42
N SER A 347 -11.55 1.20 -33.07
CA SER A 347 -12.54 1.14 -32.00
C SER A 347 -12.05 0.40 -30.77
N GLY A 348 -10.78 0.06 -30.70
CA GLY A 348 -10.29 -0.59 -29.50
C GLY A 348 -10.85 -1.97 -29.26
N LYS A 349 -11.11 -2.72 -30.32
CA LYS A 349 -11.53 -4.11 -30.19
C LYS A 349 -10.27 -4.97 -30.04
N ILE A 350 -9.71 -4.94 -28.82
CA ILE A 350 -8.37 -5.48 -28.62
C ILE A 350 -8.33 -6.97 -28.89
N GLY A 351 -9.39 -7.70 -28.55
CA GLY A 351 -9.38 -9.14 -28.72
C GLY A 351 -9.22 -9.56 -30.18
N VAL A 352 -10.15 -9.11 -31.02
CA VAL A 352 -10.11 -9.51 -32.42
C VAL A 352 -8.88 -8.93 -33.09
N LEU A 353 -8.40 -7.78 -32.63
CA LEU A 353 -7.14 -7.26 -33.15
C LEU A 353 -6.00 -8.21 -32.84
N ALA A 354 -5.95 -8.68 -31.60
CA ALA A 354 -4.94 -9.66 -31.23
C ALA A 354 -5.04 -10.89 -32.09
N TYR A 355 -6.26 -11.31 -32.41
CA TYR A 355 -6.39 -12.47 -33.29
C TYR A 355 -5.85 -12.16 -34.66
N ILE A 356 -6.32 -11.07 -35.26
CA ILE A 356 -6.05 -10.81 -36.68
C ILE A 356 -4.57 -10.64 -36.89
N LEU A 357 -3.88 -9.99 -35.97
CA LEU A 357 -2.46 -9.76 -36.18
C LEU A 357 -1.64 -11.04 -36.15
N GLN A 358 -2.20 -12.16 -35.67
CA GLN A 358 -1.44 -13.38 -35.45
C GLN A 358 -2.17 -14.59 -36.01
N ARG A 359 -2.74 -14.44 -37.21
CA ARG A 359 -3.34 -15.58 -37.87
C ARG A 359 -2.25 -16.57 -38.29
N GLU A 360 -2.46 -17.83 -37.92
CA GLU A 360 -1.57 -18.93 -38.29
C GLU A 360 -2.44 -20.13 -38.63
N ILE A 361 -2.17 -20.74 -39.78
CA ILE A 361 -2.95 -21.86 -40.30
C ILE A 361 -1.98 -23.00 -40.57
N HIS A 362 -2.32 -24.19 -40.08
CA HIS A 362 -1.57 -25.42 -40.35
C HIS A 362 -2.46 -26.29 -41.23
N GLU A 363 -2.36 -26.11 -42.53
CA GLU A 363 -3.18 -26.84 -43.49
C GLU A 363 -2.54 -26.65 -44.86
N PRO A 364 -2.36 -27.71 -45.66
CA PRO A 364 -1.66 -27.53 -46.94
C PRO A 364 -2.44 -26.65 -47.89
N GLU A 365 -1.72 -25.85 -48.67
CA GLU A 365 -2.26 -25.03 -49.74
C GLU A 365 -3.29 -24.02 -49.25
N CYS A 366 -3.39 -23.78 -47.94
CA CYS A 366 -4.35 -22.86 -47.38
C CYS A 366 -3.73 -21.90 -46.37
N ARG A 367 -2.40 -21.78 -46.35
CA ARG A 367 -1.74 -20.84 -45.45
C ARG A 367 -1.74 -19.42 -45.98
N HIS A 368 -2.11 -19.22 -47.24
CA HIS A 368 -2.06 -17.90 -47.86
C HIS A 368 -2.87 -16.86 -47.10
N LEU A 369 -3.91 -17.28 -46.39
CA LEU A 369 -4.62 -16.34 -45.57
C LEU A 369 -3.80 -15.89 -44.37
N SER A 370 -3.10 -16.83 -43.73
CA SER A 370 -2.48 -16.54 -42.44
C SER A 370 -1.33 -15.55 -42.63
N ARG A 371 -0.89 -14.96 -41.51
CA ARG A 371 0.09 -13.89 -41.57
C ARG A 371 1.27 -14.03 -40.60
N LYS A 372 1.19 -14.89 -39.59
CA LYS A 372 2.34 -15.21 -38.75
C LYS A 372 2.90 -16.54 -39.23
N PHE A 373 4.12 -16.51 -39.74
CA PHE A 373 4.75 -17.66 -40.36
C PHE A 373 5.86 -18.16 -39.46
N THR A 374 6.62 -19.14 -39.95
CA THR A 374 7.83 -19.61 -39.29
C THR A 374 8.91 -19.80 -40.33
N GLU A 375 10.02 -19.07 -40.20
CA GLU A 375 11.12 -19.29 -41.13
C GLU A 375 11.83 -20.59 -40.81
N TRP A 376 12.29 -20.75 -39.58
CA TRP A 376 12.86 -22.02 -39.17
C TRP A 376 12.50 -22.27 -37.71
N ALA A 377 12.59 -23.53 -37.35
CA ALA A 377 12.26 -24.01 -36.01
C ALA A 377 13.16 -25.19 -35.73
N TYR A 378 14.29 -24.94 -35.10
CA TYR A 378 15.14 -26.00 -34.60
C TYR A 378 14.57 -26.38 -33.23
N GLY A 379 15.30 -27.16 -32.44
CA GLY A 379 14.78 -27.71 -31.20
C GLY A 379 14.17 -26.66 -30.28
N PRO A 380 15.00 -25.74 -29.77
CA PRO A 380 14.47 -24.61 -29.00
C PRO A 380 14.35 -23.30 -29.75
N VAL A 381 15.03 -23.15 -30.89
CA VAL A 381 15.13 -21.88 -31.61
C VAL A 381 13.99 -21.80 -32.61
N HIS A 382 13.17 -20.76 -32.53
CA HIS A 382 12.05 -20.56 -33.44
C HIS A 382 12.07 -19.12 -33.92
N SER A 383 12.17 -18.93 -35.25
CA SER A 383 12.34 -17.61 -35.84
C SER A 383 11.13 -17.32 -36.71
N SER A 384 10.15 -16.61 -36.14
CA SER A 384 8.90 -16.38 -36.84
C SER A 384 8.95 -15.11 -37.68
N LEU A 385 8.03 -15.04 -38.64
CA LEU A 385 7.90 -13.90 -39.53
C LEU A 385 6.47 -13.38 -39.45
N TYR A 386 6.32 -12.09 -39.13
CA TYR A 386 5.02 -11.44 -39.10
C TYR A 386 4.86 -10.61 -40.36
N ASP A 387 3.71 -10.71 -41.00
CA ASP A 387 3.38 -9.84 -42.13
C ASP A 387 3.00 -8.49 -41.58
N LEU A 388 3.55 -7.43 -42.18
CA LEU A 388 3.24 -6.06 -41.80
C LEU A 388 2.63 -5.27 -42.95
N SER A 389 1.93 -5.94 -43.86
CA SER A 389 1.11 -5.20 -44.80
C SER A 389 0.08 -4.41 -44.02
N CYS A 390 -0.17 -3.18 -44.46
CA CYS A 390 -1.19 -2.32 -43.86
C CYS A 390 -0.86 -1.90 -42.43
N ILE A 391 0.35 -2.17 -41.94
CA ILE A 391 0.74 -1.75 -40.59
C ILE A 391 1.52 -0.45 -40.63
N ASP A 392 2.45 -0.31 -41.55
CA ASP A 392 3.08 0.99 -41.80
C ASP A 392 2.21 1.88 -42.65
N THR A 393 1.72 1.37 -43.78
CA THR A 393 1.01 2.19 -44.75
C THR A 393 0.01 1.34 -45.53
N CYS A 394 -1.24 1.79 -45.53
CA CYS A 394 -2.27 1.32 -46.45
C CYS A 394 -2.43 2.26 -47.63
N GLU A 395 -1.64 3.34 -47.68
CA GLU A 395 -1.81 4.51 -48.54
C GLU A 395 -2.98 5.40 -48.12
N LYS A 396 -3.82 4.95 -47.18
CA LYS A 396 -4.82 5.82 -46.58
C LYS A 396 -4.60 5.92 -45.08
N ASN A 397 -4.67 4.79 -44.39
CA ASN A 397 -4.59 4.78 -42.93
C ASN A 397 -4.15 3.40 -42.49
N SER A 398 -3.02 3.34 -41.82
CA SER A 398 -2.46 2.09 -41.34
C SER A 398 -2.96 1.82 -39.94
N VAL A 399 -2.54 0.68 -39.39
CA VAL A 399 -2.95 0.36 -38.03
C VAL A 399 -2.36 1.35 -37.04
N LEU A 400 -1.06 1.61 -37.17
CA LEU A 400 -0.42 2.49 -36.20
C LEU A 400 -1.03 3.88 -36.25
N GLU A 401 -1.35 4.36 -37.44
CA GLU A 401 -1.95 5.67 -37.55
C GLU A 401 -3.25 5.73 -36.78
N VAL A 402 -4.10 4.72 -36.95
CA VAL A 402 -5.41 4.80 -36.34
C VAL A 402 -5.34 4.49 -34.85
N ILE A 403 -4.29 3.83 -34.39
CA ILE A 403 -4.14 3.71 -32.95
C ILE A 403 -3.67 5.03 -32.36
N ALA A 404 -2.48 5.48 -32.77
CA ALA A 404 -1.84 6.59 -32.08
C ALA A 404 -2.62 7.88 -32.25
N TYR A 405 -3.17 8.13 -33.44
CA TYR A 405 -3.99 9.31 -33.68
C TYR A 405 -5.46 9.05 -33.39
N SER A 406 -5.76 8.13 -32.49
CA SER A 406 -7.13 7.86 -32.13
C SER A 406 -7.80 9.10 -31.56
N SER A 407 -9.12 9.03 -31.46
CA SER A 407 -9.88 10.15 -30.91
C SER A 407 -9.80 10.25 -29.41
N SER A 408 -9.05 9.38 -28.73
CA SER A 408 -8.82 9.41 -27.30
C SER A 408 -10.02 8.96 -26.47
N GLU A 409 -11.17 8.71 -27.08
CA GLU A 409 -12.30 8.17 -26.36
C GLU A 409 -12.30 6.65 -26.33
N THR A 410 -11.55 6.01 -27.21
CA THR A 410 -11.50 4.56 -27.25
C THR A 410 -10.96 4.04 -25.92
N PRO A 411 -11.73 3.26 -25.14
CA PRO A 411 -11.38 3.11 -23.72
C PRO A 411 -10.05 2.45 -23.44
N ASN A 412 -9.48 1.70 -24.39
CA ASN A 412 -8.27 0.93 -24.15
C ASN A 412 -7.22 1.15 -25.22
N ARG A 413 -7.12 2.37 -25.77
CA ARG A 413 -6.07 2.62 -26.76
C ARG A 413 -4.69 2.41 -26.17
N HIS A 414 -4.51 2.73 -24.89
CA HIS A 414 -3.19 2.72 -24.29
C HIS A 414 -2.54 1.35 -24.37
N ASP A 415 -3.33 0.29 -24.30
CA ASP A 415 -2.78 -1.04 -24.30
C ASP A 415 -2.60 -1.62 -25.68
N MET A 416 -3.18 -1.01 -26.72
CA MET A 416 -3.20 -1.67 -28.01
C MET A 416 -1.81 -1.83 -28.58
N LEU A 417 -0.88 -0.98 -28.16
CA LEU A 417 0.46 -1.09 -28.71
C LEU A 417 1.25 -2.24 -28.09
N LEU A 418 0.75 -2.87 -27.03
CA LEU A 418 1.52 -3.96 -26.45
C LEU A 418 1.45 -5.25 -27.24
N VAL A 419 0.56 -5.35 -28.23
CA VAL A 419 0.44 -6.58 -29.01
C VAL A 419 1.70 -6.77 -29.85
N GLU A 420 2.23 -7.98 -29.80
CA GLU A 420 3.65 -8.27 -29.98
C GLU A 420 4.32 -7.58 -31.18
N PRO A 421 3.86 -7.79 -32.42
CA PRO A 421 4.60 -7.23 -33.54
C PRO A 421 4.64 -5.72 -33.52
N LEU A 422 3.59 -5.06 -33.04
CA LEU A 422 3.65 -3.60 -32.96
C LEU A 422 4.75 -3.15 -32.02
N ASN A 423 4.76 -3.67 -30.79
CA ASN A 423 5.75 -3.21 -29.84
C ASN A 423 7.17 -3.51 -30.31
N ARG A 424 7.39 -4.72 -30.83
CA ARG A 424 8.71 -5.00 -31.37
C ARG A 424 9.05 -4.05 -32.50
N LEU A 425 8.06 -3.67 -33.31
CA LEU A 425 8.33 -2.73 -34.39
C LEU A 425 8.73 -1.38 -33.86
N LEU A 426 7.98 -0.86 -32.90
CA LEU A 426 8.26 0.48 -32.45
C LEU A 426 9.64 0.54 -31.82
N GLN A 427 9.99 -0.49 -31.05
CA GLN A 427 11.33 -0.50 -30.49
C GLN A 427 12.38 -0.60 -31.59
N ASP A 428 12.12 -1.42 -32.61
CA ASP A 428 13.09 -1.54 -33.68
C ASP A 428 13.28 -0.22 -34.41
N LYS A 429 12.19 0.45 -34.75
CA LYS A 429 12.30 1.72 -35.43
C LYS A 429 13.02 2.73 -34.56
N TRP A 430 12.74 2.70 -33.26
CA TRP A 430 13.38 3.62 -32.33
C TRP A 430 14.89 3.47 -32.39
N ASP A 431 15.36 2.24 -32.27
CA ASP A 431 16.79 2.02 -32.34
C ASP A 431 17.35 2.27 -33.73
N ARG A 432 16.52 2.20 -34.76
CA ARG A 432 17.08 2.23 -36.09
C ARG A 432 17.57 3.62 -36.43
N PHE A 433 16.65 4.57 -36.57
CA PHE A 433 17.00 5.92 -36.99
C PHE A 433 16.34 7.00 -36.14
N VAL A 434 15.21 6.70 -35.49
CA VAL A 434 14.45 7.76 -34.82
C VAL A 434 15.18 8.26 -33.59
N LYS A 435 15.91 7.39 -32.91
CA LYS A 435 16.61 7.81 -31.70
C LYS A 435 17.59 8.94 -32.01
N ARG A 436 18.35 8.80 -33.09
CA ARG A 436 19.29 9.85 -33.43
C ARG A 436 18.58 11.14 -33.78
N ILE A 437 17.52 11.07 -34.58
CA ILE A 437 16.84 12.30 -34.96
C ILE A 437 16.25 12.96 -33.74
N PHE A 438 15.72 12.16 -32.82
CA PHE A 438 15.07 12.75 -31.66
C PHE A 438 16.09 13.42 -30.76
N TYR A 439 17.22 12.76 -30.51
CA TYR A 439 18.23 13.43 -29.70
C TYR A 439 18.75 14.66 -30.39
N PHE A 440 18.87 14.63 -31.71
CA PHE A 440 19.32 15.82 -32.40
C PHE A 440 18.32 16.95 -32.24
N ASN A 441 17.03 16.63 -32.34
CA ASN A 441 16.04 17.67 -32.14
C ASN A 441 16.12 18.22 -30.73
N PHE A 442 16.34 17.35 -29.75
CA PHE A 442 16.45 17.81 -28.38
C PHE A 442 17.63 18.75 -28.22
N PHE A 443 18.75 18.41 -28.81
CA PHE A 443 19.92 19.26 -28.69
C PHE A 443 19.68 20.60 -29.37
N VAL A 444 19.04 20.58 -30.53
CA VAL A 444 18.79 21.84 -31.21
C VAL A 444 17.86 22.69 -30.38
N TYR A 445 16.85 22.10 -29.78
CA TYR A 445 15.95 22.88 -28.97
C TYR A 445 16.66 23.48 -27.78
N CYS A 446 17.55 22.71 -27.14
CA CYS A 446 18.30 23.27 -26.02
C CYS A 446 19.16 24.45 -26.47
N LEU A 447 19.81 24.34 -27.62
CA LEU A 447 20.57 25.49 -28.09
C LEU A 447 19.65 26.67 -28.33
N TYR A 448 18.47 26.42 -28.86
CA TYR A 448 17.54 27.51 -29.09
C TYR A 448 17.16 28.19 -27.80
N MET A 449 16.89 27.41 -26.77
CA MET A 449 16.49 28.02 -25.50
C MET A 449 17.63 28.81 -24.90
N ILE A 450 18.85 28.31 -24.99
CA ILE A 450 19.97 29.06 -24.46
C ILE A 450 20.12 30.38 -25.20
N ILE A 451 20.00 30.33 -26.52
CA ILE A 451 20.14 31.56 -27.29
C ILE A 451 19.05 32.53 -26.90
N PHE A 452 17.83 32.04 -26.74
CA PHE A 452 16.74 32.94 -26.41
C PHE A 452 16.95 33.55 -25.05
N THR A 453 17.41 32.75 -24.10
CA THR A 453 17.66 33.27 -22.75
C THR A 453 18.70 34.37 -22.79
N ALA A 454 19.80 34.13 -23.51
CA ALA A 454 20.85 35.14 -23.57
C ALA A 454 20.34 36.40 -24.24
N ALA A 455 19.62 36.27 -25.35
CA ALA A 455 19.18 37.46 -26.07
C ALA A 455 18.20 38.25 -25.24
N ALA A 456 17.38 37.59 -24.44
CA ALA A 456 16.45 38.33 -23.61
C ALA A 456 17.16 39.00 -22.45
N TYR A 457 18.05 38.27 -21.78
CA TYR A 457 18.62 38.76 -20.53
C TYR A 457 19.38 40.06 -20.74
N TYR A 458 20.09 40.18 -21.86
CA TYR A 458 20.84 41.39 -22.19
C TYR A 458 20.02 42.37 -23.01
N ARG A 459 18.70 42.40 -22.85
CA ARG A 459 17.92 43.39 -23.56
C ARG A 459 18.33 44.78 -23.09
N PRO A 460 18.30 45.79 -23.95
CA PRO A 460 18.63 47.15 -23.50
C PRO A 460 17.49 47.74 -22.70
N VAL A 461 17.80 48.79 -21.93
CA VAL A 461 16.86 49.43 -21.03
C VAL A 461 16.56 50.86 -21.48
N GLU A 462 16.64 51.14 -22.76
CA GLU A 462 16.20 52.42 -23.28
C GLU A 462 14.68 52.45 -23.37
N GLY A 463 14.14 53.61 -23.73
CA GLY A 463 12.71 53.75 -23.92
C GLY A 463 12.29 53.46 -25.36
N LEU A 464 11.07 52.94 -25.49
CA LEU A 464 10.36 52.92 -26.76
C LEU A 464 11.12 52.26 -27.91
N PRO A 465 11.16 50.93 -27.99
CA PRO A 465 11.78 50.28 -29.13
C PRO A 465 11.08 50.62 -30.43
N PRO A 466 11.59 50.19 -31.58
CA PRO A 466 12.82 49.44 -31.85
C PRO A 466 14.06 50.20 -31.50
N TYR A 467 15.09 49.49 -31.07
CA TYR A 467 16.32 50.11 -30.61
C TYR A 467 17.36 50.03 -31.72
N LYS A 468 17.85 51.19 -32.15
CA LYS A 468 18.85 51.22 -33.20
C LYS A 468 20.15 50.63 -32.68
N LEU A 469 20.89 49.96 -33.55
CA LEU A 469 22.09 49.24 -33.15
C LEU A 469 23.32 50.13 -33.20
N LYS A 470 24.35 49.67 -32.51
CA LYS A 470 25.66 50.30 -32.47
C LYS A 470 26.68 49.40 -33.16
N ASN A 471 27.81 50.01 -33.50
CA ASN A 471 28.84 49.28 -34.23
C ASN A 471 29.58 48.28 -33.36
N THR A 472 29.42 48.34 -32.05
CA THR A 472 30.08 47.37 -31.19
C THR A 472 29.52 45.97 -31.47
N VAL A 473 30.41 44.99 -31.47
CA VAL A 473 30.05 43.63 -31.88
C VAL A 473 29.02 43.01 -30.95
N GLY A 474 28.94 43.50 -29.70
CA GLY A 474 27.92 43.01 -28.80
C GLY A 474 26.53 43.19 -29.36
N ASP A 475 26.26 44.33 -29.99
CA ASP A 475 24.95 44.54 -30.59
C ASP A 475 24.69 43.57 -31.72
N TYR A 476 25.74 43.21 -32.47
CA TYR A 476 25.55 42.22 -33.53
C TYR A 476 25.16 40.88 -32.94
N PHE A 477 25.83 40.45 -31.88
CA PHE A 477 25.42 39.20 -31.22
C PHE A 477 23.99 39.29 -30.74
N ARG A 478 23.63 40.41 -30.10
CA ARG A 478 22.29 40.53 -29.53
C ARG A 478 21.23 40.49 -30.62
N VAL A 479 21.44 41.22 -31.70
CA VAL A 479 20.38 41.25 -32.71
C VAL A 479 20.30 39.92 -33.43
N THR A 480 21.43 39.24 -33.64
CA THR A 480 21.35 37.90 -34.19
C THR A 480 20.59 36.97 -33.28
N GLY A 481 20.80 37.10 -31.97
CA GLY A 481 20.04 36.31 -31.03
C GLY A 481 18.55 36.58 -31.12
N GLU A 482 18.18 37.86 -31.23
CA GLU A 482 16.77 38.18 -31.34
C GLU A 482 16.18 37.58 -32.62
N ILE A 483 16.93 37.64 -33.71
CA ILE A 483 16.43 37.08 -34.97
C ILE A 483 16.25 35.57 -34.85
N LEU A 484 17.23 34.88 -34.28
CA LEU A 484 17.07 33.44 -34.13
C LEU A 484 15.91 33.11 -33.22
N SER A 485 15.72 33.88 -32.15
CA SER A 485 14.63 33.60 -31.24
C SER A 485 13.28 33.74 -31.95
N VAL A 486 13.11 34.82 -32.71
CA VAL A 486 11.85 35.01 -33.40
C VAL A 486 11.68 33.94 -34.47
N SER A 487 12.76 33.53 -35.12
CA SER A 487 12.67 32.47 -36.10
C SER A 487 12.15 31.19 -35.46
N GLY A 488 12.70 30.83 -34.31
CA GLY A 488 12.21 29.66 -33.63
C GLY A 488 10.75 29.78 -33.27
N GLY A 489 10.33 30.98 -32.83
CA GLY A 489 8.94 31.17 -32.48
C GLY A 489 8.02 30.93 -33.66
N VAL A 490 8.36 31.51 -34.82
CA VAL A 490 7.47 31.34 -35.96
C VAL A 490 7.54 29.92 -36.48
N TYR A 491 8.69 29.27 -36.37
CA TYR A 491 8.78 27.87 -36.76
C TYR A 491 7.78 27.04 -35.98
N PHE A 492 7.80 27.19 -34.66
CA PHE A 492 6.84 26.44 -33.86
C PHE A 492 5.41 26.84 -34.18
N PHE A 493 5.19 28.10 -34.57
CA PHE A 493 3.85 28.51 -34.97
C PHE A 493 3.35 27.66 -36.14
N PHE A 494 4.15 27.59 -37.19
CA PHE A 494 3.71 26.84 -38.36
C PHE A 494 3.65 25.35 -38.09
N ARG A 495 4.51 24.82 -37.22
CA ARG A 495 4.35 23.42 -36.85
C ARG A 495 3.03 23.20 -36.14
N GLY A 496 2.63 24.12 -35.26
CA GLY A 496 1.37 23.97 -34.59
C GLY A 496 0.19 23.97 -35.55
N ILE A 497 0.22 24.88 -36.52
CA ILE A 497 -0.87 24.91 -37.49
C ILE A 497 -0.87 23.62 -38.31
N GLN A 498 0.29 23.15 -38.73
CA GLN A 498 0.34 21.94 -39.52
C GLN A 498 -0.21 20.77 -38.73
N TYR A 499 0.10 20.69 -37.44
CA TYR A 499 -0.47 19.64 -36.62
C TYR A 499 -1.97 19.72 -36.60
N PHE A 500 -2.51 20.91 -36.35
CA PHE A 500 -3.97 21.05 -36.25
C PHE A 500 -4.64 20.65 -37.56
N LEU A 501 -4.07 21.08 -38.68
CA LEU A 501 -4.69 20.76 -39.97
C LEU A 501 -4.53 19.29 -40.31
N GLN A 502 -3.42 18.66 -39.97
CA GLN A 502 -3.23 17.27 -40.36
C GLN A 502 -4.08 16.34 -39.51
N ARG A 503 -4.15 16.57 -38.21
CA ARG A 503 -4.96 15.70 -37.37
C ARG A 503 -6.41 16.17 -37.24
N ARG A 504 -6.68 17.46 -37.38
CA ARG A 504 -8.03 18.01 -37.26
C ARG A 504 -8.75 17.55 -36.00
N PRO A 505 -8.23 17.81 -34.82
CA PRO A 505 -9.04 17.69 -33.61
C PRO A 505 -10.09 18.77 -33.57
N SER A 506 -11.22 18.47 -32.93
CA SER A 506 -12.38 19.36 -32.92
C SER A 506 -12.97 19.42 -31.50
N LEU A 507 -12.65 20.48 -30.77
CA LEU A 507 -13.40 20.90 -29.59
C LEU A 507 -13.34 19.95 -28.39
N LYS A 508 -12.70 18.79 -28.55
CA LYS A 508 -12.69 17.75 -27.52
C LYS A 508 -11.30 17.22 -27.26
N SER A 509 -10.52 17.01 -28.32
CA SER A 509 -9.16 16.56 -28.13
C SER A 509 -8.32 17.60 -27.43
N LEU A 510 -8.57 18.88 -27.69
CA LEU A 510 -7.73 19.93 -27.12
C LEU A 510 -7.83 19.99 -25.61
N PHE A 511 -8.96 19.60 -25.03
CA PHE A 511 -9.05 19.57 -23.58
C PHE A 511 -8.36 18.35 -22.98
N VAL A 512 -8.40 17.22 -23.66
CA VAL A 512 -7.98 15.94 -23.07
C VAL A 512 -6.69 15.42 -23.65
N ASP A 513 -6.18 16.00 -24.73
CA ASP A 513 -5.12 15.36 -25.48
C ASP A 513 -4.32 16.45 -26.19
N SER A 514 -3.13 16.07 -26.64
CA SER A 514 -2.26 16.96 -27.37
C SER A 514 -1.94 18.20 -26.54
N TYR A 515 -1.60 17.99 -25.27
CA TYR A 515 -1.14 19.11 -24.48
C TYR A 515 0.16 19.65 -25.01
N SER A 516 1.07 18.78 -25.45
CA SER A 516 2.37 19.25 -25.85
C SER A 516 2.29 20.16 -27.05
N GLU A 517 1.46 19.81 -28.03
CA GLU A 517 1.35 20.64 -29.22
C GLU A 517 0.74 21.98 -28.86
N ILE A 518 -0.27 21.95 -28.00
CA ILE A 518 -0.91 23.18 -27.58
C ILE A 518 0.07 24.08 -26.87
N LEU A 519 0.87 23.52 -25.96
CA LEU A 519 1.78 24.35 -25.19
C LEU A 519 2.86 24.94 -26.07
N PHE A 520 3.43 24.14 -26.97
CA PHE A 520 4.42 24.73 -27.87
C PHE A 520 3.79 25.80 -28.74
N PHE A 521 2.55 25.59 -29.17
CA PHE A 521 1.89 26.64 -29.93
C PHE A 521 1.71 27.89 -29.09
N VAL A 522 1.36 27.73 -27.82
CA VAL A 522 1.13 28.91 -26.98
C VAL A 522 2.42 29.68 -26.79
N GLN A 523 3.53 28.97 -26.68
CA GLN A 523 4.81 29.67 -26.70
C GLN A 523 4.96 30.47 -27.97
N SER A 524 4.62 29.88 -29.11
CA SER A 524 4.74 30.62 -30.35
C SER A 524 3.88 31.88 -30.32
N LEU A 525 2.68 31.77 -29.78
CA LEU A 525 1.81 32.94 -29.74
C LEU A 525 2.43 34.03 -28.89
N PHE A 526 2.99 33.66 -27.74
CA PHE A 526 3.56 34.71 -26.90
C PHE A 526 4.74 35.37 -27.58
N MET A 527 5.59 34.59 -28.26
CA MET A 527 6.68 35.23 -28.98
C MET A 527 6.16 36.19 -30.03
N LEU A 528 5.10 35.80 -30.74
CA LEU A 528 4.62 36.67 -31.80
C LEU A 528 4.03 37.96 -31.24
N VAL A 529 3.28 37.86 -30.15
CA VAL A 529 2.76 39.06 -29.52
C VAL A 529 3.91 39.95 -29.08
N SER A 530 4.99 39.33 -28.63
CA SER A 530 6.16 40.13 -28.27
C SER A 530 6.72 40.85 -29.48
N VAL A 531 6.78 40.19 -30.64
CA VAL A 531 7.30 40.88 -31.82
C VAL A 531 6.41 42.05 -32.19
N VAL A 532 5.10 41.84 -32.16
CA VAL A 532 4.16 42.91 -32.49
C VAL A 532 4.37 44.09 -31.56
N LEU A 533 4.37 43.84 -30.26
CA LEU A 533 4.51 44.94 -29.32
C LEU A 533 5.90 45.56 -29.40
N TYR A 534 6.90 44.78 -29.79
CA TYR A 534 8.22 45.36 -29.99
C TYR A 534 8.18 46.40 -31.08
N PHE A 535 7.55 46.08 -32.20
CA PHE A 535 7.57 47.01 -33.32
C PHE A 535 6.43 48.01 -33.30
N SER A 536 5.52 47.94 -32.34
CA SER A 536 4.51 48.97 -32.18
C SER A 536 4.97 50.09 -31.26
N GLN A 537 6.25 50.15 -30.92
CA GLN A 537 6.75 51.18 -30.03
C GLN A 537 6.02 51.14 -28.70
N ARG A 538 6.16 50.02 -28.01
CA ARG A 538 5.61 49.87 -26.67
C ARG A 538 6.64 49.20 -25.79
N LYS A 539 6.54 49.43 -24.50
CA LYS A 539 7.38 48.76 -23.53
C LYS A 539 6.85 47.40 -23.12
N GLU A 540 5.56 47.15 -23.32
CA GLU A 540 4.96 45.96 -22.74
C GLU A 540 5.43 44.67 -23.40
N TYR A 541 6.24 44.75 -24.46
CA TYR A 541 6.66 43.53 -25.14
C TYR A 541 7.37 42.59 -24.19
N VAL A 542 8.07 43.13 -23.19
CA VAL A 542 8.77 42.25 -22.28
C VAL A 542 7.78 41.37 -21.55
N ALA A 543 6.60 41.90 -21.21
CA ALA A 543 5.60 41.09 -20.55
C ALA A 543 5.21 39.89 -21.39
N SER A 544 5.25 40.02 -22.71
CA SER A 544 5.03 38.84 -23.53
C SER A 544 6.26 37.96 -23.55
N MET A 545 7.42 38.54 -23.82
CA MET A 545 8.61 37.73 -24.06
C MET A 545 8.89 36.87 -22.86
N VAL A 546 8.81 37.47 -21.68
CA VAL A 546 9.08 36.77 -20.44
C VAL A 546 8.21 35.55 -20.33
N PHE A 547 6.91 35.69 -20.58
CA PHE A 547 6.05 34.53 -20.42
C PHE A 547 6.50 33.43 -21.34
N SER A 548 6.78 33.79 -22.59
CA SER A 548 7.25 32.79 -23.53
C SER A 548 8.47 32.11 -23.00
N LEU A 549 9.41 32.89 -22.49
CA LEU A 549 10.66 32.34 -22.01
C LEU A 549 10.40 31.34 -20.91
N ALA A 550 9.53 31.69 -19.96
CA ALA A 550 9.24 30.75 -18.89
C ALA A 550 8.68 29.46 -19.46
N MET A 551 7.70 29.57 -20.36
CA MET A 551 7.09 28.37 -20.89
C MET A 551 8.12 27.55 -21.65
N GLY A 552 9.04 28.24 -22.34
CA GLY A 552 10.03 27.52 -23.10
C GLY A 552 10.79 26.57 -22.22
N TRP A 553 11.23 27.04 -21.06
CA TRP A 553 11.98 26.16 -20.20
C TRP A 553 11.10 25.06 -19.64
N THR A 554 9.88 25.39 -19.26
CA THR A 554 9.07 24.32 -18.71
C THR A 554 8.61 23.37 -19.79
N ASN A 555 8.70 23.77 -21.06
CA ASN A 555 8.39 22.81 -22.10
C ASN A 555 9.54 21.87 -22.38
N MET A 556 10.70 22.11 -21.80
CA MET A 556 11.80 21.18 -21.98
C MET A 556 11.42 19.78 -21.56
N LEU A 557 10.50 19.63 -20.60
CA LEU A 557 10.11 18.30 -20.17
C LEU A 557 9.48 17.48 -21.28
N TYR A 558 8.99 18.10 -22.35
CA TYR A 558 8.49 17.31 -23.46
C TYR A 558 9.56 16.37 -23.97
N TYR A 559 10.80 16.80 -23.95
CA TYR A 559 11.84 15.93 -24.47
C TYR A 559 12.24 14.84 -23.52
N THR A 560 11.62 14.70 -22.34
CA THR A 560 12.01 13.59 -21.50
C THR A 560 11.65 12.27 -22.13
N ARG A 561 10.57 12.21 -22.90
CA ARG A 561 10.24 10.97 -23.60
C ARG A 561 11.41 10.59 -24.46
N GLY A 562 11.74 9.30 -24.46
CA GLY A 562 12.98 8.80 -24.97
C GLY A 562 13.92 8.32 -23.88
N PHE A 563 13.76 8.86 -22.69
CA PHE A 563 14.51 8.42 -21.52
C PHE A 563 13.49 7.74 -20.60
N GLN A 564 13.55 6.41 -20.54
CA GLN A 564 12.48 5.63 -19.93
C GLN A 564 12.26 6.06 -18.49
N GLN A 565 13.32 6.02 -17.69
CA GLN A 565 13.17 6.33 -16.27
C GLN A 565 12.69 7.75 -16.05
N MET A 566 13.05 8.69 -16.92
CA MET A 566 12.57 10.06 -16.80
C MET A 566 11.21 10.23 -17.43
N GLY A 567 10.97 9.57 -18.55
CA GLY A 567 9.71 9.77 -19.23
C GLY A 567 8.54 9.34 -18.37
N ILE A 568 8.70 8.24 -17.64
CA ILE A 568 7.61 7.82 -16.78
C ILE A 568 7.33 8.87 -15.73
N TYR A 569 8.38 9.42 -15.13
CA TYR A 569 8.19 10.44 -14.11
C TYR A 569 7.50 11.66 -14.68
N ALA A 570 7.88 12.07 -15.88
CA ALA A 570 7.24 13.22 -16.47
C ALA A 570 5.76 12.97 -16.74
N VAL A 571 5.41 11.75 -17.16
CA VAL A 571 3.99 11.48 -17.38
C VAL A 571 3.25 11.49 -16.05
N MET A 572 3.88 10.99 -15.00
CA MET A 572 3.20 11.04 -13.71
C MET A 572 2.95 12.48 -13.29
N ILE A 573 3.90 13.37 -13.56
CA ILE A 573 3.65 14.78 -13.28
C ILE A 573 2.48 15.29 -14.09
N GLU A 574 2.40 14.92 -15.37
CA GLU A 574 1.32 15.45 -16.19
C GLU A 574 -0.03 15.02 -15.65
N LYS A 575 -0.18 13.72 -15.37
CA LYS A 575 -1.46 13.25 -14.86
C LYS A 575 -1.79 13.88 -13.53
N MET A 576 -0.78 14.07 -12.69
CA MET A 576 -1.07 14.65 -11.39
C MET A 576 -1.46 16.11 -11.47
N ILE A 577 -0.78 16.90 -12.28
CA ILE A 577 -1.17 18.29 -12.41
C ILE A 577 -2.57 18.39 -12.96
N LEU A 578 -2.95 17.48 -13.84
CA LEU A 578 -4.31 17.55 -14.37
C LEU A 578 -5.34 17.23 -13.29
N ARG A 579 -5.16 16.13 -12.57
CA ARG A 579 -6.21 15.73 -11.63
C ARG A 579 -6.13 16.50 -10.31
N ASP A 580 -5.05 16.30 -9.57
CA ASP A 580 -5.09 16.65 -8.18
C ASP A 580 -4.98 18.15 -7.94
N LEU A 581 -4.41 18.91 -8.87
CA LEU A 581 -4.41 20.36 -8.72
C LEU A 581 -5.58 21.04 -9.41
N CYS A 582 -6.63 20.31 -9.76
CA CYS A 582 -7.95 20.92 -9.79
C CYS A 582 -8.71 20.57 -8.54
N ARG A 583 -8.68 19.27 -8.20
CA ARG A 583 -9.43 18.83 -7.03
C ARG A 583 -8.95 19.54 -5.77
N PHE A 584 -7.66 19.84 -5.69
CA PHE A 584 -7.14 20.57 -4.54
C PHE A 584 -7.46 22.03 -4.63
N MET A 585 -7.16 22.66 -5.74
CA MET A 585 -7.21 24.11 -5.75
C MET A 585 -8.63 24.61 -5.62
N PHE A 586 -9.65 23.84 -5.99
CA PHE A 586 -10.99 24.34 -5.70
C PHE A 586 -11.18 24.50 -4.20
N VAL A 587 -10.85 23.46 -3.44
CA VAL A 587 -11.03 23.51 -2.00
C VAL A 587 -10.17 24.58 -1.40
N TYR A 588 -8.92 24.66 -1.82
CA TYR A 588 -8.01 25.60 -1.21
C TYR A 588 -8.43 27.02 -1.48
N LEU A 589 -8.78 27.34 -2.72
CA LEU A 589 -9.22 28.69 -3.00
C LEU A 589 -10.48 29.01 -2.25
N VAL A 590 -11.37 28.05 -2.03
CA VAL A 590 -12.56 28.34 -1.27
C VAL A 590 -12.20 28.75 0.15
N PHE A 591 -11.38 27.95 0.82
CA PHE A 591 -11.04 28.29 2.20
C PHE A 591 -10.31 29.62 2.25
N LEU A 592 -9.35 29.81 1.35
CA LEU A 592 -8.55 31.03 1.37
C LEU A 592 -9.42 32.24 1.16
N PHE A 593 -10.29 32.19 0.16
CA PHE A 593 -11.13 33.35 -0.11
C PHE A 593 -12.07 33.60 1.04
N GLY A 594 -12.59 32.55 1.66
CA GLY A 594 -13.48 32.76 2.78
C GLY A 594 -12.81 33.49 3.92
N PHE A 595 -11.67 32.98 4.37
CA PHE A 595 -11.04 33.63 5.51
C PHE A 595 -10.42 34.96 5.13
N SER A 596 -10.02 35.14 3.87
CA SER A 596 -9.53 36.45 3.46
C SER A 596 -10.60 37.48 3.57
N THR A 597 -11.78 37.19 3.01
CA THR A 597 -12.80 38.22 3.03
C THR A 597 -13.34 38.41 4.42
N ALA A 598 -13.35 37.37 5.25
CA ALA A 598 -13.73 37.57 6.65
C ALA A 598 -12.75 38.50 7.35
N VAL A 599 -11.45 38.21 7.27
CA VAL A 599 -10.48 39.01 8.00
C VAL A 599 -10.48 40.43 7.50
N VAL A 600 -10.52 40.63 6.18
CA VAL A 600 -10.46 41.99 5.67
C VAL A 600 -11.74 42.72 5.99
N THR A 601 -12.85 42.00 6.11
CA THR A 601 -14.06 42.61 6.62
C THR A 601 -13.85 43.14 8.03
N LEU A 602 -13.16 42.36 8.84
CA LEU A 602 -12.99 42.74 10.23
C LEU A 602 -12.02 43.89 10.37
N ILE A 603 -10.76 43.67 10.00
CA ILE A 603 -9.71 44.64 10.30
C ILE A 603 -9.90 45.82 9.36
N GLU A 604 -10.47 46.90 9.87
CA GLU A 604 -10.60 48.13 9.08
C GLU A 604 -10.39 49.31 10.01
N ASP A 605 -9.20 49.89 9.93
CA ASP A 605 -8.84 51.08 10.67
C ASP A 605 -9.82 52.22 10.43
N SER A 630 -2.35 49.09 7.67
CA SER A 630 -2.37 49.68 6.34
C SER A 630 -3.01 48.76 5.30
N TYR A 631 -3.17 47.48 5.66
CA TYR A 631 -3.58 46.46 4.69
C TYR A 631 -4.94 46.77 4.12
N ASN A 632 -5.99 46.60 4.94
CA ASN A 632 -7.34 47.08 4.65
C ASN A 632 -7.80 46.74 3.24
N SER A 633 -7.25 45.67 2.67
CA SER A 633 -7.38 45.42 1.24
C SER A 633 -7.52 43.95 0.99
N LEU A 634 -8.49 43.59 0.17
CA LEU A 634 -8.70 42.18 -0.09
C LEU A 634 -7.50 41.58 -0.79
N TYR A 635 -6.79 42.35 -1.60
CA TYR A 635 -5.61 41.77 -2.24
C TYR A 635 -4.52 41.48 -1.22
N SER A 636 -4.18 42.47 -0.41
CA SER A 636 -3.07 42.29 0.50
C SER A 636 -3.36 41.19 1.50
N THR A 637 -4.61 41.10 1.95
CA THR A 637 -4.95 40.05 2.89
C THR A 637 -5.02 38.70 2.20
N CYS A 638 -5.47 38.64 0.96
CA CYS A 638 -5.42 37.37 0.26
C CYS A 638 -4.00 36.88 0.16
N LEU A 639 -3.07 37.80 -0.12
CA LEU A 639 -1.67 37.42 -0.16
C LEU A 639 -1.16 37.00 1.20
N GLU A 640 -1.51 37.76 2.24
CA GLU A 640 -0.97 37.51 3.55
C GLU A 640 -1.46 36.20 4.12
N LEU A 641 -2.69 35.82 3.79
CA LEU A 641 -3.14 34.50 4.19
C LEU A 641 -2.60 33.43 3.27
N PHE A 642 -2.27 33.77 2.03
CA PHE A 642 -1.57 32.79 1.22
C PHE A 642 -0.25 32.43 1.86
N LYS A 643 0.40 33.39 2.50
CA LYS A 643 1.73 33.12 3.02
C LYS A 643 1.76 32.04 4.07
N PHE A 644 0.63 31.68 4.67
CA PHE A 644 0.67 30.60 5.65
C PHE A 644 0.91 29.26 5.02
N THR A 645 0.68 29.13 3.71
CA THR A 645 0.88 27.84 3.09
C THR A 645 2.33 27.58 2.77
N ILE A 646 3.11 28.61 2.43
CA ILE A 646 4.53 28.43 2.19
C ILE A 646 5.35 28.60 3.46
N GLY A 647 4.73 28.54 4.63
CA GLY A 647 5.52 28.63 5.83
C GLY A 647 6.16 29.99 6.01
N MET A 648 5.41 31.06 5.80
CA MET A 648 5.86 32.37 6.25
C MET A 648 4.70 33.21 6.78
N GLY A 649 3.61 32.60 7.19
CA GLY A 649 2.57 33.38 7.84
C GLY A 649 3.05 33.92 9.15
N ASP A 650 2.43 35.02 9.58
CA ASP A 650 2.97 35.80 10.68
C ASP A 650 2.14 35.72 11.95
N LEU A 651 0.83 35.62 11.86
CA LEU A 651 -0.13 35.51 12.96
C LEU A 651 -0.36 36.80 13.74
N GLU A 652 0.44 37.82 13.52
N GLU A 652 0.43 37.81 13.47
CA GLU A 652 0.18 39.13 14.10
CA GLU A 652 0.27 39.12 14.09
C GLU A 652 0.52 40.20 13.07
C GLU A 652 0.54 40.19 13.06
N PHE A 653 0.03 40.01 11.84
CA PHE A 653 0.42 40.87 10.72
C PHE A 653 -0.22 42.24 10.78
N THR A 654 -1.13 42.49 11.70
CA THR A 654 -1.54 43.86 11.98
C THR A 654 -2.08 43.92 13.41
N GLU A 655 -2.22 45.14 13.89
CA GLU A 655 -2.94 45.43 15.12
C GLU A 655 -4.05 46.44 14.91
N ASN A 656 -4.29 46.85 13.67
CA ASN A 656 -5.28 47.89 13.36
C ASN A 656 -6.67 47.26 13.36
N TYR A 657 -7.15 46.96 14.55
CA TYR A 657 -8.49 46.43 14.71
C TYR A 657 -8.82 46.35 16.20
N ASP A 658 -10.09 46.14 16.46
CA ASP A 658 -10.55 45.62 17.73
C ASP A 658 -11.02 44.19 17.52
N PHE A 659 -11.59 43.60 18.57
CA PHE A 659 -12.08 42.23 18.53
C PHE A 659 -10.94 41.25 18.30
N LYS A 660 -9.87 41.43 19.06
CA LYS A 660 -8.64 40.69 18.81
C LYS A 660 -8.87 39.20 18.93
N ALA A 661 -9.75 38.79 19.84
CA ALA A 661 -10.06 37.37 19.94
C ALA A 661 -10.67 36.84 18.66
N VAL A 662 -11.54 37.61 18.03
CA VAL A 662 -12.13 37.13 16.79
C VAL A 662 -11.07 36.99 15.73
N PHE A 663 -10.21 37.98 15.60
CA PHE A 663 -9.20 37.94 14.55
C PHE A 663 -8.27 36.75 14.76
N ILE A 664 -7.85 36.51 15.99
CA ILE A 664 -6.99 35.37 16.23
C ILE A 664 -7.73 34.08 15.98
N ILE A 665 -9.01 34.01 16.32
CA ILE A 665 -9.72 32.74 16.12
C ILE A 665 -9.81 32.46 14.64
N LEU A 666 -10.04 33.49 13.83
CA LEU A 666 -10.08 33.27 12.41
C LEU A 666 -8.75 32.76 11.91
N LEU A 667 -7.65 33.40 12.30
CA LEU A 667 -6.38 32.93 11.78
C LEU A 667 -6.06 31.52 12.25
N LEU A 668 -6.34 31.20 13.50
CA LEU A 668 -6.04 29.85 13.96
C LEU A 668 -6.90 28.84 13.25
N ALA A 669 -8.16 29.18 13.00
CA ALA A 669 -9.01 28.25 12.28
C ALA A 669 -8.50 28.07 10.86
N TYR A 670 -8.06 29.15 10.23
CA TYR A 670 -7.56 29.02 8.88
C TYR A 670 -6.31 28.17 8.86
N VAL A 671 -5.40 28.41 9.79
CA VAL A 671 -4.14 27.66 9.80
C VAL A 671 -4.43 26.20 10.01
N ILE A 672 -5.33 25.87 10.93
CA ILE A 672 -5.60 24.47 11.22
C ILE A 672 -6.27 23.81 10.03
N LEU A 673 -7.27 24.43 9.44
CA LEU A 673 -7.97 23.77 8.36
C LEU A 673 -7.08 23.61 7.14
N THR A 674 -6.21 24.58 6.89
CA THR A 674 -5.46 24.59 5.64
C THR A 674 -4.03 24.06 5.78
N TYR A 675 -3.21 24.72 6.60
CA TYR A 675 -1.82 24.29 6.70
C TYR A 675 -1.68 22.93 7.35
N ILE A 676 -2.47 22.64 8.39
CA ILE A 676 -2.30 21.39 9.12
C ILE A 676 -2.98 20.25 8.39
N LEU A 677 -4.24 20.43 8.00
CA LEU A 677 -5.00 19.34 7.43
C LEU A 677 -4.82 19.26 5.91
N LEU A 678 -5.33 20.26 5.21
CA LEU A 678 -5.54 20.10 3.78
C LEU A 678 -4.23 19.89 3.04
N LEU A 679 -3.20 20.64 3.41
CA LEU A 679 -1.92 20.45 2.74
C LEU A 679 -1.38 19.05 2.96
N ASN A 680 -1.63 18.48 4.12
CA ASN A 680 -1.13 17.14 4.38
C ASN A 680 -2.03 16.07 3.74
N MET A 681 -3.32 16.34 3.67
CA MET A 681 -4.18 15.41 2.97
C MET A 681 -3.82 15.38 1.49
N LEU A 682 -3.34 16.50 0.96
CA LEU A 682 -2.86 16.49 -0.40
C LEU A 682 -1.75 15.48 -0.60
N ILE A 683 -0.81 15.43 0.31
CA ILE A 683 0.28 14.47 0.18
C ILE A 683 -0.27 13.05 0.25
N ALA A 684 -1.21 12.82 1.16
CA ALA A 684 -1.78 11.47 1.24
C ALA A 684 -2.44 11.06 -0.07
N LEU A 685 -3.24 11.95 -0.66
CA LEU A 685 -3.96 11.57 -1.87
C LEU A 685 -3.05 11.42 -3.06
N MET A 686 -2.04 12.27 -3.18
CA MET A 686 -1.05 12.02 -4.22
C MET A 686 -0.38 10.69 -4.00
N GLY A 687 -0.22 10.27 -2.75
CA GLY A 687 0.31 8.94 -2.50
C GLY A 687 -0.59 7.85 -3.04
N GLU A 688 -1.88 7.97 -2.79
CA GLU A 688 -2.82 6.99 -3.34
C GLU A 688 -2.74 6.94 -4.85
N THR A 689 -2.83 8.10 -5.50
CA THR A 689 -2.87 8.11 -6.96
C THR A 689 -1.57 7.60 -7.55
N VAL A 690 -0.44 7.89 -6.91
CA VAL A 690 0.82 7.31 -7.36
C VAL A 690 0.75 5.80 -7.29
N ASN A 691 0.16 5.26 -6.23
CA ASN A 691 0.00 3.81 -6.20
C ASN A 691 -0.86 3.33 -7.35
N LYS A 692 -1.86 4.13 -7.75
CA LYS A 692 -2.75 3.65 -8.80
C LYS A 692 -2.11 3.69 -10.17
N ILE A 693 -1.47 4.79 -10.54
CA ILE A 693 -1.03 4.97 -11.93
C ILE A 693 0.37 4.42 -12.15
N ALA A 694 0.77 3.42 -11.38
CA ALA A 694 2.05 2.79 -11.65
C ALA A 694 2.08 2.17 -13.03
N GLN A 695 1.02 1.46 -13.41
CA GLN A 695 1.00 0.73 -14.68
C GLN A 695 0.55 1.56 -15.85
N GLU A 696 -0.41 2.47 -15.65
CA GLU A 696 -0.86 3.31 -16.75
C GLU A 696 0.26 4.13 -17.32
N SER A 697 1.20 4.54 -16.48
CA SER A 697 2.27 5.41 -16.95
C SER A 697 3.12 4.72 -18.00
N LYS A 698 3.47 3.45 -17.82
CA LYS A 698 4.30 2.79 -18.82
C LYS A 698 3.59 2.75 -20.16
N ASN A 699 2.32 2.40 -20.16
CA ASN A 699 1.59 2.36 -21.42
C ASN A 699 1.48 3.75 -22.03
N ILE A 700 1.26 4.77 -21.20
CA ILE A 700 1.16 6.12 -21.75
C ILE A 700 2.50 6.51 -22.35
N TRP A 701 3.58 6.16 -21.69
CA TRP A 701 4.88 6.52 -22.24
C TRP A 701 5.14 5.81 -23.54
N LYS A 702 4.80 4.53 -23.63
CA LYS A 702 5.00 3.81 -24.88
C LYS A 702 4.19 4.44 -25.97
N LEU A 703 3.00 4.93 -25.64
CA LEU A 703 2.22 5.64 -26.63
C LEU A 703 2.89 6.94 -27.06
N GLN A 704 3.47 7.68 -26.11
CA GLN A 704 4.11 8.93 -26.49
C GLN A 704 5.30 8.67 -27.38
N ARG A 705 6.09 7.65 -27.08
CA ARG A 705 7.17 7.29 -27.97
C ARG A 705 6.63 6.87 -29.32
N ALA A 706 5.46 6.22 -29.33
CA ALA A 706 4.89 5.79 -30.60
C ALA A 706 4.49 6.98 -31.46
N ILE A 707 3.83 7.95 -30.87
CA ILE A 707 3.41 9.10 -31.67
C ILE A 707 4.63 9.88 -32.13
N THR A 708 5.69 9.93 -31.30
CA THR A 708 6.91 10.55 -31.76
C THR A 708 7.47 9.84 -32.98
N ILE A 709 7.52 8.52 -32.93
CA ILE A 709 8.06 7.75 -34.05
C ILE A 709 7.24 8.01 -35.30
N LEU A 710 5.93 8.02 -35.16
CA LEU A 710 5.09 8.18 -36.33
C LEU A 710 5.31 9.54 -36.96
N ASP A 711 5.39 10.59 -36.17
CA ASP A 711 5.58 11.90 -36.78
C ASP A 711 6.95 12.03 -37.43
N THR A 712 7.99 11.56 -36.76
CA THR A 712 9.32 11.63 -37.35
C THR A 712 9.39 10.83 -38.64
N GLU A 713 8.77 9.64 -38.66
CA GLU A 713 8.72 8.89 -39.90
C GLU A 713 7.94 9.67 -40.95
N LYS A 714 6.87 10.33 -40.55
CA LYS A 714 6.04 11.01 -41.51
C LYS A 714 6.79 12.09 -42.24
N SER A 715 7.55 12.92 -41.51
CA SER A 715 8.17 14.07 -42.16
C SER A 715 9.47 13.72 -42.87
N PHE A 716 10.53 13.47 -42.09
CA PHE A 716 11.87 13.01 -42.45
C PHE A 716 12.67 13.96 -43.36
N LEU A 717 12.03 14.92 -44.04
CA LEU A 717 12.62 16.10 -44.67
C LEU A 717 13.87 15.84 -45.51
N LYS A 718 14.12 14.58 -45.91
CA LYS A 718 15.40 14.19 -46.52
C LYS A 718 15.26 13.10 -47.56
N CYS A 719 14.04 12.84 -48.07
CA CYS A 719 13.82 11.89 -49.16
C CYS A 719 14.38 10.50 -48.83
N MET A 720 14.21 10.09 -47.57
CA MET A 720 14.69 8.80 -47.08
C MET A 720 13.52 8.01 -46.52
N ARG A 721 13.48 6.71 -46.82
CA ARG A 721 12.45 5.81 -46.33
C ARG A 721 13.14 4.58 -45.71
N LYS A 722 13.53 4.69 -44.44
CA LYS A 722 14.06 3.56 -43.67
C LYS A 722 12.98 2.87 -42.86
N ALA A 723 11.72 3.04 -43.22
CA ALA A 723 10.61 2.48 -42.47
C ALA A 723 10.31 1.03 -42.83
N PHE A 724 10.95 0.50 -43.86
CA PHE A 724 10.56 -0.81 -44.37
C PHE A 724 11.15 -1.96 -43.55
N ARG A 725 10.52 -3.13 -43.69
CA ARG A 725 10.81 -4.33 -42.92
C ARG A 725 11.76 -5.25 -43.67
N SER A 726 11.89 -6.48 -43.19
CA SER A 726 12.96 -7.38 -43.61
C SER A 726 12.72 -7.87 -45.03
N GLY A 727 12.82 -6.96 -45.98
CA GLY A 727 12.83 -7.34 -47.38
C GLY A 727 11.48 -7.84 -47.85
N LYS A 728 11.35 -7.90 -49.17
CA LYS A 728 10.19 -8.52 -49.80
C LYS A 728 10.41 -10.03 -49.73
N LEU A 729 10.20 -10.59 -48.55
CA LEU A 729 10.33 -12.03 -48.42
C LEU A 729 9.13 -12.71 -49.05
N LEU A 730 9.36 -13.90 -49.60
CA LEU A 730 8.27 -14.65 -50.20
C LEU A 730 7.42 -15.32 -49.13
N GLN A 731 6.11 -15.26 -49.34
CA GLN A 731 5.18 -16.01 -48.51
C GLN A 731 5.38 -17.50 -48.74
N VAL A 732 5.10 -17.94 -49.96
CA VAL A 732 5.40 -19.29 -50.42
C VAL A 732 6.11 -19.29 -51.77
N GLY A 733 6.10 -18.20 -52.51
CA GLY A 733 6.45 -18.22 -53.91
C GLY A 733 5.34 -18.75 -54.79
N PHE A 734 4.19 -19.10 -54.21
CA PHE A 734 3.08 -19.67 -54.95
C PHE A 734 1.78 -19.49 -54.15
N THR A 735 0.87 -18.68 -54.66
CA THR A 735 -0.46 -18.55 -54.07
C THR A 735 -1.33 -19.70 -54.56
N PRO A 736 -2.62 -19.74 -54.20
CA PRO A 736 -3.52 -20.67 -54.89
C PRO A 736 -3.52 -20.45 -56.40
N ASP A 737 -3.37 -19.20 -56.85
CA ASP A 737 -3.05 -18.92 -58.23
C ASP A 737 -1.54 -19.10 -58.46
N GLY A 738 -1.15 -19.14 -59.73
CA GLY A 738 0.21 -19.47 -60.09
C GLY A 738 1.25 -18.42 -59.72
N LYS A 739 0.82 -17.20 -59.41
CA LYS A 739 1.78 -16.15 -59.17
C LYS A 739 2.48 -16.37 -57.83
N ASP A 740 3.50 -15.57 -57.58
CA ASP A 740 4.26 -15.64 -56.34
C ASP A 740 3.54 -14.78 -55.29
N ASP A 741 4.23 -14.48 -54.18
CA ASP A 741 3.68 -13.57 -53.19
C ASP A 741 4.81 -13.07 -52.30
N TYR A 742 4.85 -11.75 -52.09
CA TYR A 742 5.83 -11.09 -51.23
C TYR A 742 5.11 -10.46 -50.03
N ARG A 743 5.78 -10.45 -48.88
CA ARG A 743 5.12 -10.18 -47.61
C ARG A 743 5.55 -8.90 -46.92
N TRP A 744 6.81 -8.46 -47.06
CA TRP A 744 7.42 -7.48 -46.17
C TRP A 744 7.30 -7.95 -44.72
N CYS A 745 7.93 -9.08 -44.47
CA CYS A 745 7.85 -9.69 -43.16
C CYS A 745 8.86 -9.07 -42.21
N PHE A 746 8.59 -9.26 -40.92
CA PHE A 746 9.47 -8.86 -39.84
C PHE A 746 9.82 -10.08 -39.01
N ARG A 747 11.10 -10.24 -38.70
CA ARG A 747 11.58 -11.43 -38.02
C ARG A 747 11.55 -11.25 -36.51
N VAL A 748 11.24 -12.33 -35.80
CA VAL A 748 11.27 -12.35 -34.35
C VAL A 748 11.87 -13.69 -33.93
N ASP A 749 13.03 -13.64 -33.30
CA ASP A 749 13.70 -14.84 -32.83
C ASP A 749 13.32 -15.10 -31.38
N GLU A 750 12.89 -16.31 -31.10
CA GLU A 750 12.61 -16.74 -29.73
C GLU A 750 13.31 -18.05 -29.48
N VAL A 751 13.73 -18.25 -28.24
CA VAL A 751 14.30 -19.52 -27.80
C VAL A 751 13.51 -19.94 -26.58
N ASN A 752 12.85 -21.10 -26.67
CA ASN A 752 11.90 -21.52 -25.65
C ASN A 752 11.83 -23.03 -25.64
N TRP A 753 11.36 -23.56 -24.51
CA TRP A 753 11.22 -24.99 -24.28
C TRP A 753 9.80 -25.49 -24.54
N THR A 754 8.96 -24.70 -25.20
CA THR A 754 7.70 -25.21 -25.71
C THR A 754 7.93 -25.95 -27.02
N THR A 755 6.90 -26.67 -27.46
CA THR A 755 6.91 -27.49 -28.66
C THR A 755 7.84 -28.70 -28.55
N TRP A 756 8.25 -29.07 -27.34
CA TRP A 756 9.08 -30.24 -27.12
C TRP A 756 8.19 -31.43 -26.76
N TYR B 202 28.08 -37.79 27.58
CA TYR B 202 26.87 -37.01 27.38
C TYR B 202 25.64 -37.90 27.47
N TYR B 203 25.67 -39.03 26.76
CA TYR B 203 24.53 -39.97 26.77
C TYR B 203 24.53 -40.76 28.09
N LYS B 204 24.30 -40.02 29.17
CA LYS B 204 24.39 -40.60 30.49
C LYS B 204 23.07 -41.26 30.88
N GLY B 205 23.18 -42.36 31.61
CA GLY B 205 22.01 -43.06 32.12
C GLY B 205 21.12 -43.65 31.05
N GLN B 206 21.69 -44.12 29.96
CA GLN B 206 20.90 -44.70 28.88
C GLN B 206 20.46 -46.11 29.23
N THR B 207 19.33 -46.51 28.66
CA THR B 207 18.86 -47.89 28.76
C THR B 207 18.32 -48.31 27.41
N ALA B 208 18.29 -49.63 27.20
CA ALA B 208 17.88 -50.16 25.91
C ALA B 208 16.43 -49.84 25.60
N LEU B 209 15.61 -49.65 26.63
CA LEU B 209 14.23 -49.25 26.41
C LEU B 209 14.16 -47.93 25.67
N HIS B 210 14.98 -46.97 26.08
CA HIS B 210 15.03 -45.70 25.38
C HIS B 210 15.59 -45.84 23.99
N ILE B 211 16.52 -46.77 23.78
CA ILE B 211 17.03 -46.99 22.43
C ILE B 211 15.93 -47.52 21.53
N ALA B 212 15.20 -48.53 21.99
CA ALA B 212 14.16 -49.14 21.18
C ALA B 212 13.08 -48.12 20.85
N ILE B 213 12.67 -47.34 21.85
CA ILE B 213 11.61 -46.37 21.62
C ILE B 213 12.12 -45.24 20.73
N GLU B 214 13.36 -44.81 20.94
CA GLU B 214 14.00 -43.89 20.02
C GLU B 214 13.99 -44.44 18.60
N ARG B 215 14.20 -45.75 18.46
CA ARG B 215 14.19 -46.39 17.16
C ARG B 215 12.79 -46.71 16.66
N ARG B 216 11.75 -46.48 17.45
CA ARG B 216 10.37 -46.73 17.03
C ARG B 216 10.16 -48.19 16.65
N ASN B 217 10.63 -49.08 17.52
CA ASN B 217 10.50 -50.52 17.36
C ASN B 217 9.63 -51.02 18.49
N MET B 218 8.37 -51.31 18.17
CA MET B 218 7.44 -51.80 19.18
C MET B 218 7.88 -53.17 19.70
N THR B 219 8.38 -54.03 18.83
CA THR B 219 8.70 -55.40 19.21
C THR B 219 9.81 -55.43 20.26
N LEU B 220 10.85 -54.62 20.05
CA LEU B 220 11.94 -54.59 21.01
C LEU B 220 11.45 -54.10 22.36
N VAL B 221 10.57 -53.11 22.36
CA VAL B 221 9.98 -52.63 23.61
C VAL B 221 9.25 -53.76 24.32
N THR B 222 8.43 -54.49 23.56
CA THR B 222 7.65 -55.57 24.15
C THR B 222 8.57 -56.63 24.74
N LEU B 223 9.62 -56.97 24.03
CA LEU B 223 10.56 -57.97 24.54
C LEU B 223 11.25 -57.47 25.80
N LEU B 224 11.68 -56.21 25.80
CA LEU B 224 12.41 -55.68 26.93
C LEU B 224 11.53 -55.67 28.16
N VAL B 225 10.27 -55.31 28.01
CA VAL B 225 9.35 -55.39 29.13
C VAL B 225 9.17 -56.84 29.57
N GLU B 226 8.99 -57.74 28.60
CA GLU B 226 8.85 -59.16 28.91
C GLU B 226 10.10 -59.71 29.56
N ASN B 227 11.26 -59.15 29.23
CA ASN B 227 12.51 -59.53 29.85
C ASN B 227 12.76 -58.83 31.17
N GLY B 228 11.76 -58.15 31.72
CA GLY B 228 11.90 -57.54 33.02
C GLY B 228 12.66 -56.25 33.03
N ALA B 229 12.56 -55.45 31.97
CA ALA B 229 13.22 -54.16 31.95
C ALA B 229 12.58 -53.21 32.95
N ASP B 230 13.40 -52.30 33.50
CA ASP B 230 12.93 -51.32 34.47
C ASP B 230 12.15 -50.20 33.77
N VAL B 231 11.28 -49.57 34.54
CA VAL B 231 10.41 -48.50 34.05
C VAL B 231 11.00 -47.13 34.34
N GLN B 232 11.51 -46.92 35.55
CA GLN B 232 11.97 -45.60 35.97
C GLN B 232 13.38 -45.34 35.44
N ALA B 233 13.47 -45.25 34.11
CA ALA B 233 14.74 -45.03 33.44
C ALA B 233 15.11 -43.57 33.59
N ALA B 234 15.93 -43.28 34.61
CA ALA B 234 16.31 -41.90 34.92
C ALA B 234 17.50 -41.49 34.05
N ALA B 235 17.27 -41.47 32.76
CA ALA B 235 18.28 -41.05 31.79
C ALA B 235 18.37 -39.54 31.85
N ASN B 236 19.46 -39.03 32.41
CA ASN B 236 19.68 -37.59 32.52
C ASN B 236 20.76 -37.16 31.55
N GLY B 237 20.79 -37.80 30.38
CA GLY B 237 21.85 -37.52 29.43
C GLY B 237 21.83 -36.07 28.99
N ASP B 238 23.02 -35.48 28.94
CA ASP B 238 23.13 -34.08 28.54
C ASP B 238 22.68 -33.90 27.10
N PHE B 239 22.79 -34.95 26.28
CA PHE B 239 22.23 -34.89 24.94
C PHE B 239 20.71 -34.97 24.97
N PHE B 240 20.12 -35.57 26.02
CA PHE B 240 18.68 -35.69 26.18
C PHE B 240 18.17 -34.92 27.41
N LYS B 241 18.89 -33.88 27.82
CA LYS B 241 18.48 -32.99 28.88
C LYS B 241 17.81 -31.74 28.32
N LYS B 242 17.28 -30.93 29.23
CA LYS B 242 16.90 -29.56 28.94
C LYS B 242 18.13 -28.75 28.55
N THR B 243 17.94 -27.44 28.37
CA THR B 243 18.99 -26.55 27.85
C THR B 243 19.39 -26.97 26.45
N LYS B 244 18.47 -26.83 25.51
CA LYS B 244 18.63 -27.25 24.12
C LYS B 244 19.58 -26.36 23.30
N GLY B 245 20.30 -25.42 23.94
CA GLY B 245 21.31 -24.66 23.21
C GLY B 245 22.33 -25.57 22.54
N ARG B 246 22.83 -26.56 23.29
CA ARG B 246 23.52 -27.68 22.68
C ARG B 246 22.49 -28.58 21.98
N PRO B 247 22.82 -29.22 20.86
CA PRO B 247 21.84 -30.08 20.21
C PRO B 247 21.36 -31.21 21.11
N GLY B 248 20.05 -31.40 21.18
CA GLY B 248 19.47 -32.42 22.02
C GLY B 248 17.96 -32.37 21.92
N PHE B 249 17.33 -33.35 22.57
CA PHE B 249 15.88 -33.50 22.51
C PHE B 249 15.38 -33.99 23.85
N TYR B 250 14.47 -33.23 24.45
CA TYR B 250 14.12 -33.41 25.85
C TYR B 250 13.22 -34.63 26.06
N PHE B 251 13.60 -35.48 26.99
CA PHE B 251 12.79 -36.60 27.46
C PHE B 251 12.38 -36.47 28.92
N GLY B 252 13.30 -36.01 29.77
CA GLY B 252 12.98 -35.80 31.15
C GLY B 252 12.90 -37.08 31.96
N GLU B 253 13.83 -38.00 31.76
CA GLU B 253 14.03 -39.14 32.67
C GLU B 253 12.78 -40.00 32.81
N LEU B 254 12.13 -40.29 31.68
CA LEU B 254 10.92 -41.12 31.72
C LEU B 254 10.62 -41.72 30.34
N PRO B 255 10.43 -43.04 30.21
CA PRO B 255 10.06 -43.59 28.90
C PRO B 255 8.67 -43.19 28.43
N LEU B 256 7.73 -42.91 29.33
CA LEU B 256 6.43 -42.43 28.89
C LEU B 256 6.56 -41.12 28.13
N SER B 257 7.33 -40.18 28.68
CA SER B 257 7.56 -38.92 27.99
C SER B 257 8.20 -39.17 26.64
N LEU B 258 9.15 -40.09 26.61
CA LEU B 258 9.86 -40.41 25.38
C LEU B 258 8.91 -40.90 24.30
N ALA B 259 8.03 -41.84 24.66
CA ALA B 259 7.08 -42.34 23.67
C ALA B 259 6.11 -41.27 23.23
N ALA B 260 5.63 -40.46 24.17
CA ALA B 260 4.60 -39.47 23.86
C ALA B 260 5.15 -38.39 22.94
N CYS B 261 6.34 -37.87 23.26
CA CYS B 261 6.94 -36.86 22.40
C CYS B 261 7.24 -37.40 21.02
N THR B 262 7.35 -38.72 20.87
CA THR B 262 7.66 -39.34 19.60
C THR B 262 6.40 -39.75 18.83
N ASN B 263 5.22 -39.45 19.35
CA ASN B 263 3.97 -39.78 18.67
C ASN B 263 3.79 -41.30 18.54
N GLN B 264 4.06 -42.03 19.61
CA GLN B 264 3.96 -43.49 19.65
C GLN B 264 2.89 -43.86 20.69
N LEU B 265 1.65 -43.97 20.23
CA LEU B 265 0.55 -44.26 21.14
C LEU B 265 0.67 -45.66 21.73
N ALA B 266 1.04 -46.63 20.89
CA ALA B 266 1.07 -48.02 21.33
C ALA B 266 2.07 -48.21 22.47
N ILE B 267 3.22 -47.58 22.36
CA ILE B 267 4.22 -47.69 23.43
C ILE B 267 3.65 -47.13 24.71
N VAL B 268 2.96 -45.99 24.61
CA VAL B 268 2.48 -45.33 25.82
C VAL B 268 1.45 -46.21 26.52
N LYS B 269 0.47 -46.71 25.77
CA LYS B 269 -0.54 -47.55 26.38
C LYS B 269 0.07 -48.82 26.94
N PHE B 270 1.01 -49.41 26.20
CA PHE B 270 1.66 -50.63 26.66
C PHE B 270 2.43 -50.38 27.95
N LEU B 271 3.15 -49.26 28.02
CA LEU B 271 3.87 -48.92 29.25
C LEU B 271 2.91 -48.75 30.41
N LEU B 272 1.77 -48.12 30.15
CA LEU B 272 0.77 -47.97 31.19
C LEU B 272 0.06 -49.28 31.53
N GLN B 273 0.24 -50.33 30.73
CA GLN B 273 -0.53 -51.55 30.90
C GLN B 273 0.36 -52.79 30.81
N ASN B 274 1.55 -52.72 31.41
CA ASN B 274 2.44 -53.86 31.44
C ASN B 274 1.97 -54.92 32.44
N SER B 275 2.45 -56.15 32.25
CA SER B 275 2.26 -57.19 33.24
C SER B 275 3.39 -57.20 34.26
N TRP B 276 4.63 -57.07 33.78
CA TRP B 276 5.79 -57.16 34.67
C TRP B 276 5.81 -56.00 35.64
N GLN B 277 5.80 -54.78 35.12
CA GLN B 277 5.67 -53.60 35.96
C GLN B 277 5.07 -52.46 35.13
N PRO B 278 3.87 -51.97 35.45
CA PRO B 278 3.32 -50.83 34.68
C PRO B 278 3.93 -49.50 35.11
N ALA B 279 3.65 -48.49 34.30
CA ALA B 279 4.16 -47.14 34.49
C ALA B 279 3.09 -46.25 35.11
N ASP B 280 3.53 -45.30 35.94
CA ASP B 280 2.68 -44.31 36.57
C ASP B 280 2.95 -42.95 35.97
N ILE B 281 1.91 -42.32 35.41
CA ILE B 281 2.12 -41.08 34.65
C ILE B 281 2.65 -39.97 35.53
N SER B 282 2.22 -39.93 36.79
CA SER B 282 2.57 -38.83 37.67
C SER B 282 4.00 -38.89 38.20
N ALA B 283 4.81 -39.83 37.73
CA ALA B 283 6.22 -39.84 38.10
C ALA B 283 6.92 -38.60 37.57
N ARG B 284 7.78 -38.01 38.39
CA ARG B 284 8.39 -36.72 38.12
C ARG B 284 9.89 -36.84 38.01
N ASP B 285 10.46 -36.07 37.11
CA ASP B 285 11.90 -36.07 36.87
C ASP B 285 12.60 -35.19 37.91
N SER B 286 13.91 -35.01 37.73
CA SER B 286 14.70 -34.24 38.68
C SER B 286 14.27 -32.78 38.75
N VAL B 287 13.68 -32.23 37.69
CA VAL B 287 13.14 -30.88 37.72
C VAL B 287 11.75 -30.84 38.33
N GLY B 288 11.10 -31.99 38.48
CA GLY B 288 9.72 -32.06 38.91
C GLY B 288 8.73 -32.12 37.77
N ASN B 289 9.18 -32.18 36.53
CA ASN B 289 8.29 -32.22 35.38
C ASN B 289 7.74 -33.62 35.17
N THR B 290 6.52 -33.69 34.66
CA THR B 290 5.85 -34.93 34.32
C THR B 290 5.65 -35.01 32.81
N VAL B 291 4.85 -35.98 32.38
CA VAL B 291 4.61 -36.18 30.95
C VAL B 291 4.00 -34.93 30.35
N LEU B 292 3.05 -34.31 31.05
CA LEU B 292 2.38 -33.14 30.52
C LEU B 292 3.33 -31.96 30.34
N HIS B 293 4.21 -31.74 31.31
CA HIS B 293 5.17 -30.65 31.15
C HIS B 293 6.07 -30.90 29.95
N ALA B 294 6.44 -32.16 29.72
CA ALA B 294 7.20 -32.49 28.52
C ALA B 294 6.39 -32.26 27.26
N LEU B 295 5.11 -32.61 27.27
CA LEU B 295 4.26 -32.37 26.11
C LEU B 295 4.20 -30.89 25.80
N VAL B 296 4.10 -30.08 26.85
CA VAL B 296 4.09 -28.64 26.68
C VAL B 296 5.41 -28.19 26.07
N GLU B 297 6.51 -28.71 26.60
CA GLU B 297 7.83 -28.22 26.18
C GLU B 297 8.08 -28.48 24.71
N VAL B 298 7.58 -29.60 24.18
CA VAL B 298 7.93 -29.98 22.82
C VAL B 298 7.14 -29.23 21.77
N ALA B 299 6.07 -28.54 22.14
CA ALA B 299 5.32 -27.79 21.14
C ALA B 299 6.13 -26.61 20.64
N ASP B 300 5.86 -26.20 19.41
CA ASP B 300 6.41 -24.97 18.86
C ASP B 300 5.37 -24.17 18.09
N ASN B 301 4.09 -24.48 18.26
CA ASN B 301 2.99 -23.73 17.68
C ASN B 301 2.97 -23.81 16.16
N THR B 302 3.56 -24.84 15.57
CA THR B 302 3.31 -25.17 14.18
C THR B 302 2.06 -26.03 14.08
N VAL B 303 1.50 -26.09 12.87
CA VAL B 303 0.19 -26.71 12.68
C VAL B 303 0.23 -28.19 13.05
N ASP B 304 1.15 -28.92 12.44
CA ASP B 304 1.17 -30.36 12.65
C ASP B 304 1.67 -30.70 14.03
N ASN B 305 2.65 -29.97 14.53
CA ASN B 305 3.07 -30.18 15.92
C ASN B 305 1.95 -29.84 16.87
N THR B 306 1.19 -28.79 16.58
CA THR B 306 0.06 -28.45 17.43
C THR B 306 -0.95 -29.58 17.46
N LYS B 307 -1.30 -30.12 16.30
CA LYS B 307 -2.27 -31.21 16.24
C LYS B 307 -1.73 -32.44 16.97
N PHE B 308 -0.45 -32.75 16.76
CA PHE B 308 0.14 -33.90 17.41
C PHE B 308 0.09 -33.76 18.93
N VAL B 309 0.51 -32.60 19.44
CA VAL B 309 0.54 -32.45 20.89
C VAL B 309 -0.87 -32.43 21.42
N THR B 310 -1.81 -31.85 20.67
CA THR B 310 -3.20 -31.87 21.09
C THR B 310 -3.70 -33.30 21.26
N SER B 311 -3.49 -34.11 20.23
CA SER B 311 -3.96 -35.48 20.28
C SER B 311 -3.32 -36.23 21.43
N MET B 312 -1.99 -36.17 21.51
CA MET B 312 -1.27 -36.93 22.52
C MET B 312 -1.66 -36.49 23.91
N TYR B 313 -1.80 -35.17 24.11
CA TYR B 313 -2.17 -34.66 25.41
C TYR B 313 -3.54 -35.17 25.83
N ASN B 314 -4.52 -35.03 24.95
CA ASN B 314 -5.87 -35.46 25.29
C ASN B 314 -5.89 -36.94 25.64
N GLU B 315 -5.26 -37.76 24.81
CA GLU B 315 -5.31 -39.19 25.05
C GLU B 315 -4.59 -39.56 26.33
N ILE B 316 -3.41 -38.98 26.57
CA ILE B 316 -2.66 -39.33 27.77
C ILE B 316 -3.46 -38.95 28.99
N LEU B 317 -4.09 -37.79 28.97
CA LEU B 317 -4.85 -37.38 30.14
C LEU B 317 -6.00 -38.32 30.40
N ILE B 318 -6.72 -38.71 29.34
CA ILE B 318 -7.86 -39.59 29.55
C ILE B 318 -7.40 -40.93 30.11
N LEU B 319 -6.30 -41.44 29.59
CA LEU B 319 -5.77 -42.71 30.09
C LEU B 319 -5.38 -42.59 31.55
N GLY B 320 -4.74 -41.49 31.92
CA GLY B 320 -4.41 -41.30 33.32
C GLY B 320 -5.63 -41.28 34.19
N ALA B 321 -6.71 -40.68 33.69
CA ALA B 321 -7.94 -40.65 34.46
C ALA B 321 -8.53 -42.03 34.64
N LYS B 322 -8.57 -42.82 33.56
CA LYS B 322 -9.21 -44.13 33.65
C LYS B 322 -8.38 -45.10 34.47
N LEU B 323 -7.06 -44.96 34.45
CA LEU B 323 -6.24 -45.85 35.25
C LEU B 323 -6.35 -45.51 36.73
N HIS B 324 -6.32 -44.22 37.07
CA HIS B 324 -6.41 -43.75 38.46
C HIS B 324 -7.41 -42.61 38.52
N PRO B 325 -8.71 -42.91 38.49
CA PRO B 325 -9.71 -41.84 38.62
C PRO B 325 -9.60 -41.06 39.92
N THR B 326 -9.00 -41.66 40.95
CA THR B 326 -8.88 -40.99 42.23
C THR B 326 -7.79 -39.92 42.25
N LEU B 327 -6.80 -40.02 41.37
CA LEU B 327 -5.60 -39.21 41.45
C LEU B 327 -5.58 -38.12 40.38
N LYS B 328 -5.11 -36.95 40.76
CA LYS B 328 -5.00 -35.81 39.86
C LYS B 328 -3.67 -35.85 39.13
N LEU B 329 -3.66 -35.30 37.90
CA LEU B 329 -2.43 -35.18 37.13
C LEU B 329 -2.08 -33.74 36.79
N GLU B 330 -2.97 -33.00 36.12
CA GLU B 330 -2.55 -31.69 35.59
C GLU B 330 -2.46 -30.63 36.68
N GLU B 331 -2.88 -30.93 37.90
CA GLU B 331 -2.64 -30.03 39.01
C GLU B 331 -1.23 -30.17 39.58
N ILE B 332 -0.44 -31.14 39.11
CA ILE B 332 0.87 -31.37 39.69
C ILE B 332 1.85 -30.33 39.19
N THR B 333 2.57 -29.72 40.12
CA THR B 333 3.49 -28.62 39.85
C THR B 333 4.93 -29.07 39.99
N ASN B 334 5.81 -28.43 39.21
CA ASN B 334 7.23 -28.72 39.26
C ASN B 334 7.87 -27.88 40.37
N ARG B 335 9.21 -27.88 40.42
CA ARG B 335 9.91 -27.18 41.49
C ARG B 335 9.63 -25.68 41.44
N LYS B 336 9.40 -25.14 40.25
CA LYS B 336 9.03 -23.73 40.13
C LYS B 336 7.56 -23.49 40.42
N GLY B 337 6.79 -24.54 40.71
CA GLY B 337 5.39 -24.37 41.07
C GLY B 337 4.46 -24.17 39.91
N LEU B 338 4.79 -24.68 38.73
CA LEU B 338 4.02 -24.44 37.52
C LEU B 338 3.26 -25.70 37.11
N THR B 339 1.98 -25.53 36.81
CA THR B 339 1.21 -26.58 36.17
C THR B 339 1.52 -26.59 34.69
N PRO B 340 1.07 -27.60 33.98
CA PRO B 340 1.16 -27.54 32.51
C PRO B 340 0.49 -26.33 31.94
N LEU B 341 -0.62 -25.89 32.51
CA LEU B 341 -1.27 -24.68 32.01
C LEU B 341 -0.39 -23.47 32.24
N ALA B 342 0.09 -23.30 33.48
CA ALA B 342 0.97 -22.18 33.78
C ALA B 342 2.23 -22.25 32.94
N LEU B 343 2.79 -23.44 32.76
CA LEU B 343 3.99 -23.55 31.93
C LEU B 343 3.71 -23.13 30.51
N ALA B 344 2.67 -23.71 29.89
CA ALA B 344 2.39 -23.43 28.50
C ALA B 344 2.07 -21.96 28.30
N ALA B 345 1.48 -21.33 29.30
CA ALA B 345 1.25 -19.90 29.21
C ALA B 345 2.57 -19.14 29.28
N SER B 346 3.41 -19.46 30.25
CA SER B 346 4.58 -18.64 30.49
C SER B 346 5.59 -18.67 29.35
N SER B 347 5.51 -19.67 28.48
CA SER B 347 6.45 -19.85 27.39
C SER B 347 5.84 -19.60 26.02
N GLY B 348 4.62 -19.09 25.95
CA GLY B 348 4.05 -18.78 24.66
C GLY B 348 3.77 -19.97 23.80
N LYS B 349 3.39 -21.09 24.41
CA LYS B 349 2.96 -22.27 23.66
C LYS B 349 1.48 -22.11 23.35
N ILE B 350 1.19 -21.22 22.40
CA ILE B 350 -0.19 -20.78 22.22
C ILE B 350 -1.09 -21.90 21.75
N GLY B 351 -0.58 -22.82 20.95
CA GLY B 351 -1.42 -23.90 20.46
C GLY B 351 -1.97 -24.75 21.58
N VAL B 352 -1.09 -25.32 22.39
CA VAL B 352 -1.53 -26.18 23.46
C VAL B 352 -2.31 -25.40 24.49
N LEU B 353 -1.99 -24.11 24.64
CA LEU B 353 -2.80 -23.28 25.53
C LEU B 353 -4.22 -23.18 25.02
N ALA B 354 -4.37 -22.95 23.71
CA ALA B 354 -5.70 -22.91 23.12
C ALA B 354 -6.42 -24.21 23.35
N TYR B 355 -5.71 -25.32 23.26
CA TYR B 355 -6.36 -26.60 23.51
C TYR B 355 -6.80 -26.70 24.96
N ILE B 356 -5.88 -26.43 25.89
CA ILE B 356 -6.14 -26.71 27.30
C ILE B 356 -7.28 -25.86 27.80
N LEU B 357 -7.37 -24.63 27.35
CA LEU B 357 -8.43 -23.76 27.84
C LEU B 357 -9.81 -24.20 27.37
N GLN B 358 -9.91 -25.08 26.38
CA GLN B 358 -11.17 -25.44 25.76
C GLN B 358 -11.32 -26.95 25.66
N ARG B 359 -10.93 -27.67 26.70
CA ARG B 359 -11.15 -29.11 26.73
C ARG B 359 -12.64 -29.37 26.80
N GLU B 360 -13.13 -30.23 25.90
CA GLU B 360 -14.51 -30.66 25.86
C GLU B 360 -14.53 -32.15 25.55
N ILE B 361 -15.27 -32.91 26.35
CA ILE B 361 -15.33 -34.36 26.22
C ILE B 361 -16.80 -34.76 26.13
N HIS B 362 -17.13 -35.60 25.16
CA HIS B 362 -18.47 -36.17 24.99
C HIS B 362 -18.34 -37.66 25.26
N GLU B 363 -18.49 -38.05 26.52
CA GLU B 363 -18.34 -39.43 26.93
C GLU B 363 -18.91 -39.54 28.34
N PRO B 364 -19.69 -40.58 28.67
CA PRO B 364 -20.26 -40.64 30.01
C PRO B 364 -19.20 -40.82 31.08
N GLU B 365 -19.45 -40.24 32.24
CA GLU B 365 -18.63 -40.42 33.43
C GLU B 365 -17.21 -39.91 33.26
N CYS B 366 -16.93 -39.18 32.18
CA CYS B 366 -15.58 -38.72 31.86
C CYS B 366 -15.54 -37.25 31.48
N ARG B 367 -16.62 -36.51 31.70
CA ARG B 367 -16.61 -35.07 31.42
C ARG B 367 -15.90 -34.29 32.51
N HIS B 368 -15.64 -34.88 33.66
CA HIS B 368 -15.02 -34.17 34.78
C HIS B 368 -13.66 -33.60 34.42
N LEU B 369 -12.96 -34.19 33.47
CA LEU B 369 -11.71 -33.59 33.06
C LEU B 369 -11.94 -32.30 32.29
N SER B 370 -12.93 -32.30 31.40
CA SER B 370 -13.11 -31.19 30.48
C SER B 370 -13.54 -29.94 31.22
N ARG B 371 -13.43 -28.79 30.55
CA ARG B 371 -13.70 -27.50 31.19
C ARG B 371 -14.61 -26.56 30.42
N LYS B 372 -14.82 -26.77 29.13
CA LYS B 372 -15.82 -26.03 28.37
C LYS B 372 -17.08 -26.87 28.32
N PHE B 373 -18.16 -26.36 28.89
CA PHE B 373 -19.40 -27.09 29.05
C PHE B 373 -20.48 -26.43 28.20
N THR B 374 -21.69 -26.97 28.30
CA THR B 374 -22.87 -26.34 27.70
C THR B 374 -23.99 -26.35 28.72
N GLU B 375 -24.46 -25.17 29.12
CA GLU B 375 -25.61 -25.14 30.03
C GLU B 375 -26.87 -25.52 29.27
N TRP B 376 -27.15 -24.85 28.16
CA TRP B 376 -28.28 -25.22 27.33
C TRP B 376 -27.93 -24.95 25.88
N ALA B 377 -28.70 -25.60 25.02
CA ALA B 377 -28.48 -25.55 23.58
C ALA B 377 -29.83 -25.80 22.93
N TYR B 378 -30.50 -24.73 22.56
CA TYR B 378 -31.69 -24.82 21.73
C TYR B 378 -31.20 -24.87 20.29
N GLY B 379 -32.09 -24.71 19.30
CA GLY B 379 -31.73 -24.88 17.91
C GLY B 379 -30.55 -24.03 17.49
N PRO B 380 -30.71 -22.71 17.51
CA PRO B 380 -29.60 -21.80 17.21
C PRO B 380 -28.87 -21.25 18.41
N VAL B 381 -29.46 -21.28 19.61
CA VAL B 381 -28.92 -20.63 20.80
C VAL B 381 -28.11 -21.67 21.57
N HIS B 382 -26.85 -21.35 21.86
CA HIS B 382 -25.97 -22.25 22.62
C HIS B 382 -25.23 -21.43 23.67
N SER B 383 -25.40 -21.79 24.94
CA SER B 383 -24.87 -20.99 26.05
C SER B 383 -23.82 -21.82 26.79
N SER B 384 -22.56 -21.60 26.47
CA SER B 384 -21.49 -22.43 27.03
C SER B 384 -20.97 -21.84 28.34
N LEU B 385 -20.31 -22.69 29.11
CA LEU B 385 -19.68 -22.32 30.37
C LEU B 385 -18.21 -22.68 30.33
N TYR B 386 -17.34 -21.70 30.54
CA TYR B 386 -15.89 -21.92 30.60
C TYR B 386 -15.47 -21.89 32.06
N ASP B 387 -14.67 -22.86 32.47
CA ASP B 387 -14.13 -22.86 33.83
C ASP B 387 -13.02 -21.82 33.91
N LEU B 388 -13.09 -20.98 34.94
CA LEU B 388 -12.07 -19.97 35.21
C LEU B 388 -11.23 -20.31 36.43
N SER B 389 -11.19 -21.58 36.81
CA SER B 389 -10.24 -21.99 37.83
C SER B 389 -8.85 -21.69 37.33
N CYS B 390 -8.01 -21.17 38.22
CA CYS B 390 -6.60 -20.88 37.93
C CYS B 390 -6.41 -19.79 36.89
N ILE B 391 -7.47 -19.08 36.49
CA ILE B 391 -7.34 -17.98 35.53
C ILE B 391 -7.18 -16.65 36.25
N ASP B 392 -8.01 -16.38 37.25
CA ASP B 392 -7.86 -15.15 38.02
C ASP B 392 -6.85 -15.33 39.16
N THR B 393 -6.92 -16.45 39.88
CA THR B 393 -5.95 -16.71 40.94
C THR B 393 -5.76 -18.21 41.16
N CYS B 394 -4.48 -18.63 41.20
CA CYS B 394 -4.07 -19.94 41.71
C CYS B 394 -3.55 -19.86 43.12
N GLU B 395 -3.56 -18.67 43.74
CA GLU B 395 -2.88 -18.34 45.00
C GLU B 395 -1.36 -18.22 44.83
N LYS B 396 -0.80 -18.63 43.70
CA LYS B 396 0.61 -18.36 43.41
C LYS B 396 0.74 -17.56 42.12
N ASN B 397 0.24 -18.11 41.03
CA ASN B 397 0.41 -17.48 39.72
C ASN B 397 -0.69 -18.00 38.81
N SER B 398 -1.53 -17.10 38.34
CA SER B 398 -2.63 -17.45 37.45
C SER B 398 -2.14 -17.38 36.01
N VAL B 399 -3.04 -17.70 35.08
CA VAL B 399 -2.68 -17.58 33.68
C VAL B 399 -2.46 -16.12 33.32
N LEU B 400 -3.38 -15.25 33.73
CA LEU B 400 -3.27 -13.85 33.35
C LEU B 400 -1.99 -13.24 33.90
N GLU B 401 -1.64 -13.60 35.13
CA GLU B 401 -0.43 -13.05 35.70
C GLU B 401 0.79 -13.42 34.87
N VAL B 402 0.88 -14.69 34.47
CA VAL B 402 2.08 -15.11 33.76
C VAL B 402 2.05 -14.62 32.32
N ILE B 403 0.89 -14.31 31.77
CA ILE B 403 0.90 -13.70 30.44
C ILE B 403 1.34 -12.26 30.54
N ALA B 404 0.56 -11.45 31.24
CA ALA B 404 0.76 -10.01 31.19
C ALA B 404 2.10 -9.60 31.78
N TYR B 405 2.53 -10.24 32.86
CA TYR B 405 3.82 -9.97 33.47
C TYR B 405 4.94 -10.83 32.89
N SER B 406 4.79 -11.25 31.64
CA SER B 406 5.82 -12.02 30.98
C SER B 406 7.12 -11.22 30.89
N SER B 407 8.20 -11.93 30.58
CA SER B 407 9.51 -11.30 30.48
C SER B 407 9.75 -10.66 29.12
N SER B 408 8.78 -10.64 28.23
CA SER B 408 8.83 -10.00 26.91
C SER B 408 9.66 -10.76 25.89
N GLU B 409 10.41 -11.80 26.29
CA GLU B 409 11.09 -12.64 25.33
C GLU B 409 10.20 -13.73 24.77
N THR B 410 9.06 -13.97 25.37
CA THR B 410 8.13 -14.95 24.84
C THR B 410 7.63 -14.48 23.48
N PRO B 411 7.90 -15.20 22.38
CA PRO B 411 7.75 -14.57 21.06
C PRO B 411 6.35 -14.11 20.69
N ASN B 412 5.30 -14.67 21.29
CA ASN B 412 3.93 -14.40 20.87
C ASN B 412 3.04 -14.03 22.04
N ARG B 413 3.60 -13.38 23.07
CA ARG B 413 2.81 -13.00 24.23
C ARG B 413 1.68 -12.06 23.86
N HIS B 414 1.82 -11.29 22.79
CA HIS B 414 0.81 -10.31 22.45
C HIS B 414 -0.51 -10.98 22.11
N ASP B 415 -0.45 -12.09 21.40
CA ASP B 415 -1.67 -12.69 20.89
C ASP B 415 -2.35 -13.62 21.89
N MET B 416 -1.68 -13.98 22.98
CA MET B 416 -2.22 -14.98 23.86
C MET B 416 -3.52 -14.53 24.50
N LEU B 417 -3.73 -13.22 24.63
CA LEU B 417 -4.96 -12.79 25.26
C LEU B 417 -6.17 -12.89 24.35
N LEU B 418 -5.99 -13.19 23.06
CA LEU B 418 -7.15 -13.28 22.18
C LEU B 418 -7.92 -14.59 22.35
N VAL B 419 -7.37 -15.58 23.05
CA VAL B 419 -8.06 -16.85 23.20
C VAL B 419 -9.31 -16.67 24.05
N GLU B 420 -10.42 -17.19 23.55
CA GLU B 420 -11.78 -16.72 23.83
C GLU B 420 -12.10 -16.41 25.28
N PRO B 421 -11.96 -17.35 26.22
CA PRO B 421 -12.38 -17.05 27.59
C PRO B 421 -11.59 -15.92 28.21
N LEU B 422 -10.31 -15.79 27.89
CA LEU B 422 -9.55 -14.68 28.45
C LEU B 422 -10.08 -13.34 27.97
N ASN B 423 -10.26 -13.18 26.67
CA ASN B 423 -10.70 -11.90 26.15
C ASN B 423 -12.08 -11.54 26.66
N ARG B 424 -13.00 -12.51 26.64
CA ARG B 424 -14.30 -12.27 27.23
C ARG B 424 -14.17 -11.84 28.67
N LEU B 425 -13.28 -12.50 29.42
CA LEU B 425 -13.15 -12.23 30.83
C LEU B 425 -12.63 -10.83 31.07
N LEU B 426 -11.59 -10.43 30.33
CA LEU B 426 -11.02 -9.11 30.53
C LEU B 426 -12.03 -8.04 30.19
N GLN B 427 -12.75 -8.21 29.08
CA GLN B 427 -13.73 -7.20 28.74
C GLN B 427 -14.82 -7.12 29.80
N ASP B 428 -15.27 -8.26 30.32
CA ASP B 428 -16.28 -8.22 31.36
C ASP B 428 -15.76 -7.50 32.58
N LYS B 429 -14.54 -7.81 33.00
CA LYS B 429 -13.99 -7.16 34.18
C LYS B 429 -13.87 -5.67 33.94
N TRP B 430 -13.52 -5.28 32.72
CA TRP B 430 -13.39 -3.87 32.38
C TRP B 430 -14.70 -3.16 32.58
N ASP B 431 -15.76 -3.68 31.98
CA ASP B 431 -17.06 -3.04 32.11
C ASP B 431 -17.60 -3.12 33.52
N ARG B 432 -17.15 -4.09 34.31
CA ARG B 432 -17.79 -4.30 35.59
C ARG B 432 -17.44 -3.17 36.54
N PHE B 433 -16.19 -3.06 36.94
CA PHE B 433 -15.78 -2.06 37.93
C PHE B 433 -14.52 -1.31 37.56
N VAL B 434 -13.66 -1.89 36.71
CA VAL B 434 -12.34 -1.28 36.49
C VAL B 434 -12.47 0.01 35.69
N LYS B 435 -13.42 0.07 34.77
CA LYS B 435 -13.58 1.27 33.96
C LYS B 435 -13.82 2.49 34.83
N ARG B 436 -14.67 2.37 35.82
CA ARG B 436 -14.92 3.51 36.69
C ARG B 436 -13.68 3.89 37.47
N ILE B 437 -12.96 2.92 38.01
CA ILE B 437 -11.78 3.27 38.80
C ILE B 437 -10.75 3.92 37.91
N PHE B 438 -10.61 3.44 36.70
CA PHE B 438 -9.59 4.00 35.83
C PHE B 438 -9.93 5.41 35.42
N TYR B 439 -11.19 5.67 35.07
CA TYR B 439 -11.55 7.04 34.76
C TYR B 439 -11.38 7.93 35.97
N PHE B 440 -11.70 7.42 37.15
CA PHE B 440 -11.49 8.24 38.35
C PHE B 440 -10.02 8.55 38.54
N ASN B 441 -9.16 7.58 38.31
CA ASN B 441 -7.74 7.84 38.44
C ASN B 441 -7.29 8.87 37.43
N PHE B 442 -7.81 8.78 36.22
CA PHE B 442 -7.47 9.77 35.20
C PHE B 442 -7.88 11.15 35.64
N PHE B 443 -9.07 11.27 36.18
CA PHE B 443 -9.53 12.58 36.62
C PHE B 443 -8.67 13.11 37.75
N VAL B 444 -8.32 12.24 38.70
CA VAL B 444 -7.51 12.72 39.81
C VAL B 444 -6.15 13.17 39.31
N TYR B 445 -5.58 12.42 38.38
CA TYR B 445 -4.28 12.82 37.86
C TYR B 445 -4.37 14.15 37.15
N CYS B 446 -5.43 14.37 36.38
CA CYS B 446 -5.58 15.67 35.72
C CYS B 446 -5.69 16.79 36.75
N LEU B 447 -6.43 16.58 37.82
CA LEU B 447 -6.49 17.62 38.84
C LEU B 447 -5.13 17.86 39.44
N TYR B 448 -4.37 16.80 39.64
CA TYR B 448 -3.04 16.97 40.20
C TYR B 448 -2.17 17.78 39.27
N MET B 449 -2.24 17.51 37.97
CA MET B 449 -1.40 18.26 37.05
C MET B 449 -1.81 19.72 37.00
N ILE B 450 -3.11 20.00 37.05
CA ILE B 450 -3.53 21.39 37.04
C ILE B 450 -3.01 22.09 38.28
N ILE B 451 -3.12 21.43 39.43
CA ILE B 451 -2.65 22.05 40.66
C ILE B 451 -1.16 22.30 40.57
N PHE B 452 -0.41 21.35 40.04
CA PHE B 452 1.02 21.53 39.97
C PHE B 452 1.37 22.67 39.05
N THR B 453 0.68 22.76 37.92
CA THR B 453 0.94 23.83 36.97
C THR B 453 0.69 25.18 37.64
N ALA B 454 -0.43 25.31 38.34
CA ALA B 454 -0.73 26.60 38.97
C ALA B 454 0.29 26.93 40.02
N ALA B 455 0.65 25.96 40.86
CA ALA B 455 1.58 26.25 41.94
C ALA B 455 2.95 26.62 41.42
N ALA B 456 3.36 26.03 40.30
CA ALA B 456 4.65 26.39 39.75
C ALA B 456 4.60 27.75 39.10
N TYR B 457 3.56 28.03 38.32
CA TYR B 457 3.53 29.23 37.50
C TYR B 457 3.62 30.48 38.36
N TYR B 458 2.93 30.50 39.50
CA TYR B 458 2.97 31.63 40.41
C TYR B 458 4.07 31.52 41.44
N ARG B 459 5.18 30.87 41.13
CA ARG B 459 6.28 30.86 42.08
C ARG B 459 6.77 32.29 42.27
N PRO B 460 7.29 32.62 43.46
CA PRO B 460 7.85 33.96 43.66
C PRO B 460 9.20 34.07 42.99
N VAL B 461 9.60 35.32 42.72
CA VAL B 461 10.84 35.62 42.01
C VAL B 461 11.85 36.31 42.91
N GLU B 462 11.78 36.10 44.22
CA GLU B 462 12.81 36.59 45.12
C GLU B 462 14.01 35.65 45.12
N GLY B 463 15.06 36.06 45.82
CA GLY B 463 16.27 35.27 45.89
C GLY B 463 16.25 34.23 47.00
N LEU B 464 16.95 33.13 46.75
CA LEU B 464 17.35 32.19 47.79
C LEU B 464 16.21 31.65 48.63
N PRO B 465 15.44 30.67 48.14
CA PRO B 465 14.41 30.06 48.98
C PRO B 465 15.01 29.40 50.20
N PRO B 466 14.19 28.87 51.12
CA PRO B 466 12.73 28.86 51.19
C PRO B 466 12.14 30.23 51.37
N TYR B 467 10.97 30.44 50.80
CA TYR B 467 10.32 31.75 50.83
C TYR B 467 9.27 31.77 51.93
N LYS B 468 9.41 32.71 52.87
CA LYS B 468 8.47 32.80 53.97
C LYS B 468 7.13 33.30 53.47
N LEU B 469 6.06 32.85 54.11
CA LEU B 469 4.72 33.16 53.66
C LEU B 469 4.26 34.53 54.15
N LYS B 470 3.26 35.05 53.46
CA LYS B 470 2.59 36.29 53.81
C LYS B 470 1.15 36.00 54.20
N ASN B 471 0.53 36.99 54.84
CA ASN B 471 -0.81 36.81 55.34
C ASN B 471 -1.87 36.83 54.25
N THR B 472 -1.52 37.27 53.04
CA THR B 472 -2.51 37.28 51.97
C THR B 472 -2.90 35.85 51.62
N VAL B 473 -4.19 35.67 51.32
CA VAL B 473 -4.73 34.34 51.09
C VAL B 473 -4.12 33.67 49.87
N GLY B 474 -3.62 34.47 48.91
CA GLY B 474 -2.96 33.91 47.76
C GLY B 474 -1.80 33.02 48.14
N ASP B 475 -1.02 33.45 49.14
CA ASP B 475 0.10 32.63 49.56
C ASP B 475 -0.36 31.33 50.19
N TYR B 476 -1.49 31.34 50.89
CA TYR B 476 -2.01 30.09 51.42
C TYR B 476 -2.39 29.13 50.30
N PHE B 477 -3.07 29.64 49.27
CA PHE B 477 -3.37 28.78 48.13
C PHE B 477 -2.09 28.23 47.52
N ARG B 478 -1.09 29.10 47.34
CA ARG B 478 0.14 28.68 46.68
C ARG B 478 0.87 27.62 47.48
N VAL B 479 0.99 27.82 48.78
CA VAL B 479 1.76 26.86 49.56
C VAL B 479 1.00 25.55 49.67
N THR B 480 -0.32 25.59 49.76
CA THR B 480 -1.07 24.34 49.71
C THR B 480 -0.86 23.63 48.38
N GLY B 481 -0.80 24.39 47.29
CA GLY B 481 -0.51 23.79 46.01
C GLY B 481 0.85 23.13 45.98
N GLU B 482 1.85 23.80 46.56
CA GLU B 482 3.18 23.20 46.58
C GLU B 482 3.18 21.91 47.38
N ILE B 483 2.47 21.90 48.51
CA ILE B 483 2.41 20.69 49.32
C ILE B 483 1.73 19.57 48.57
N LEU B 484 0.60 19.85 47.91
CA LEU B 484 -0.06 18.80 47.16
C LEU B 484 0.82 18.30 46.04
N SER B 485 1.56 19.19 45.38
CA SER B 485 2.41 18.78 44.29
C SER B 485 3.49 17.83 44.78
N VAL B 486 4.14 18.18 45.88
CA VAL B 486 5.19 17.32 46.40
C VAL B 486 4.59 16.00 46.89
N SER B 487 3.40 16.05 47.45
CA SER B 487 2.75 14.81 47.89
C SER B 487 2.53 13.89 46.72
N GLY B 488 2.02 14.43 45.62
CA GLY B 488 1.83 13.59 44.45
C GLY B 488 3.15 13.03 43.95
N GLY B 489 4.20 13.83 43.99
CA GLY B 489 5.49 13.35 43.55
C GLY B 489 5.95 12.14 44.35
N VAL B 490 5.85 12.24 45.68
CA VAL B 490 6.34 11.13 46.48
C VAL B 490 5.40 9.93 46.36
N TYR B 491 4.11 10.17 46.16
CA TYR B 491 3.19 9.06 45.96
C TYR B 491 3.57 8.26 44.74
N PHE B 492 3.86 8.95 43.64
CA PHE B 492 4.33 8.21 42.46
C PHE B 492 5.68 7.56 42.72
N PHE B 493 6.52 8.16 43.54
CA PHE B 493 7.78 7.51 43.89
C PHE B 493 7.55 6.15 44.51
N PHE B 494 6.66 6.10 45.49
CA PHE B 494 6.42 4.83 46.17
C PHE B 494 5.68 3.84 45.29
N ARG B 495 4.77 4.28 44.43
CA ARG B 495 4.18 3.33 43.50
C ARG B 495 5.23 2.76 42.57
N GLY B 496 6.19 3.59 42.15
CA GLY B 496 7.27 3.07 41.34
C GLY B 496 8.08 2.02 42.07
N ILE B 497 8.45 2.30 43.32
CA ILE B 497 9.22 1.32 44.08
C ILE B 497 8.41 0.06 44.28
N GLN B 498 7.11 0.17 44.51
CA GLN B 498 6.29 -1.01 44.69
C GLN B 498 6.30 -1.85 43.43
N TYR B 499 6.18 -1.22 42.26
CA TYR B 499 6.29 -1.98 41.03
C TYR B 499 7.63 -2.70 40.96
N PHE B 500 8.71 -1.99 41.24
CA PHE B 500 10.05 -2.58 41.10
C PHE B 500 10.24 -3.76 42.05
N LEU B 501 9.77 -3.62 43.29
CA LEU B 501 9.94 -4.69 44.25
C LEU B 501 9.03 -5.86 43.93
N GLN B 502 7.79 -5.60 43.55
CA GLN B 502 6.86 -6.70 43.36
C GLN B 502 7.18 -7.51 42.12
N ARG B 503 7.56 -6.85 41.03
CA ARG B 503 7.84 -7.58 39.80
C ARG B 503 9.31 -7.96 39.66
N ARG B 504 10.22 -7.18 40.21
CA ARG B 504 11.66 -7.43 40.10
C ARG B 504 12.11 -7.69 38.66
N PRO B 505 11.88 -6.75 37.74
CA PRO B 505 12.57 -6.81 36.46
C PRO B 505 14.06 -6.55 36.66
N SER B 506 14.88 -7.16 35.79
CA SER B 506 16.33 -7.16 35.96
C SER B 506 17.01 -6.84 34.63
N LEU B 507 17.40 -5.58 34.45
CA LEU B 507 18.42 -5.16 33.48
C LEU B 507 18.04 -5.33 32.02
N LYS B 508 16.91 -5.97 31.71
CA LYS B 508 16.54 -6.28 30.34
C LYS B 508 15.18 -5.70 29.99
N SER B 509 14.17 -5.95 30.83
CA SER B 509 12.84 -5.47 30.51
C SER B 509 12.74 -3.96 30.67
N LEU B 510 13.62 -3.35 31.45
CA LEU B 510 13.58 -1.90 31.60
C LEU B 510 13.97 -1.17 30.31
N PHE B 511 14.65 -1.84 29.38
CA PHE B 511 14.89 -1.23 28.08
C PHE B 511 13.76 -1.43 27.10
N VAL B 512 13.03 -2.55 27.20
CA VAL B 512 12.03 -2.90 26.20
C VAL B 512 10.62 -2.84 26.73
N ASP B 513 10.43 -2.67 28.03
CA ASP B 513 9.12 -2.88 28.59
C ASP B 513 8.96 -1.95 29.78
N SER B 514 7.70 -1.70 30.16
CA SER B 514 7.39 -0.84 31.29
C SER B 514 8.01 0.53 31.14
N TYR B 515 7.81 1.15 29.99
CA TYR B 515 8.20 2.55 29.87
C TYR B 515 7.36 3.43 30.77
N SER B 516 6.08 3.11 30.92
CA SER B 516 5.22 4.01 31.68
C SER B 516 5.63 4.08 33.12
N GLU B 517 5.97 2.94 33.73
CA GLU B 517 6.34 2.97 35.12
C GLU B 517 7.64 3.73 35.30
N ILE B 518 8.57 3.54 34.37
CA ILE B 518 9.85 4.24 34.45
C ILE B 518 9.63 5.73 34.33
N LEU B 519 8.80 6.16 33.38
CA LEU B 519 8.64 7.59 33.17
C LEU B 519 7.95 8.25 34.34
N PHE B 520 6.91 7.62 34.89
CA PHE B 520 6.30 8.20 36.07
C PHE B 520 7.29 8.24 37.22
N PHE B 521 8.15 7.22 37.34
CA PHE B 521 9.16 7.27 38.37
C PHE B 521 10.11 8.43 38.14
N VAL B 522 10.51 8.67 36.89
CA VAL B 522 11.47 9.73 36.62
C VAL B 522 10.86 11.08 36.96
N GLN B 523 9.57 11.25 36.70
CA GLN B 523 8.91 12.44 37.18
C GLN B 523 9.05 12.56 38.68
N SER B 524 8.83 11.46 39.40
CA SER B 524 8.96 11.55 40.84
C SER B 524 10.37 11.95 41.24
N LEU B 525 11.37 11.42 40.55
CA LEU B 525 12.75 11.77 40.89
C LEU B 525 12.98 13.26 40.68
N PHE B 526 12.48 13.81 39.58
CA PHE B 526 12.72 15.23 39.35
C PHE B 526 12.03 16.07 40.41
N MET B 527 10.83 15.70 40.80
CA MET B 527 10.17 16.46 41.86
C MET B 527 10.98 16.40 43.13
N LEU B 528 11.52 15.23 43.48
CA LEU B 528 12.26 15.13 44.73
C LEU B 528 13.54 15.96 44.68
N VAL B 529 14.25 15.91 43.56
CA VAL B 529 15.45 16.74 43.44
C VAL B 529 15.06 18.20 43.58
N SER B 530 13.90 18.58 43.06
CA SER B 530 13.45 19.95 43.24
C SER B 530 13.23 20.26 44.70
N VAL B 531 12.65 19.34 45.46
CA VAL B 531 12.45 19.61 46.88
C VAL B 531 13.78 19.80 47.59
N VAL B 532 14.74 18.92 47.29
CA VAL B 532 16.06 19.01 47.90
C VAL B 532 16.68 20.36 47.61
N LEU B 533 16.73 20.73 46.33
CA LEU B 533 17.36 22.00 45.98
C LEU B 533 16.56 23.18 46.50
N TYR B 534 15.25 23.02 46.67
CA TYR B 534 14.47 24.08 47.26
C TYR B 534 14.93 24.35 48.68
N PHE B 535 15.12 23.30 49.46
CA PHE B 535 15.46 23.51 50.86
C PHE B 535 16.95 23.61 51.11
N SER B 536 17.80 23.46 50.10
CA SER B 536 19.21 23.72 50.25
C SER B 536 19.57 25.15 49.95
N GLN B 537 18.59 26.04 49.83
CA GLN B 537 18.86 27.44 49.52
C GLN B 537 19.63 27.56 48.21
N ARG B 538 18.99 27.13 47.14
CA ARG B 538 19.53 27.30 45.80
C ARG B 538 18.43 27.77 44.87
N LYS B 539 18.83 28.44 43.81
CA LYS B 539 17.90 28.85 42.77
C LYS B 539 17.65 27.74 41.77
N GLU B 540 18.54 26.76 41.67
CA GLU B 540 18.46 25.81 40.58
C GLU B 540 17.26 24.90 40.67
N TYR B 541 16.53 24.91 41.79
CA TYR B 541 15.41 23.99 41.95
C TYR B 541 14.43 24.15 40.81
N VAL B 542 14.28 25.37 40.29
CA VAL B 542 13.26 25.59 39.28
C VAL B 542 13.55 24.71 38.10
N ALA B 543 14.82 24.51 37.76
CA ALA B 543 15.15 23.65 36.64
C ALA B 543 14.55 22.27 36.85
N SER B 544 14.80 21.67 38.01
CA SER B 544 14.23 20.36 38.26
C SER B 544 12.73 20.40 38.19
N MET B 545 12.11 21.39 38.83
CA MET B 545 10.66 21.44 38.83
C MET B 545 10.15 21.48 37.42
N VAL B 546 10.81 22.28 36.59
CA VAL B 546 10.33 22.48 35.24
C VAL B 546 10.34 21.18 34.50
N PHE B 547 11.42 20.43 34.61
CA PHE B 547 11.47 19.19 33.84
C PHE B 547 10.35 18.29 34.27
N SER B 548 10.11 18.19 35.57
CA SER B 548 9.04 17.36 36.06
C SER B 548 7.74 17.80 35.44
N LEU B 549 7.50 19.11 35.44
CA LEU B 549 6.25 19.62 34.94
C LEU B 549 6.07 19.25 33.49
N ALA B 550 7.12 19.37 32.68
CA ALA B 550 6.98 18.99 31.29
C ALA B 550 6.63 17.52 31.18
N MET B 551 7.37 16.66 31.87
CA MET B 551 7.03 15.25 31.80
C MET B 551 5.67 15.00 32.40
N GLY B 552 5.31 15.79 33.40
CA GLY B 552 4.02 15.60 34.04
C GLY B 552 2.89 15.73 33.06
N TRP B 553 3.07 16.53 32.01
CA TRP B 553 2.04 16.63 31.00
C TRP B 553 2.20 15.58 29.93
N THR B 554 3.44 15.31 29.50
CA THR B 554 3.57 14.37 28.40
C THR B 554 3.23 12.96 28.83
N ASN B 555 3.27 12.68 30.12
CA ASN B 555 2.83 11.38 30.59
C ASN B 555 1.33 11.26 30.63
N MET B 556 0.60 12.35 30.41
CA MET B 556 -0.84 12.24 30.34
C MET B 556 -1.27 11.23 29.29
N LEU B 557 -0.48 11.04 28.24
CA LEU B 557 -0.84 10.06 27.23
C LEU B 557 -0.94 8.64 27.78
N TYR B 558 -0.34 8.36 28.93
CA TYR B 558 -0.53 7.04 29.53
C TYR B 558 -1.99 6.74 29.73
N TYR B 559 -2.79 7.74 30.05
CA TYR B 559 -4.19 7.50 30.28
C TYR B 559 -5.00 7.36 29.01
N THR B 560 -4.40 7.41 27.83
CA THR B 560 -5.22 7.19 26.66
C THR B 560 -5.73 5.76 26.60
N ARG B 561 -4.99 4.80 27.13
CA ARG B 561 -5.50 3.45 27.20
C ARG B 561 -6.81 3.48 27.98
N GLY B 562 -7.79 2.75 27.47
CA GLY B 562 -9.15 2.87 27.90
C GLY B 562 -10.04 3.49 26.84
N PHE B 563 -9.44 4.26 25.94
CA PHE B 563 -10.15 4.84 24.81
C PHE B 563 -9.57 4.20 23.57
N GLN B 564 -10.33 3.29 22.96
CA GLN B 564 -9.80 2.40 21.93
C GLN B 564 -9.15 3.18 20.81
N GLN B 565 -9.91 4.07 20.17
CA GLN B 565 -9.41 4.80 19.03
C GLN B 565 -8.20 5.66 19.40
N MET B 566 -8.13 6.17 20.64
CA MET B 566 -6.97 6.94 21.05
C MET B 566 -5.85 6.06 21.55
N GLY B 567 -6.16 4.97 22.23
CA GLY B 567 -5.11 4.12 22.75
C GLY B 567 -4.27 3.55 21.65
N ILE B 568 -4.89 3.17 20.54
CA ILE B 568 -4.12 2.64 19.43
C ILE B 568 -3.16 3.68 18.91
N TYR B 569 -3.63 4.91 18.78
CA TYR B 569 -2.78 5.98 18.28
C TYR B 569 -1.60 6.22 19.21
N ALA B 570 -1.86 6.21 20.51
CA ALA B 570 -0.77 6.41 21.45
C ALA B 570 0.26 5.30 21.35
N VAL B 571 -0.19 4.07 21.14
CA VAL B 571 0.78 2.99 20.99
C VAL B 571 1.59 3.18 19.72
N MET B 572 0.96 3.63 18.65
CA MET B 572 1.74 3.85 17.44
C MET B 572 2.78 4.94 17.66
N ILE B 573 2.46 5.96 18.43
CA ILE B 573 3.47 6.96 18.75
C ILE B 573 4.63 6.32 19.51
N GLU B 574 4.31 5.46 20.48
CA GLU B 574 5.39 4.85 21.25
C GLU B 574 6.31 4.05 20.35
N LYS B 575 5.74 3.25 19.44
CA LYS B 575 6.57 2.43 18.58
C LYS B 575 7.40 3.28 17.64
N MET B 576 6.83 4.36 17.11
CA MET B 576 7.65 5.18 16.22
C MET B 576 8.75 5.90 16.97
N ILE B 577 8.50 6.38 18.18
CA ILE B 577 9.58 7.04 18.89
C ILE B 577 10.70 6.06 19.16
N LEU B 578 10.37 4.81 19.44
CA LEU B 578 11.46 3.85 19.65
C LEU B 578 12.23 3.60 18.36
N ARG B 579 11.54 3.31 17.27
CA ARG B 579 12.26 2.88 16.07
C ARG B 579 12.81 4.06 15.28
N ASP B 580 11.92 4.87 14.73
CA ASP B 580 12.35 5.75 13.66
C ASP B 580 13.12 6.94 14.16
N LEU B 581 12.94 7.37 15.40
CA LEU B 581 13.80 8.41 15.96
C LEU B 581 15.04 7.87 16.64
N CYS B 582 15.42 6.62 16.39
CA CYS B 582 16.83 6.27 16.48
C CYS B 582 17.42 6.15 15.09
N ARG B 583 16.72 5.44 14.21
CA ARG B 583 17.22 5.26 12.86
C ARG B 583 17.44 6.60 12.18
N PHE B 584 16.53 7.53 12.39
CA PHE B 584 16.68 8.85 11.81
C PHE B 584 17.78 9.62 12.50
N MET B 585 17.73 9.69 13.83
CA MET B 585 18.59 10.67 14.47
C MET B 585 20.05 10.31 14.35
N PHE B 586 20.41 9.03 14.20
CA PHE B 586 21.83 8.77 13.94
C PHE B 586 22.27 9.43 12.64
N VAL B 587 21.51 9.22 11.57
CA VAL B 587 21.88 9.76 10.29
C VAL B 587 21.86 11.26 10.32
N TYR B 588 20.83 11.83 10.92
CA TYR B 588 20.69 13.27 10.91
C TYR B 588 21.80 13.92 11.71
N LEU B 589 22.09 13.42 12.90
CA LEU B 589 23.16 14.02 13.67
C LEU B 589 24.48 13.86 12.95
N VAL B 590 24.68 12.78 12.22
CA VAL B 590 25.93 12.63 11.49
C VAL B 590 26.05 13.74 10.45
N PHE B 591 25.03 13.91 9.61
CA PHE B 591 25.13 14.93 8.57
C PHE B 591 25.29 16.30 9.20
N LEU B 592 24.49 16.61 10.21
CA LEU B 592 24.52 17.93 10.82
C LEU B 592 25.88 18.21 11.40
N PHE B 593 26.42 17.28 12.16
CA PHE B 593 27.70 17.51 12.80
C PHE B 593 28.79 17.64 11.76
N GLY B 594 28.71 16.86 10.69
CA GLY B 594 29.70 16.99 9.64
C GLY B 594 29.73 18.38 9.04
N PHE B 595 28.59 18.83 8.51
CA PHE B 595 28.61 20.12 7.84
C PHE B 595 28.79 21.24 8.83
N SER B 596 28.40 21.07 10.09
CA SER B 596 28.65 22.11 11.07
C SER B 596 30.12 22.28 11.30
N THR B 597 30.85 21.19 11.48
CA THR B 597 32.28 21.33 11.71
C THR B 597 32.98 21.84 10.47
N ALA B 598 32.52 21.45 9.29
CA ALA B 598 33.11 22.02 8.07
C ALA B 598 32.91 23.52 8.02
N VAL B 599 31.67 23.98 8.17
CA VAL B 599 31.39 25.40 8.04
C VAL B 599 32.12 26.19 9.10
N VAL B 600 32.09 25.73 10.34
CA VAL B 600 32.74 26.50 11.39
C VAL B 600 34.25 26.47 11.21
N THR B 601 34.77 25.40 10.65
CA THR B 601 36.18 25.37 10.30
C THR B 601 36.50 26.46 9.31
N LEU B 602 35.62 26.63 8.33
CA LEU B 602 35.89 27.58 7.26
C LEU B 602 35.77 29.01 7.78
N ILE B 603 34.56 29.39 8.20
CA ILE B 603 34.29 30.79 8.50
C ILE B 603 34.98 31.12 9.82
N GLU B 604 36.13 31.76 9.74
CA GLU B 604 36.83 32.21 10.95
C GLU B 604 37.45 33.56 10.67
N ASP B 605 36.81 34.60 11.20
CA ASP B 605 37.28 35.97 11.10
C ASP B 605 38.70 36.12 11.64
N SER B 630 30.39 36.87 13.70
CA SER B 630 30.63 36.71 15.13
C SER B 630 30.45 35.29 15.63
N TYR B 631 29.95 34.40 14.76
CA TYR B 631 29.58 33.06 15.17
C TYR B 631 30.82 32.31 15.62
N ASN B 632 31.69 31.96 14.67
CA ASN B 632 33.02 31.40 14.93
C ASN B 632 33.00 30.31 15.99
N SER B 633 31.87 29.61 16.10
CA SER B 633 31.58 28.78 17.24
C SER B 633 30.85 27.55 16.80
N LEU B 634 31.26 26.41 17.29
CA LEU B 634 30.60 25.19 16.88
C LEU B 634 29.16 25.17 17.38
N TYR B 635 28.87 25.79 18.51
CA TYR B 635 27.49 25.76 18.99
C TYR B 635 26.57 26.56 18.10
N SER B 636 26.87 27.84 17.92
CA SER B 636 25.94 28.68 17.16
C SER B 636 25.81 28.19 15.74
N THR B 637 26.89 27.66 15.16
CA THR B 637 26.75 27.09 13.83
C THR B 637 25.93 25.82 13.86
N CYS B 638 26.05 25.01 14.91
CA CYS B 638 25.16 23.86 15.00
C CYS B 638 23.72 24.32 15.01
N LEU B 639 23.41 25.41 15.71
CA LEU B 639 22.04 25.92 15.65
C LEU B 639 21.69 26.42 14.27
N GLU B 640 22.56 27.19 13.64
CA GLU B 640 22.16 27.79 12.38
C GLU B 640 21.95 26.74 11.31
N LEU B 641 22.69 25.66 11.38
CA LEU B 641 22.41 24.57 10.46
C LEU B 641 21.24 23.74 10.93
N PHE B 642 20.94 23.74 12.21
CA PHE B 642 19.72 23.07 12.62
C PHE B 642 18.52 23.75 12.02
N LYS B 643 18.56 25.08 11.94
CA LYS B 643 17.38 25.81 11.54
C LYS B 643 16.92 25.49 10.13
N PHE B 644 17.76 24.92 9.29
CA PHE B 644 17.27 24.56 7.97
C PHE B 644 16.25 23.45 8.03
N THR B 645 16.17 22.73 9.13
CA THR B 645 15.21 21.65 9.21
C THR B 645 13.84 22.12 9.62
N ILE B 646 13.74 23.16 10.44
CA ILE B 646 12.45 23.73 10.78
C ILE B 646 12.07 24.87 9.84
N GLY B 647 12.73 24.97 8.68
CA GLY B 647 12.33 26.01 7.77
C GLY B 647 12.61 27.41 8.25
N MET B 648 13.80 27.65 8.79
CA MET B 648 14.21 29.03 9.05
C MET B 648 15.70 29.23 8.79
N GLY B 649 16.33 28.44 7.95
CA GLY B 649 17.70 28.71 7.58
C GLY B 649 17.78 29.95 6.73
N ASP B 650 18.96 30.55 6.70
CA ASP B 650 19.13 31.82 5.99
C ASP B 650 19.84 31.70 4.66
N LEU B 651 20.86 30.86 4.58
CA LEU B 651 21.76 30.70 3.43
C LEU B 651 22.76 31.84 3.30
N GLU B 652 22.62 32.90 4.05
N GLU B 652 22.65 32.87 4.11
CA GLU B 652 23.65 33.96 4.13
CA GLU B 652 23.59 33.97 4.13
C GLU B 652 23.79 34.43 5.57
C GLU B 652 23.79 34.43 5.57
N PHE B 653 23.88 33.47 6.51
CA PHE B 653 23.89 33.83 7.92
C PHE B 653 25.17 34.50 8.36
N THR B 654 26.20 34.53 7.51
CA THR B 654 27.33 35.40 7.76
C THR B 654 27.96 35.76 6.42
N GLU B 655 28.76 36.82 6.44
CA GLU B 655 29.62 37.17 5.33
C GLU B 655 31.08 37.29 5.72
N ASN B 656 31.43 36.98 6.97
CA ASN B 656 32.79 37.09 7.44
C ASN B 656 33.55 35.83 7.05
N TYR B 657 34.00 35.81 5.80
CA TYR B 657 34.85 34.74 5.29
C TYR B 657 35.30 35.11 3.90
N ASP B 658 36.26 34.35 3.40
CA ASP B 658 36.51 34.23 1.98
C ASP B 658 36.07 32.84 1.55
N PHE B 659 36.32 32.49 0.30
CA PHE B 659 35.94 31.20 -0.26
C PHE B 659 34.42 31.05 -0.29
N LYS B 660 33.76 32.11 -0.74
CA LYS B 660 32.30 32.15 -0.68
C LYS B 660 31.69 31.02 -1.47
N ALA B 661 32.33 30.62 -2.56
CA ALA B 661 31.83 29.48 -3.31
C ALA B 661 31.88 28.22 -2.46
N VAL B 662 32.93 28.04 -1.68
CA VAL B 662 32.99 26.84 -0.85
C VAL B 662 31.88 26.87 0.18
N PHE B 663 31.71 28.00 0.83
CA PHE B 663 30.71 28.10 1.88
C PHE B 663 29.32 27.84 1.33
N ILE B 664 29.01 28.42 0.17
CA ILE B 664 27.69 28.18 -0.39
C ILE B 664 27.56 26.74 -0.82
N ILE B 665 28.61 26.13 -1.35
CA ILE B 665 28.46 24.74 -1.78
C ILE B 665 28.18 23.86 -0.59
N LEU B 666 28.84 24.14 0.53
CA LEU B 666 28.55 23.35 1.72
C LEU B 666 27.12 23.51 2.13
N LEU B 667 26.62 24.75 2.19
CA LEU B 667 25.25 24.90 2.65
C LEU B 667 24.26 24.27 1.67
N LEU B 668 24.48 24.42 0.37
CA LEU B 668 23.54 23.82 -0.56
C LEU B 668 23.60 22.32 -0.49
N ALA B 669 24.78 21.74 -0.31
CA ALA B 669 24.87 20.31 -0.16
C ALA B 669 24.15 19.87 1.10
N TYR B 670 24.30 20.63 2.18
CA TYR B 670 23.62 20.26 3.40
C TYR B 670 22.12 20.33 3.23
N VAL B 671 21.63 21.40 2.62
CA VAL B 671 20.20 21.56 2.47
C VAL B 671 19.64 20.45 1.63
N ILE B 672 20.32 20.11 0.54
CA ILE B 672 19.81 19.07 -0.34
C ILE B 672 19.82 17.71 0.35
N LEU B 673 20.93 17.37 1.00
CA LEU B 673 21.00 16.05 1.61
C LEU B 673 20.02 15.91 2.75
N THR B 674 19.78 16.98 3.50
CA THR B 674 19.00 16.87 4.72
C THR B 674 17.56 17.35 4.56
N TYR B 675 17.36 18.61 4.22
CA TYR B 675 16.00 19.12 4.14
C TYR B 675 15.22 18.49 2.99
N ILE B 676 15.85 18.27 1.85
CA ILE B 676 15.11 17.76 0.70
C ILE B 676 14.94 16.26 0.79
N LEU B 677 16.01 15.52 1.07
CA LEU B 677 15.95 14.07 1.05
C LEU B 677 15.51 13.51 2.39
N LEU B 678 16.35 13.71 3.42
CA LEU B 678 16.26 12.84 4.58
C LEU B 678 14.93 13.00 5.31
N LEU B 679 14.42 14.23 5.41
CA LEU B 679 13.10 14.40 6.00
C LEU B 679 12.04 13.65 5.21
N ASN B 680 12.16 13.63 3.90
CA ASN B 680 11.14 12.97 3.13
C ASN B 680 11.31 11.45 3.17
N MET B 681 12.53 10.98 3.37
CA MET B 681 12.70 9.59 3.73
C MET B 681 12.00 9.27 5.03
N LEU B 682 12.10 10.18 6.00
CA LEU B 682 11.46 9.93 7.28
C LEU B 682 9.96 9.77 7.08
N ILE B 683 9.36 10.63 6.27
CA ILE B 683 7.92 10.53 6.07
C ILE B 683 7.57 9.23 5.37
N ALA B 684 8.32 8.86 4.33
CA ALA B 684 8.00 7.63 3.63
C ALA B 684 8.12 6.41 4.54
N LEU B 685 9.19 6.33 5.32
CA LEU B 685 9.39 5.16 6.16
C LEU B 685 8.39 5.09 7.29
N MET B 686 8.01 6.22 7.86
CA MET B 686 6.90 6.19 8.80
C MET B 686 5.65 5.69 8.11
N GLY B 687 5.47 6.00 6.83
CA GLY B 687 4.33 5.46 6.12
C GLY B 687 4.36 3.94 6.05
N GLU B 688 5.51 3.37 5.71
CA GLU B 688 5.57 1.92 5.61
C GLU B 688 5.40 1.25 6.97
N THR B 689 6.03 1.80 8.00
CA THR B 689 5.87 1.21 9.32
C THR B 689 4.42 1.29 9.79
N VAL B 690 3.72 2.38 9.48
CA VAL B 690 2.29 2.43 9.78
C VAL B 690 1.57 1.29 9.09
N ASN B 691 1.89 1.07 7.81
CA ASN B 691 1.23 -0.02 7.12
C ASN B 691 1.54 -1.35 7.79
N LYS B 692 2.71 -1.48 8.37
CA LYS B 692 3.07 -2.77 8.99
C LYS B 692 2.37 -2.98 10.32
N ILE B 693 2.34 -1.98 11.19
CA ILE B 693 1.90 -2.19 12.57
C ILE B 693 0.41 -1.88 12.73
N ALA B 694 -0.38 -2.07 11.68
CA ALA B 694 -1.82 -1.90 11.84
C ALA B 694 -2.38 -2.88 12.84
N GLN B 695 -2.00 -4.16 12.73
CA GLN B 695 -2.58 -5.20 13.58
C GLN B 695 -1.86 -5.36 14.90
N GLU B 696 -0.55 -5.17 14.91
CA GLU B 696 0.21 -5.32 16.14
C GLU B 696 -0.29 -4.36 17.21
N SER B 697 -0.72 -3.17 16.80
CA SER B 697 -1.13 -2.18 17.77
C SER B 697 -2.36 -2.63 18.55
N LYS B 698 -3.33 -3.26 17.90
CA LYS B 698 -4.52 -3.69 18.62
C LYS B 698 -4.14 -4.70 19.70
N ASN B 699 -3.26 -5.63 19.36
CA ASN B 699 -2.83 -6.59 20.37
C ASN B 699 -2.07 -5.89 21.49
N ILE B 700 -1.23 -4.92 21.17
CA ILE B 700 -0.52 -4.24 22.23
C ILE B 700 -1.50 -3.50 23.12
N TRP B 701 -2.50 -2.88 22.52
CA TRP B 701 -3.44 -2.14 23.33
C TRP B 701 -4.22 -3.06 24.23
N LYS B 702 -4.67 -4.20 23.70
CA LYS B 702 -5.40 -5.15 24.54
C LYS B 702 -4.53 -5.60 25.69
N LEU B 703 -3.25 -5.76 25.44
CA LEU B 703 -2.35 -6.10 26.52
C LEU B 703 -2.26 -4.97 27.54
N GLN B 704 -2.19 -3.73 27.09
CA GLN B 704 -2.08 -2.64 28.05
C GLN B 704 -3.33 -2.54 28.90
N ARG B 705 -4.49 -2.73 28.30
CA ARG B 705 -5.71 -2.75 29.09
C ARG B 705 -5.67 -3.93 30.06
N ALA B 706 -5.09 -5.05 29.63
CA ALA B 706 -5.03 -6.21 30.51
C ALA B 706 -4.14 -5.95 31.72
N ILE B 707 -2.97 -5.37 31.50
CA ILE B 707 -2.09 -5.11 32.63
C ILE B 707 -2.71 -4.07 33.54
N THR B 708 -3.46 -3.11 32.97
CA THR B 708 -4.17 -2.17 33.80
C THR B 708 -5.18 -2.88 34.69
N ILE B 709 -5.94 -3.80 34.12
CA ILE B 709 -6.96 -4.50 34.89
C ILE B 709 -6.31 -5.29 36.02
N LEU B 710 -5.23 -5.98 35.70
CA LEU B 710 -4.59 -6.80 36.72
C LEU B 710 -4.05 -5.94 37.84
N ASP B 711 -3.42 -4.82 37.51
CA ASP B 711 -2.87 -3.98 38.57
C ASP B 711 -3.96 -3.35 39.41
N THR B 712 -5.08 -2.97 38.79
CA THR B 712 -6.17 -2.41 39.57
C THR B 712 -6.75 -3.46 40.51
N GLU B 713 -6.96 -4.68 40.02
CA GLU B 713 -7.48 -5.72 40.87
C GLU B 713 -6.51 -6.03 42.00
N LYS B 714 -5.23 -6.07 41.68
CA LYS B 714 -4.27 -6.68 42.58
C LYS B 714 -4.22 -5.96 43.91
N SER B 715 -4.19 -4.63 43.89
CA SER B 715 -4.09 -3.89 45.14
C SER B 715 -5.44 -3.47 45.66
N PHE B 716 -6.04 -2.46 45.05
CA PHE B 716 -7.39 -1.99 45.38
C PHE B 716 -7.58 -1.43 46.80
N LEU B 717 -6.63 -1.63 47.72
CA LEU B 717 -6.48 -0.87 48.97
C LEU B 717 -7.75 -0.82 49.82
N LYS B 718 -8.70 -1.74 49.63
CA LYS B 718 -9.95 -1.70 50.38
C LYS B 718 -10.52 -3.07 50.73
N CYS B 719 -9.80 -4.16 50.47
CA CYS B 719 -10.19 -5.48 50.98
C CYS B 719 -11.55 -5.91 50.43
N MET B 720 -11.69 -5.86 49.11
CA MET B 720 -12.88 -6.35 48.41
C MET B 720 -12.43 -7.24 47.27
N ARG B 721 -13.23 -8.28 46.96
CA ARG B 721 -12.93 -9.24 45.90
C ARG B 721 -14.14 -9.36 44.99
N LYS B 722 -14.23 -8.46 44.01
CA LYS B 722 -15.28 -8.50 42.99
C LYS B 722 -14.81 -9.16 41.70
N ALA B 723 -13.76 -9.98 41.76
CA ALA B 723 -13.21 -10.62 40.59
C ALA B 723 -13.89 -11.93 40.24
N PHE B 724 -14.84 -12.40 41.05
CA PHE B 724 -15.36 -13.74 40.87
C PHE B 724 -16.35 -13.82 39.71
N ARG B 725 -16.54 -15.04 39.21
CA ARG B 725 -17.31 -15.36 38.02
C ARG B 725 -18.74 -15.76 38.38
N SER B 726 -19.47 -16.32 37.41
CA SER B 726 -20.89 -16.58 37.54
C SER B 726 -21.17 -17.67 38.56
N GLY B 727 -20.88 -17.37 39.83
CA GLY B 727 -21.26 -18.24 40.91
C GLY B 727 -20.48 -19.53 40.92
N LYS B 728 -20.57 -20.23 42.04
CA LYS B 728 -20.03 -21.58 42.15
C LYS B 728 -21.02 -22.51 41.47
N LEU B 729 -21.00 -22.52 40.15
CA LEU B 729 -21.87 -23.42 39.41
C LEU B 729 -21.36 -24.84 39.51
N LEU B 730 -22.27 -25.80 39.51
CA LEU B 730 -21.87 -27.19 39.59
C LEU B 730 -21.32 -27.67 38.26
N GLN B 731 -20.23 -28.43 38.35
CA GLN B 731 -19.68 -29.09 37.17
C GLN B 731 -20.68 -30.12 36.64
N VAL B 732 -20.93 -31.14 37.45
CA VAL B 732 -22.01 -32.10 37.23
C VAL B 732 -22.87 -32.30 38.46
N GLY B 733 -22.40 -31.87 39.63
CA GLY B 733 -22.97 -32.30 40.89
C GLY B 733 -22.50 -33.66 41.33
N PHE B 734 -21.67 -34.32 40.52
CA PHE B 734 -21.21 -35.67 40.80
C PHE B 734 -19.93 -35.94 40.00
N THR B 735 -18.80 -36.09 40.68
CA THR B 735 -17.54 -36.47 40.04
C THR B 735 -17.51 -37.99 39.90
N PRO B 736 -16.41 -38.57 39.41
CA PRO B 736 -16.26 -40.02 39.56
C PRO B 736 -16.33 -40.45 41.01
N ASP B 737 -15.85 -39.63 41.93
CA ASP B 737 -16.16 -39.77 43.33
C ASP B 737 -17.57 -39.23 43.61
N GLY B 738 -18.13 -39.66 44.73
CA GLY B 738 -19.51 -39.33 45.04
C GLY B 738 -19.76 -37.87 45.35
N LYS B 739 -18.71 -37.11 45.65
CA LYS B 739 -18.91 -35.72 46.02
C LYS B 739 -19.28 -34.90 44.79
N ASP B 740 -19.76 -33.69 45.03
CA ASP B 740 -20.14 -32.78 43.97
C ASP B 740 -18.89 -32.10 43.41
N ASP B 741 -19.08 -31.04 42.64
CA ASP B 741 -17.96 -30.22 42.19
C ASP B 741 -18.47 -28.87 41.74
N TYR B 742 -17.78 -27.81 42.15
CA TYR B 742 -18.07 -26.44 41.76
C TYR B 742 -16.94 -25.89 40.89
N ARG B 743 -17.29 -25.02 39.94
CA ARG B 743 -16.40 -24.64 38.86
C ARG B 743 -15.97 -23.19 38.85
N TRP B 744 -16.82 -22.25 39.27
CA TRP B 744 -16.64 -20.83 38.98
C TRP B 744 -16.57 -20.61 37.47
N CYS B 745 -17.68 -20.92 36.83
CA CYS B 745 -17.78 -20.84 35.39
C CYS B 745 -18.17 -19.43 34.94
N PHE B 746 -17.91 -19.17 33.67
CA PHE B 746 -18.28 -17.93 33.00
C PHE B 746 -19.12 -18.28 31.78
N ARG B 747 -20.24 -17.59 31.61
CA ARG B 747 -21.19 -17.90 30.56
C ARG B 747 -20.87 -17.13 29.29
N VAL B 748 -21.03 -17.79 28.15
CA VAL B 748 -20.89 -17.14 26.86
C VAL B 748 -22.02 -17.62 25.97
N ASP B 749 -22.89 -16.70 25.58
CA ASP B 749 -24.01 -17.02 24.70
C ASP B 749 -23.57 -16.83 23.26
N GLU B 750 -23.88 -17.81 22.42
CA GLU B 750 -23.64 -17.70 20.99
C GLU B 750 -24.90 -18.12 20.26
N VAL B 751 -25.12 -17.50 19.10
CA VAL B 751 -26.22 -17.85 18.23
C VAL B 751 -25.62 -18.11 16.86
N ASN B 752 -25.78 -19.34 16.36
CA ASN B 752 -25.11 -19.73 15.13
C ASN B 752 -25.91 -20.84 14.46
N TRP B 753 -25.68 -20.97 13.15
CA TRP B 753 -26.34 -21.96 12.32
C TRP B 753 -25.49 -23.20 12.09
N THR B 754 -24.41 -23.37 12.85
CA THR B 754 -23.75 -24.66 12.92
C THR B 754 -24.53 -25.58 13.86
N THR B 755 -24.18 -26.86 13.83
CA THR B 755 -24.82 -27.91 14.62
C THR B 755 -26.24 -28.21 14.14
N TRP B 756 -26.63 -27.76 12.95
CA TRP B 756 -27.95 -28.04 12.40
C TRP B 756 -27.87 -29.22 11.46
N TYR C 202 28.08 -20.07 -41.71
CA TYR C 202 27.72 -20.23 -40.31
C TYR C 202 27.81 -21.69 -39.89
N TYR C 203 27.04 -22.55 -40.55
CA TYR C 203 26.95 -23.96 -40.17
C TYR C 203 28.22 -24.70 -40.57
N LYS C 204 29.32 -24.34 -39.93
CA LYS C 204 30.61 -24.91 -40.27
C LYS C 204 30.86 -26.18 -39.48
N GLY C 205 31.55 -27.12 -40.11
CA GLY C 205 31.93 -28.37 -39.44
C GLY C 205 30.79 -29.28 -39.06
N GLN C 206 29.83 -29.48 -39.95
CA GLN C 206 28.64 -30.26 -39.62
C GLN C 206 28.90 -31.75 -39.76
N THR C 207 28.20 -32.52 -38.93
CA THR C 207 28.06 -33.96 -39.09
C THR C 207 26.60 -34.34 -38.87
N ALA C 208 26.23 -35.50 -39.42
CA ALA C 208 24.83 -35.92 -39.37
C ALA C 208 24.37 -36.27 -37.97
N LEU C 209 25.30 -36.56 -37.05
CA LEU C 209 24.92 -36.93 -35.69
C LEU C 209 24.10 -35.82 -35.06
N HIS C 210 24.57 -34.57 -35.16
CA HIS C 210 23.81 -33.50 -34.55
C HIS C 210 22.55 -33.19 -35.31
N ILE C 211 22.47 -33.57 -36.59
CA ILE C 211 21.22 -33.40 -37.31
C ILE C 211 20.18 -34.36 -36.77
N ALA C 212 20.55 -35.62 -36.56
CA ALA C 212 19.63 -36.56 -35.96
C ALA C 212 19.24 -36.13 -34.56
N ILE C 213 20.22 -35.65 -33.79
CA ILE C 213 19.95 -35.30 -32.40
C ILE C 213 19.09 -34.04 -32.33
N GLU C 214 19.39 -33.04 -33.16
CA GLU C 214 18.54 -31.86 -33.26
C GLU C 214 17.12 -32.25 -33.63
N ARG C 215 16.99 -33.25 -34.50
CA ARG C 215 15.68 -33.76 -34.89
C ARG C 215 15.11 -34.75 -33.88
N ARG C 216 15.87 -35.13 -32.86
CA ARG C 216 15.39 -36.04 -31.82
C ARG C 216 14.99 -37.39 -32.41
N ASN C 217 15.85 -37.93 -33.26
CA ASN C 217 15.66 -39.24 -33.90
C ASN C 217 16.81 -40.14 -33.43
N MET C 218 16.51 -41.01 -32.48
CA MET C 218 17.55 -41.88 -31.94
C MET C 218 17.98 -42.93 -32.95
N THR C 219 17.06 -43.36 -33.82
CA THR C 219 17.37 -44.43 -34.75
C THR C 219 18.47 -44.03 -35.71
N LEU C 220 18.40 -42.80 -36.25
CA LEU C 220 19.43 -42.32 -37.14
C LEU C 220 20.77 -42.26 -36.43
N VAL C 221 20.77 -41.86 -35.16
CA VAL C 221 21.99 -41.85 -34.37
C VAL C 221 22.57 -43.25 -34.28
N THR C 222 21.70 -44.22 -34.00
CA THR C 222 22.15 -45.61 -33.88
C THR C 222 22.78 -46.07 -35.18
N LEU C 223 22.14 -45.74 -36.30
CA LEU C 223 22.71 -46.12 -37.60
C LEU C 223 24.06 -45.48 -37.82
N LEU C 224 24.17 -44.18 -37.54
CA LEU C 224 25.41 -43.47 -37.81
C LEU C 224 26.53 -44.02 -36.96
N VAL C 225 26.25 -44.37 -35.71
CA VAL C 225 27.26 -45.02 -34.89
C VAL C 225 27.63 -46.38 -35.48
N GLU C 226 26.62 -47.14 -35.90
CA GLU C 226 26.88 -48.44 -36.52
C GLU C 226 27.64 -48.28 -37.82
N ASN C 227 27.44 -47.16 -38.52
CA ASN C 227 28.21 -46.85 -39.71
C ASN C 227 29.56 -46.23 -39.41
N GLY C 228 29.99 -46.25 -38.16
CA GLY C 228 31.31 -45.79 -37.80
C GLY C 228 31.47 -44.29 -37.77
N ALA C 229 30.42 -43.57 -37.40
CA ALA C 229 30.53 -42.13 -37.28
C ALA C 229 31.47 -41.75 -36.16
N ASP C 230 32.24 -40.68 -36.37
CA ASP C 230 33.18 -40.21 -35.37
C ASP C 230 32.45 -39.49 -34.22
N VAL C 231 33.08 -39.50 -33.05
CA VAL C 231 32.50 -38.90 -31.86
C VAL C 231 32.95 -37.45 -31.71
N GLN C 232 34.25 -37.20 -31.87
CA GLN C 232 34.81 -35.88 -31.61
C GLN C 232 34.55 -34.96 -32.79
N ALA C 233 33.26 -34.64 -32.97
CA ALA C 233 32.83 -33.76 -34.05
C ALA C 233 33.04 -32.33 -33.60
N ALA C 234 34.16 -31.73 -34.01
CA ALA C 234 34.50 -30.37 -33.60
C ALA C 234 33.78 -29.37 -34.51
N ALA C 235 32.45 -29.39 -34.42
CA ALA C 235 31.65 -28.46 -35.18
C ALA C 235 31.82 -27.07 -34.59
N ASN C 236 32.60 -26.23 -35.26
CA ASN C 236 32.87 -24.88 -34.79
C ASN C 236 31.93 -23.89 -35.46
N GLY C 237 30.71 -24.32 -35.76
CA GLY C 237 29.80 -23.49 -36.51
C GLY C 237 29.39 -22.28 -35.70
N ASP C 238 29.39 -21.12 -36.36
CA ASP C 238 28.97 -19.89 -35.71
C ASP C 238 27.52 -19.97 -35.26
N PHE C 239 26.71 -20.82 -35.89
CA PHE C 239 25.38 -21.10 -35.38
C PHE C 239 25.41 -21.87 -34.07
N PHE C 240 26.52 -22.53 -33.75
CA PHE C 240 26.63 -23.36 -32.56
C PHE C 240 27.71 -22.88 -31.58
N LYS C 241 28.10 -21.61 -31.65
CA LYS C 241 28.94 -21.01 -30.63
C LYS C 241 28.07 -20.36 -29.55
N LYS C 242 28.73 -19.78 -28.56
CA LYS C 242 28.05 -18.96 -27.56
C LYS C 242 27.50 -17.69 -28.21
N THR C 243 27.08 -16.75 -27.37
CA THR C 243 26.47 -15.51 -27.86
C THR C 243 25.21 -15.78 -28.67
N LYS C 244 24.16 -16.26 -27.99
CA LYS C 244 22.86 -16.50 -28.61
C LYS C 244 22.07 -15.23 -28.93
N GLY C 245 22.68 -14.04 -28.89
CA GLY C 245 22.00 -12.86 -29.41
C GLY C 245 21.60 -13.04 -30.86
N ARG C 246 22.54 -13.53 -31.68
CA ARG C 246 22.16 -14.10 -32.96
C ARG C 246 21.54 -15.47 -32.72
N PRO C 247 20.68 -15.97 -33.61
CA PRO C 247 20.16 -17.32 -33.44
C PRO C 247 21.28 -18.36 -33.38
N GLY C 248 21.21 -19.21 -32.35
CA GLY C 248 22.20 -20.25 -32.18
C GLY C 248 21.91 -21.03 -30.92
N PHE C 249 22.58 -22.17 -30.80
CA PHE C 249 22.35 -23.07 -29.67
C PHE C 249 23.69 -23.69 -29.31
N TYR C 250 24.26 -23.26 -28.20
CA TYR C 250 25.61 -23.66 -27.81
C TYR C 250 25.60 -25.03 -27.17
N PHE C 251 26.50 -25.89 -27.65
CA PHE C 251 26.75 -27.18 -27.03
C PHE C 251 28.24 -27.49 -26.89
N GLY C 252 29.11 -26.79 -27.61
CA GLY C 252 30.53 -26.94 -27.38
C GLY C 252 31.16 -28.13 -28.06
N GLU C 253 30.94 -28.26 -29.37
CA GLU C 253 31.78 -29.09 -30.23
C GLU C 253 31.85 -30.55 -29.77
N LEU C 254 30.72 -31.07 -29.29
CA LEU C 254 30.59 -32.48 -28.92
C LEU C 254 29.13 -32.93 -29.03
N PRO C 255 28.80 -33.95 -29.84
CA PRO C 255 27.39 -34.37 -29.90
C PRO C 255 26.84 -34.91 -28.59
N LEU C 256 27.71 -35.41 -27.71
CA LEU C 256 27.27 -35.81 -26.38
C LEU C 256 26.60 -34.64 -25.66
N SER C 257 27.18 -33.45 -25.81
CA SER C 257 26.59 -32.27 -25.21
C SER C 257 25.20 -32.02 -25.76
N LEU C 258 25.00 -32.23 -27.06
CA LEU C 258 23.67 -32.07 -27.63
C LEU C 258 22.71 -33.06 -27.03
N ALA C 259 23.14 -34.30 -26.89
CA ALA C 259 22.27 -35.33 -26.32
C ALA C 259 21.82 -34.93 -24.93
N ALA C 260 22.75 -34.44 -24.10
CA ALA C 260 22.38 -34.02 -22.75
C ALA C 260 21.55 -32.74 -22.79
N CYS C 261 21.95 -31.77 -23.61
CA CYS C 261 21.29 -30.47 -23.66
C CYS C 261 19.85 -30.59 -24.12
N THR C 262 19.54 -31.62 -24.90
CA THR C 262 18.22 -31.75 -25.51
C THR C 262 17.27 -32.57 -24.68
N ASN C 263 17.66 -32.99 -23.48
CA ASN C 263 16.82 -33.82 -22.62
C ASN C 263 16.54 -35.18 -23.25
N GLN C 264 17.59 -35.78 -23.82
CA GLN C 264 17.53 -37.10 -24.46
C GLN C 264 18.45 -38.04 -23.68
N LEU C 265 17.90 -38.69 -22.67
CA LEU C 265 18.71 -39.58 -21.84
C LEU C 265 19.17 -40.79 -22.63
N ALA C 266 18.30 -41.34 -23.48
CA ALA C 266 18.66 -42.53 -24.23
C ALA C 266 19.84 -42.27 -25.17
N ILE C 267 19.83 -41.14 -25.87
CA ILE C 267 20.89 -40.85 -26.81
C ILE C 267 22.21 -40.73 -26.08
N VAL C 268 22.20 -40.01 -24.95
CA VAL C 268 23.47 -39.74 -24.29
C VAL C 268 24.03 -41.00 -23.66
N LYS C 269 23.17 -41.82 -23.06
CA LYS C 269 23.67 -43.08 -22.51
C LYS C 269 24.21 -43.97 -23.61
N PHE C 270 23.51 -44.01 -24.74
CA PHE C 270 23.98 -44.82 -25.86
C PHE C 270 25.33 -44.31 -26.36
N LEU C 271 25.49 -43.00 -26.46
CA LEU C 271 26.78 -42.44 -26.85
C LEU C 271 27.87 -42.82 -25.87
N LEU C 272 27.52 -42.87 -24.59
CA LEU C 272 28.48 -43.31 -23.58
C LEU C 272 28.73 -44.82 -23.61
N GLN C 273 27.92 -45.58 -24.34
CA GLN C 273 28.00 -47.04 -24.28
C GLN C 273 28.00 -47.65 -25.68
N ASN C 274 28.70 -47.01 -26.61
CA ASN C 274 28.81 -47.54 -27.96
C ASN C 274 29.77 -48.73 -28.02
N SER C 275 29.61 -49.54 -29.06
CA SER C 275 30.58 -50.59 -29.36
C SER C 275 31.69 -50.09 -30.26
N TRP C 276 31.33 -49.32 -31.28
CA TRP C 276 32.32 -48.86 -32.26
C TRP C 276 33.30 -47.89 -31.61
N GLN C 277 32.79 -46.82 -31.02
CA GLN C 277 33.63 -45.93 -30.25
C GLN C 277 32.75 -45.21 -29.21
N PRO C 278 32.94 -45.41 -27.91
CA PRO C 278 32.14 -44.66 -26.94
C PRO C 278 32.65 -43.24 -26.75
N ALA C 279 31.82 -42.44 -26.09
CA ALA C 279 32.11 -41.04 -25.81
C ALA C 279 32.70 -40.87 -24.42
N ASP C 280 33.59 -39.90 -24.29
CA ASP C 280 34.24 -39.55 -23.03
C ASP C 280 33.71 -38.19 -22.58
N ILE C 281 33.07 -38.14 -21.41
CA ILE C 281 32.41 -36.90 -20.98
C ILE C 281 33.44 -35.81 -20.78
N SER C 282 34.64 -36.15 -20.33
CA SER C 282 35.66 -35.16 -20.01
C SER C 282 36.37 -34.60 -21.23
N ALA C 283 35.91 -34.91 -22.45
CA ALA C 283 36.48 -34.28 -23.63
C ALA C 283 36.13 -32.80 -23.67
N ARG C 284 37.10 -31.98 -24.05
CA ARG C 284 37.00 -30.53 -23.95
C ARG C 284 37.00 -29.90 -25.32
N ASP C 285 36.20 -28.86 -25.46
CA ASP C 285 36.07 -28.13 -26.71
C ASP C 285 37.16 -27.06 -26.78
N SER C 286 37.10 -26.21 -27.81
CA SER C 286 38.12 -25.19 -28.02
C SER C 286 38.20 -24.18 -26.89
N VAL C 287 37.09 -23.94 -26.19
CA VAL C 287 37.12 -23.08 -25.02
C VAL C 287 37.62 -23.82 -23.79
N GLY C 288 37.67 -25.15 -23.84
CA GLY C 288 37.98 -25.98 -22.69
C GLY C 288 36.78 -26.50 -21.96
N ASN C 289 35.56 -26.22 -22.43
CA ASN C 289 34.35 -26.61 -21.74
C ASN C 289 34.04 -28.08 -21.97
N THR C 290 33.36 -28.68 -20.99
CA THR C 290 32.89 -30.05 -21.04
C THR C 290 31.37 -30.06 -21.18
N VAL C 291 30.79 -31.25 -21.02
CA VAL C 291 29.34 -31.37 -20.99
C VAL C 291 28.76 -30.54 -19.87
N LEU C 292 29.41 -30.57 -18.69
CA LEU C 292 28.84 -29.90 -17.53
C LEU C 292 28.84 -28.39 -17.69
N HIS C 293 29.90 -27.82 -18.26
CA HIS C 293 29.91 -26.39 -18.50
C HIS C 293 28.78 -26.00 -19.46
N ALA C 294 28.52 -26.84 -20.46
CA ALA C 294 27.39 -26.58 -21.34
C ALA C 294 26.06 -26.70 -20.59
N LEU C 295 25.93 -27.69 -19.71
CA LEU C 295 24.71 -27.83 -18.93
C LEU C 295 24.47 -26.60 -18.09
N VAL C 296 25.54 -26.06 -17.51
CA VAL C 296 25.45 -24.82 -16.79
C VAL C 296 25.01 -23.71 -17.72
N GLU C 297 25.59 -23.66 -18.91
CA GLU C 297 25.32 -22.56 -19.82
C GLU C 297 23.86 -22.52 -20.23
N VAL C 298 23.26 -23.69 -20.50
CA VAL C 298 21.90 -23.70 -21.01
C VAL C 298 20.86 -23.35 -19.96
N ALA C 299 21.22 -23.36 -18.68
CA ALA C 299 20.26 -22.99 -17.66
C ALA C 299 19.87 -21.53 -17.80
N ASP C 300 18.64 -21.20 -17.39
CA ASP C 300 18.18 -19.82 -17.34
C ASP C 300 17.32 -19.55 -16.11
N ASN C 301 17.32 -20.44 -15.14
CA ASN C 301 16.65 -20.25 -13.86
C ASN C 301 15.14 -20.17 -13.98
N THR C 302 14.56 -20.70 -15.07
CA THR C 302 13.14 -20.97 -15.09
C THR C 302 12.86 -22.34 -14.49
N VAL C 303 11.61 -22.55 -14.09
CA VAL C 303 11.27 -23.70 -13.25
C VAL C 303 11.57 -25.01 -13.97
N ASP C 304 10.96 -25.19 -15.13
CA ASP C 304 11.10 -26.47 -15.81
C ASP C 304 12.49 -26.63 -16.39
N ASN C 305 13.08 -25.54 -16.87
CA ASN C 305 14.47 -25.61 -17.32
C ASN C 305 15.38 -25.92 -16.16
N THR C 306 15.11 -25.35 -14.99
CA THR C 306 15.92 -25.66 -13.81
C THR C 306 15.81 -27.14 -13.46
N LYS C 307 14.60 -27.68 -13.45
CA LYS C 307 14.43 -29.10 -13.13
C LYS C 307 15.12 -29.98 -14.15
N PHE C 308 15.00 -29.62 -15.43
CA PHE C 308 15.63 -30.40 -16.48
C PHE C 308 17.14 -30.42 -16.30
N VAL C 309 17.73 -29.24 -16.12
CA VAL C 309 19.19 -29.18 -16.02
C VAL C 309 19.65 -29.90 -14.76
N THR C 310 18.87 -29.78 -13.69
CA THR C 310 19.19 -30.49 -12.47
C THR C 310 19.26 -31.99 -12.71
N SER C 311 18.19 -32.53 -13.29
CA SER C 311 18.14 -33.96 -13.55
C SER C 311 19.28 -34.40 -14.44
N MET C 312 19.48 -33.68 -15.54
CA MET C 312 20.50 -34.06 -16.50
C MET C 312 21.88 -34.01 -15.87
N TYR C 313 22.15 -32.96 -15.09
CA TYR C 313 23.45 -32.84 -14.46
C TYR C 313 23.71 -34.01 -13.52
N ASN C 314 22.73 -34.34 -12.69
CA ASN C 314 22.88 -35.46 -11.77
C ASN C 314 23.20 -36.74 -12.52
N GLU C 315 22.40 -37.03 -13.55
CA GLU C 315 22.57 -38.29 -14.26
C GLU C 315 23.90 -38.34 -15.00
N ILE C 316 24.26 -37.25 -15.68
CA ILE C 316 25.51 -37.24 -16.43
C ILE C 316 26.68 -37.47 -15.49
N LEU C 317 26.66 -36.82 -14.33
CA LEU C 317 27.77 -36.99 -13.41
C LEU C 317 27.85 -38.43 -12.92
N ILE C 318 26.70 -39.02 -12.59
CA ILE C 318 26.74 -40.38 -12.06
C ILE C 318 27.28 -41.33 -13.12
N LEU C 319 26.86 -41.15 -14.37
CA LEU C 319 27.35 -41.99 -15.44
C LEU C 319 28.85 -41.84 -15.61
N GLY C 320 29.33 -40.60 -15.58
CA GLY C 320 30.76 -40.39 -15.69
C GLY C 320 31.52 -41.09 -14.57
N ALA C 321 30.94 -41.08 -13.37
CA ALA C 321 31.59 -41.76 -12.27
C ALA C 321 31.62 -43.27 -12.47
N LYS C 322 30.51 -43.84 -12.93
CA LYS C 322 30.46 -45.30 -13.06
C LYS C 322 31.32 -45.79 -14.21
N LEU C 323 31.48 -44.98 -15.26
CA LEU C 323 32.35 -45.39 -16.35
C LEU C 323 33.82 -45.32 -15.94
N HIS C 324 34.21 -44.24 -15.29
CA HIS C 324 35.59 -44.05 -14.82
C HIS C 324 35.55 -43.59 -13.37
N PRO C 325 35.33 -44.50 -12.42
CA PRO C 325 35.37 -44.10 -11.00
C PRO C 325 36.71 -43.52 -10.59
N THR C 326 37.78 -43.83 -11.30
CA THR C 326 39.10 -43.36 -10.94
C THR C 326 39.35 -41.91 -11.34
N LEU C 327 38.59 -41.38 -12.29
CA LEU C 327 38.87 -40.07 -12.87
C LEU C 327 37.86 -39.03 -12.42
N LYS C 328 38.35 -37.80 -12.21
CA LYS C 328 37.51 -36.69 -11.80
C LYS C 328 36.89 -36.02 -13.00
N LEU C 329 35.70 -35.45 -12.82
CA LEU C 329 35.02 -34.71 -13.87
C LEU C 329 34.76 -33.25 -13.50
N GLU C 330 34.06 -32.98 -12.40
CA GLU C 330 33.63 -31.61 -12.15
C GLU C 330 34.75 -30.72 -11.64
N GLU C 331 35.92 -31.28 -11.34
CA GLU C 331 37.07 -30.46 -11.04
C GLU C 331 37.77 -29.94 -12.28
N ILE C 332 37.33 -30.34 -13.48
CA ILE C 332 38.01 -29.92 -14.70
C ILE C 332 37.64 -28.48 -15.01
N THR C 333 38.66 -27.67 -15.28
CA THR C 333 38.51 -26.24 -15.51
C THR C 333 38.75 -25.89 -16.96
N ASN C 334 38.09 -24.83 -17.41
CA ASN C 334 38.26 -24.33 -18.77
C ASN C 334 39.44 -23.38 -18.81
N ARG C 335 39.62 -22.67 -19.93
CA ARG C 335 40.78 -21.80 -20.08
C ARG C 335 40.80 -20.69 -19.06
N LYS C 336 39.63 -20.23 -18.63
CA LYS C 336 39.56 -19.23 -17.58
C LYS C 336 39.72 -19.82 -16.18
N GLY C 337 39.90 -21.14 -16.07
CA GLY C 337 40.11 -21.75 -14.79
C GLY C 337 38.85 -21.95 -13.97
N LEU C 338 37.70 -22.12 -14.62
CA LEU C 338 36.42 -22.20 -13.93
C LEU C 338 35.90 -23.63 -13.93
N THR C 339 35.50 -24.12 -12.77
CA THR C 339 34.74 -25.35 -12.68
C THR C 339 33.30 -25.06 -13.03
N PRO C 340 32.49 -26.10 -13.20
CA PRO C 340 31.05 -25.86 -13.33
C PRO C 340 30.48 -25.11 -12.15
N LEU C 341 30.96 -25.37 -10.95
CA LEU C 341 30.47 -24.62 -9.80
C LEU C 341 30.85 -23.17 -9.90
N ALA C 342 32.13 -22.90 -10.15
CA ALA C 342 32.57 -21.51 -10.29
C ALA C 342 31.87 -20.84 -11.46
N LEU C 343 31.70 -21.56 -12.57
CA LEU C 343 31.01 -20.96 -13.70
C LEU C 343 29.57 -20.61 -13.34
N ALA C 344 28.82 -21.58 -12.81
CA ALA C 344 27.42 -21.34 -12.52
C ALA C 344 27.26 -20.24 -11.51
N ALA C 345 28.21 -20.10 -10.60
CA ALA C 345 28.18 -18.98 -9.69
C ALA C 345 28.39 -17.67 -10.44
N SER C 346 29.42 -17.62 -11.27
CA SER C 346 29.84 -16.35 -11.85
C SER C 346 28.80 -15.75 -12.77
N SER C 347 27.85 -16.55 -13.26
CA SER C 347 26.85 -16.10 -14.21
C SER C 347 25.45 -16.07 -13.63
N GLY C 348 25.30 -16.24 -12.32
CA GLY C 348 23.98 -16.14 -11.74
C GLY C 348 23.04 -17.25 -12.15
N LYS C 349 23.56 -18.46 -12.34
CA LYS C 349 22.72 -19.61 -12.59
C LYS C 349 22.28 -20.18 -11.24
N ILE C 350 21.35 -19.47 -10.61
CA ILE C 350 20.98 -19.80 -9.24
C ILE C 350 20.38 -21.19 -9.15
N GLY C 351 19.65 -21.61 -10.18
CA GLY C 351 19.02 -22.91 -10.14
C GLY C 351 20.02 -24.03 -9.98
N VAL C 352 20.91 -24.18 -10.95
CA VAL C 352 21.88 -25.28 -10.89
C VAL C 352 22.82 -25.09 -9.71
N LEU C 353 23.06 -23.85 -9.30
CA LEU C 353 23.90 -23.62 -8.13
C LEU C 353 23.27 -24.22 -6.90
N ALA C 354 21.97 -24.02 -6.74
CA ALA C 354 21.27 -24.61 -5.60
C ALA C 354 21.41 -26.12 -5.61
N TYR C 355 21.36 -26.73 -6.79
CA TYR C 355 21.54 -28.18 -6.84
C TYR C 355 22.95 -28.56 -6.46
N ILE C 356 23.95 -27.92 -7.08
CA ILE C 356 25.32 -28.38 -6.93
C ILE C 356 25.77 -28.24 -5.50
N LEU C 357 25.32 -27.19 -4.82
CA LEU C 357 25.72 -27.04 -3.43
C LEU C 357 25.08 -28.05 -2.50
N GLN C 358 24.10 -28.81 -2.96
CA GLN C 358 23.34 -29.72 -2.11
C GLN C 358 23.16 -31.08 -2.75
N ARG C 359 24.22 -31.61 -3.36
CA ARG C 359 24.17 -32.95 -3.91
C ARG C 359 24.10 -33.96 -2.78
N GLU C 360 23.10 -34.83 -2.84
CA GLU C 360 22.93 -35.93 -1.89
C GLU C 360 22.52 -37.17 -2.67
N ILE C 361 23.22 -38.27 -2.41
CA ILE C 361 23.01 -39.53 -3.11
C ILE C 361 22.75 -40.61 -2.07
N HIS C 362 21.68 -41.38 -2.26
CA HIS C 362 21.35 -42.54 -1.42
C HIS C 362 21.51 -43.77 -2.31
N GLU C 363 22.73 -44.30 -2.34
CA GLU C 363 23.05 -45.45 -3.15
C GLU C 363 24.38 -46.01 -2.65
N PRO C 364 24.55 -47.33 -2.55
CA PRO C 364 25.83 -47.85 -2.05
C PRO C 364 26.98 -47.52 -3.00
N GLU C 365 28.15 -47.29 -2.41
CA GLU C 365 29.40 -47.15 -3.13
C GLU C 365 29.41 -45.96 -4.07
N CYS C 366 28.44 -45.06 -3.97
CA CYS C 366 28.30 -43.93 -4.88
C CYS C 366 28.04 -42.63 -4.15
N ARG C 367 28.18 -42.60 -2.82
CA ARG C 367 28.01 -41.37 -2.08
C ARG C 367 29.22 -40.46 -2.20
N HIS C 368 30.33 -40.96 -2.73
CA HIS C 368 31.57 -40.17 -2.82
C HIS C 368 31.38 -38.91 -3.64
N LEU C 369 30.46 -38.91 -4.58
CA LEU C 369 30.22 -37.70 -5.34
C LEU C 369 29.49 -36.66 -4.50
N SER C 370 28.52 -37.08 -3.70
CA SER C 370 27.63 -36.15 -3.04
C SER C 370 28.39 -35.35 -1.99
N ARG C 371 27.75 -34.28 -1.50
CA ARG C 371 28.39 -33.36 -0.56
C ARG C 371 27.57 -33.01 0.66
N LYS C 372 26.26 -33.16 0.65
CA LYS C 372 25.45 -33.00 1.85
C LYS C 372 25.26 -34.36 2.48
N PHE C 373 25.81 -34.54 3.67
CA PHE C 373 25.83 -35.82 4.37
C PHE C 373 24.89 -35.72 5.56
N THR C 374 24.89 -36.75 6.40
CA THR C 374 24.20 -36.74 7.68
C THR C 374 25.08 -37.36 8.74
N GLU C 375 25.41 -36.61 9.79
CA GLU C 375 26.18 -37.19 10.88
C GLU C 375 25.29 -38.06 11.75
N TRP C 376 24.16 -37.54 12.19
CA TRP C 376 23.20 -38.37 12.90
C TRP C 376 21.79 -37.90 12.58
N ALA C 377 20.85 -38.79 12.85
CA ALA C 377 19.44 -38.57 12.54
C ALA C 377 18.66 -39.36 13.59
N TYR C 378 18.38 -38.71 14.71
CA TYR C 378 17.47 -39.25 15.69
C TYR C 378 16.06 -38.84 15.27
N GLY C 379 15.07 -39.03 16.14
CA GLY C 379 13.68 -38.85 15.79
C GLY C 379 13.37 -37.55 15.08
N PRO C 380 13.52 -36.42 15.77
CA PRO C 380 13.39 -35.11 15.13
C PRO C 380 14.70 -34.46 14.73
N VAL C 381 15.82 -34.87 15.31
CA VAL C 381 17.10 -34.19 15.16
C VAL C 381 17.80 -34.75 13.92
N HIS C 382 18.33 -33.86 13.08
CA HIS C 382 19.14 -34.25 11.93
C HIS C 382 20.31 -33.28 11.82
N SER C 383 21.53 -33.81 11.86
CA SER C 383 22.73 -32.99 11.91
C SER C 383 23.54 -33.21 10.64
N SER C 384 23.35 -32.36 9.65
CA SER C 384 23.96 -32.58 8.34
C SER C 384 25.32 -31.90 8.25
N LEU C 385 26.11 -32.36 7.29
CA LEU C 385 27.44 -31.83 7.02
C LEU C 385 27.51 -31.44 5.55
N TYR C 386 27.87 -30.18 5.28
CA TYR C 386 28.06 -29.68 3.92
C TYR C 386 29.55 -29.64 3.63
N ASP C 387 29.94 -30.13 2.46
CA ASP C 387 31.32 -29.99 2.00
C ASP C 387 31.51 -28.56 1.55
N LEU C 388 32.58 -27.92 2.02
CA LEU C 388 32.93 -26.57 1.61
C LEU C 388 34.27 -26.50 0.90
N SER C 389 34.68 -27.59 0.24
CA SER C 389 35.78 -27.47 -0.70
C SER C 389 35.40 -26.45 -1.75
N CYS C 390 36.36 -25.62 -2.14
CA CYS C 390 36.22 -24.65 -3.21
C CYS C 390 35.25 -23.52 -2.88
N ILE C 391 34.76 -23.42 -1.64
CA ILE C 391 33.93 -22.28 -1.24
C ILE C 391 34.76 -21.18 -0.61
N ASP C 392 35.70 -21.54 0.26
CA ASP C 392 36.65 -20.56 0.79
C ASP C 392 37.76 -20.28 -0.20
N THR C 393 38.39 -21.33 -0.73
CA THR C 393 39.55 -21.15 -1.58
C THR C 393 39.68 -22.34 -2.53
N CYS C 394 39.79 -22.02 -3.83
CA CYS C 394 40.24 -22.95 -4.84
C CYS C 394 41.69 -22.75 -5.19
N GLU C 395 42.37 -21.79 -4.54
CA GLU C 395 43.68 -21.26 -4.89
C GLU C 395 43.63 -20.36 -6.13
N LYS C 396 42.52 -20.32 -6.86
CA LYS C 396 42.34 -19.35 -7.92
C LYS C 396 41.14 -18.47 -7.63
N ASN C 397 39.95 -19.08 -7.52
CA ASN C 397 38.71 -18.34 -7.37
C ASN C 397 37.69 -19.26 -6.75
N SER C 398 37.17 -18.87 -5.60
CA SER C 398 36.19 -19.66 -4.87
C SER C 398 34.80 -19.16 -5.23
N VAL C 399 33.79 -19.83 -4.68
CA VAL C 399 32.43 -19.41 -4.97
C VAL C 399 32.17 -18.03 -4.40
N LEU C 400 32.56 -17.79 -3.15
CA LEU C 400 32.28 -16.51 -2.54
C LEU C 400 32.99 -15.38 -3.28
N GLU C 401 34.21 -15.63 -3.72
CA GLU C 401 34.94 -14.61 -4.44
C GLU C 401 34.19 -14.21 -5.69
N VAL C 402 33.70 -15.20 -6.45
CA VAL C 402 33.09 -14.86 -7.72
C VAL C 402 31.68 -14.32 -7.53
N ILE C 403 31.04 -14.62 -6.41
CA ILE C 403 29.76 -13.97 -6.16
C ILE C 403 29.96 -12.53 -5.77
N ALA C 404 30.64 -12.32 -4.63
CA ALA C 404 30.67 -11.00 -4.03
C ALA C 404 31.41 -9.99 -4.90
N TYR C 405 32.51 -10.41 -5.54
CA TYR C 405 33.25 -9.56 -6.45
C TYR C 405 32.74 -9.68 -7.87
N SER C 406 31.48 -10.03 -8.06
CA SER C 406 30.90 -10.13 -9.39
C SER C 406 30.98 -8.79 -10.10
N SER C 407 30.75 -8.82 -11.41
CA SER C 407 30.77 -7.60 -12.18
C SER C 407 29.50 -6.77 -12.02
N SER C 408 28.55 -7.20 -11.20
CA SER C 408 27.32 -6.48 -10.89
C SER C 408 26.31 -6.47 -12.02
N GLU C 409 26.64 -7.03 -13.19
CA GLU C 409 25.66 -7.16 -14.26
C GLU C 409 24.88 -8.46 -14.17
N THR C 410 25.35 -9.42 -13.40
CA THR C 410 24.64 -10.67 -13.25
C THR C 410 23.28 -10.41 -12.60
N PRO C 411 22.16 -10.71 -13.26
CA PRO C 411 20.89 -10.10 -12.83
C PRO C 411 20.44 -10.46 -11.43
N ASN C 412 20.91 -11.58 -10.87
CA ASN C 412 20.41 -12.06 -9.58
C ASN C 412 21.55 -12.37 -8.61
N ARG C 413 22.64 -11.59 -8.63
CA ARG C 413 23.69 -11.83 -7.67
C ARG C 413 23.19 -11.64 -6.24
N HIS C 414 22.26 -10.72 -6.03
CA HIS C 414 21.85 -10.36 -4.68
C HIS C 414 21.28 -11.54 -3.92
N ASP C 415 20.63 -12.46 -4.62
CA ASP C 415 20.01 -13.59 -3.94
C ASP C 415 20.94 -14.78 -3.79
N MET C 416 22.08 -14.80 -4.48
CA MET C 416 22.88 -16.02 -4.49
C MET C 416 23.40 -16.38 -3.13
N LEU C 417 23.54 -15.40 -2.24
CA LEU C 417 24.06 -15.71 -0.93
C LEU C 417 23.03 -16.33 -0.01
N LEU C 418 21.76 -16.39 -0.40
CA LEU C 418 20.77 -16.97 0.49
C LEU C 418 20.80 -18.50 0.50
N VAL C 419 21.51 -19.14 -0.43
CA VAL C 419 21.53 -20.59 -0.48
C VAL C 419 22.27 -21.13 0.74
N GLU C 420 21.66 -22.10 1.39
CA GLU C 420 21.82 -22.39 2.82
C GLU C 420 23.26 -22.40 3.33
N PRO C 421 24.16 -23.22 2.81
CA PRO C 421 25.49 -23.29 3.40
C PRO C 421 26.24 -21.98 3.32
N LEU C 422 26.04 -21.18 2.27
CA LEU C 422 26.71 -19.89 2.22
C LEU C 422 26.24 -18.96 3.33
N ASN C 423 24.93 -18.79 3.48
CA ASN C 423 24.44 -17.88 4.49
C ASN C 423 24.85 -18.33 5.88
N ARG C 424 24.74 -19.64 6.15
CA ARG C 424 25.24 -20.15 7.41
C ARG C 424 26.70 -19.82 7.59
N LEU C 425 27.50 -19.95 6.54
CA LEU C 425 28.92 -19.67 6.65
C LEU C 425 29.18 -18.21 6.98
N LEU C 426 28.51 -17.32 6.27
CA LEU C 426 28.78 -15.90 6.47
C LEU C 426 28.41 -15.50 7.87
N GLN C 427 27.26 -15.96 8.36
CA GLN C 427 26.89 -15.62 9.72
C GLN C 427 27.87 -16.21 10.72
N ASP C 428 28.32 -17.45 10.48
CA ASP C 428 29.26 -18.05 11.40
C ASP C 428 30.55 -17.27 11.43
N LYS C 429 31.08 -16.93 10.26
CA LYS C 429 32.32 -16.17 10.23
C LYS C 429 32.15 -14.83 10.91
N TRP C 430 31.00 -14.20 10.69
CA TRP C 430 30.73 -12.90 11.29
C TRP C 430 30.83 -12.98 12.79
N ASP C 431 30.13 -13.93 13.39
CA ASP C 431 30.20 -14.08 14.83
C ASP C 431 31.56 -14.53 15.30
N ARG C 432 32.32 -15.19 14.45
CA ARG C 432 33.53 -15.82 14.94
C ARG C 432 34.59 -14.78 15.25
N PHE C 433 35.09 -14.08 14.24
CA PHE C 433 36.19 -13.16 14.41
C PHE C 433 35.97 -11.83 13.70
N VAL C 434 35.13 -11.78 12.67
CA VAL C 434 35.04 -10.56 11.88
C VAL C 434 34.31 -9.47 12.63
N LYS C 435 33.34 -9.83 13.46
CA LYS C 435 32.57 -8.81 14.19
C LYS C 435 33.49 -7.96 15.05
N ARG C 436 34.42 -8.59 15.76
CA ARG C 436 35.31 -7.82 16.59
C ARG C 436 36.22 -6.94 15.74
N ILE C 437 36.78 -7.47 14.66
CA ILE C 437 37.67 -6.64 13.86
C ILE C 437 36.92 -5.47 13.27
N PHE C 438 35.70 -5.70 12.84
CA PHE C 438 34.96 -4.63 12.21
C PHE C 438 34.60 -3.55 13.22
N TYR C 439 34.15 -3.94 14.40
CA TYR C 439 33.88 -2.91 15.39
C TYR C 439 35.14 -2.17 15.77
N PHE C 440 36.26 -2.87 15.83
CA PHE C 440 37.51 -2.18 16.14
C PHE C 440 37.84 -1.19 15.05
N ASN C 441 37.64 -1.57 13.80
CA ASN C 441 37.92 -0.63 12.72
C ASN C 441 37.01 0.57 12.81
N PHE C 442 35.76 0.35 13.16
CA PHE C 442 34.83 1.45 13.31
C PHE C 442 35.28 2.39 14.39
N PHE C 443 35.72 1.84 15.51
CA PHE C 443 36.17 2.69 16.60
C PHE C 443 37.41 3.47 16.21
N VAL C 444 38.34 2.83 15.50
CA VAL C 444 39.53 3.55 15.11
C VAL C 444 39.17 4.67 14.16
N TYR C 445 38.27 4.41 13.23
CA TYR C 445 37.90 5.45 12.30
C TYR C 445 37.24 6.61 13.02
N CYS C 446 36.39 6.33 14.00
CA CYS C 446 35.79 7.42 14.76
C CYS C 446 36.84 8.24 15.49
N LEU C 447 37.84 7.58 16.07
CA LEU C 447 38.90 8.37 16.70
C LEU C 447 39.62 9.22 15.69
N TYR C 448 39.83 8.66 14.50
CA TYR C 448 40.52 9.43 13.47
C TYR C 448 39.72 10.66 13.10
N MET C 449 38.42 10.51 12.94
CA MET C 449 37.61 11.67 12.56
C MET C 449 37.60 12.70 13.67
N ILE C 450 37.53 12.28 14.92
CA ILE C 450 37.55 13.26 16.00
C ILE C 450 38.86 14.01 15.99
N ILE C 451 39.96 13.29 15.82
CA ILE C 451 41.26 13.95 15.80
C ILE C 451 41.32 14.93 14.65
N PHE C 452 40.82 14.54 13.48
CA PHE C 452 40.89 15.44 12.35
C PHE C 452 40.05 16.67 12.59
N THR C 453 38.87 16.49 13.15
CA THR C 453 38.01 17.63 13.44
C THR C 453 38.70 18.60 14.37
N ALA C 454 39.30 18.08 15.44
CA ALA C 454 39.95 18.97 16.39
C ALA C 454 41.13 19.68 15.74
N ALA C 455 41.94 18.96 14.99
CA ALA C 455 43.13 19.58 14.41
C ALA C 455 42.76 20.63 13.39
N ALA C 456 41.65 20.44 12.69
CA ALA C 456 41.23 21.46 11.74
C ALA C 456 40.65 22.67 12.44
N TYR C 457 39.79 22.43 13.42
CA TYR C 457 39.02 23.52 14.02
C TYR C 457 39.93 24.56 14.64
N TYR C 458 41.01 24.12 15.29
CA TYR C 458 41.97 25.03 15.91
C TYR C 458 43.10 25.40 14.97
N ARG C 459 42.85 25.45 13.66
CA ARG C 459 43.90 25.90 12.78
C ARG C 459 44.21 27.37 13.09
N PRO C 460 45.45 27.80 12.90
CA PRO C 460 45.77 29.21 13.13
C PRO C 460 45.27 30.07 11.98
N VAL C 461 45.13 31.37 12.25
CA VAL C 461 44.59 32.33 11.30
C VAL C 461 45.65 33.32 10.84
N GLU C 462 46.91 32.90 10.83
CA GLU C 462 47.97 33.72 10.26
C GLU C 462 47.92 33.66 8.74
N GLY C 463 48.79 34.42 8.10
CA GLY C 463 48.92 34.38 6.67
C GLY C 463 49.96 33.38 6.21
N LEU C 464 49.72 32.81 5.03
CA LEU C 464 50.74 32.12 4.25
C LEU C 464 51.45 30.99 5.00
N PRO C 465 50.85 29.81 5.14
CA PRO C 465 51.56 28.69 5.75
C PRO C 465 52.79 28.30 4.94
N PRO C 466 53.59 27.36 5.42
CA PRO C 466 53.56 26.61 6.68
C PRO C 466 53.76 27.49 7.88
N TYR C 467 53.10 27.15 8.97
CA TYR C 467 53.12 27.96 10.18
C TYR C 467 54.13 27.36 11.16
N LYS C 468 55.13 28.14 11.52
CA LYS C 468 56.14 27.66 12.46
C LYS C 468 55.52 27.49 13.84
N LEU C 469 56.01 26.51 14.58
CA LEU C 469 55.42 26.15 15.85
C LEU C 469 56.01 26.95 16.99
N LYS C 470 55.27 26.98 18.09
CA LYS C 470 55.67 27.61 19.33
C LYS C 470 55.92 26.55 20.39
N ASN C 471 56.63 26.95 21.44
CA ASN C 471 57.00 26.02 22.48
C ASN C 471 55.84 25.64 23.38
N THR C 472 54.71 26.34 23.30
CA THR C 472 53.56 25.96 24.10
C THR C 472 53.04 24.60 23.66
N VAL C 473 52.64 23.79 24.63
CA VAL C 473 52.28 22.40 24.38
C VAL C 473 51.05 22.28 23.49
N GLY C 474 50.21 23.32 23.45
CA GLY C 474 49.08 23.32 22.55
C GLY C 474 49.49 23.12 21.10
N ASP C 475 50.57 23.78 20.69
CA ASP C 475 51.04 23.61 19.32
C ASP C 475 51.52 22.19 19.09
N TYR C 476 52.10 21.55 20.09
CA TYR C 476 52.50 20.17 19.93
C TYR C 476 51.29 19.28 19.70
N PHE C 477 50.23 19.47 20.47
CA PHE C 477 49.02 18.71 20.22
C PHE C 477 48.50 18.97 18.82
N ARG C 478 48.48 20.23 18.40
CA ARG C 478 47.91 20.57 17.10
C ARG C 478 48.71 19.93 15.98
N VAL C 479 50.04 20.03 16.04
CA VAL C 479 50.81 19.49 14.93
C VAL C 479 50.75 17.97 14.92
N THR C 480 50.71 17.34 16.10
CA THR C 480 50.52 15.90 16.10
C THR C 480 49.18 15.52 15.49
N GLY C 481 48.14 16.31 15.77
CA GLY C 481 46.86 16.06 15.13
C GLY C 481 46.94 16.20 13.63
N GLU C 482 47.65 17.21 13.14
CA GLU C 482 47.76 17.37 11.70
C GLU C 482 48.49 16.18 11.09
N ILE C 483 49.53 15.70 11.75
CA ILE C 483 50.27 14.55 11.23
C ILE C 483 49.40 13.31 11.20
N LEU C 484 48.66 13.06 12.26
CA LEU C 484 47.80 11.88 12.26
C LEU C 484 46.74 12.00 11.18
N SER C 485 46.19 13.21 10.99
CA SER C 485 45.17 13.38 9.98
C SER C 485 45.71 13.08 8.59
N VAL C 486 46.88 13.60 8.28
CA VAL C 486 47.46 13.34 6.96
C VAL C 486 47.82 11.88 6.82
N SER C 487 48.28 11.26 7.90
CA SER C 487 48.60 9.84 7.84
C SER C 487 47.37 9.03 7.48
N GLY C 488 46.26 9.32 8.14
CA GLY C 488 45.03 8.62 7.79
C GLY C 488 44.63 8.86 6.36
N GLY C 489 44.80 10.09 5.88
CA GLY C 489 44.44 10.37 4.50
C GLY C 489 45.23 9.52 3.52
N VAL C 490 46.54 9.46 3.72
CA VAL C 490 47.34 8.69 2.77
C VAL C 490 47.08 7.20 2.93
N TYR C 491 46.79 6.75 4.15
CA TYR C 491 46.45 5.35 4.35
C TYR C 491 45.25 4.97 3.52
N PHE C 492 44.19 5.78 3.57
CA PHE C 492 43.06 5.51 2.72
C PHE C 492 43.41 5.62 1.26
N PHE C 493 44.33 6.51 0.89
CA PHE C 493 44.76 6.60 -0.50
C PHE C 493 45.30 5.26 -0.99
N PHE C 494 46.21 4.68 -0.24
CA PHE C 494 46.81 3.43 -0.67
C PHE C 494 45.81 2.28 -0.63
N ARG C 495 44.91 2.25 0.35
CA ARG C 495 43.91 1.19 0.30
C ARG C 495 43.02 1.34 -0.91
N GLY C 496 42.72 2.57 -1.31
CA GLY C 496 41.94 2.78 -2.51
C GLY C 496 42.65 2.26 -3.75
N ILE C 497 43.94 2.56 -3.86
CA ILE C 497 44.68 2.07 -5.03
C ILE C 497 44.70 0.55 -5.02
N GLN C 498 44.92 -0.05 -3.86
CA GLN C 498 44.97 -1.51 -3.80
C GLN C 498 43.66 -2.11 -4.22
N TYR C 499 42.55 -1.50 -3.81
CA TYR C 499 41.25 -1.99 -4.24
C TYR C 499 41.13 -1.92 -5.75
N PHE C 500 41.51 -0.79 -6.35
CA PHE C 500 41.37 -0.66 -7.79
C PHE C 500 42.21 -1.69 -8.52
N LEU C 501 43.45 -1.89 -8.07
CA LEU C 501 44.31 -2.84 -8.75
C LEU C 501 43.81 -4.26 -8.59
N GLN C 502 43.36 -4.63 -7.39
CA GLN C 502 42.95 -6.01 -7.17
C GLN C 502 41.66 -6.33 -7.91
N ARG C 503 40.78 -5.35 -8.11
CA ARG C 503 39.52 -5.61 -8.80
C ARG C 503 39.58 -5.33 -10.30
N ARG C 504 40.38 -4.38 -10.75
CA ARG C 504 40.41 -3.97 -12.14
C ARG C 504 39.00 -3.70 -12.72
N PRO C 505 38.22 -2.83 -12.07
CA PRO C 505 37.01 -2.34 -12.73
C PRO C 505 37.38 -1.42 -13.88
N SER C 506 36.53 -1.41 -14.91
CA SER C 506 36.82 -0.67 -16.14
C SER C 506 35.55 0.05 -16.58
N LEU C 507 35.46 1.35 -16.28
CA LEU C 507 34.52 2.27 -16.93
C LEU C 507 33.05 1.99 -16.64
N LYS C 508 32.73 0.93 -15.91
CA LYS C 508 31.35 0.49 -15.71
C LYS C 508 31.05 0.21 -14.24
N SER C 509 31.97 -0.45 -13.55
CA SER C 509 31.76 -0.70 -12.13
C SER C 509 31.74 0.59 -11.33
N LEU C 510 32.58 1.56 -11.72
CA LEU C 510 32.71 2.76 -10.91
C LEU C 510 31.45 3.61 -10.92
N PHE C 511 30.63 3.51 -11.96
CA PHE C 511 29.37 4.23 -11.97
C PHE C 511 28.28 3.53 -11.17
N VAL C 512 28.28 2.21 -11.14
CA VAL C 512 27.17 1.44 -10.59
C VAL C 512 27.52 0.76 -9.28
N ASP C 513 28.77 0.71 -8.88
CA ASP C 513 29.19 -0.18 -7.81
C ASP C 513 30.41 0.41 -7.14
N SER C 514 30.69 -0.09 -5.94
CA SER C 514 31.85 0.34 -5.17
C SER C 514 31.81 1.84 -4.94
N TYR C 515 30.66 2.34 -4.52
CA TYR C 515 30.60 3.74 -4.12
C TYR C 515 31.44 3.98 -2.89
N SER C 516 31.45 3.04 -1.95
CA SER C 516 32.16 3.30 -0.70
C SER C 516 33.64 3.45 -0.95
N GLU C 517 34.23 2.60 -1.78
CA GLU C 517 35.66 2.70 -2.02
C GLU C 517 35.97 4.00 -2.74
N ILE C 518 35.14 4.38 -3.69
CA ILE C 518 35.36 5.61 -4.41
C ILE C 518 35.28 6.79 -3.46
N LEU C 519 34.29 6.81 -2.57
CA LEU C 519 34.13 7.96 -1.71
C LEU C 519 35.28 8.08 -0.72
N PHE C 520 35.69 6.97 -0.13
CA PHE C 520 36.85 7.05 0.76
C PHE C 520 38.08 7.49 -0.01
N PHE C 521 38.21 7.04 -1.25
CA PHE C 521 39.33 7.50 -2.05
C PHE C 521 39.25 9.01 -2.26
N VAL C 522 38.06 9.52 -2.55
CA VAL C 522 37.94 10.95 -2.84
C VAL C 522 38.27 11.77 -1.61
N GLN C 523 37.88 11.28 -0.44
CA GLN C 523 38.32 11.95 0.78
C GLN C 523 39.82 12.02 0.83
N SER C 524 40.48 10.88 0.57
CA SER C 524 41.93 10.91 0.66
C SER C 524 42.52 11.85 -0.38
N LEU C 525 41.90 11.94 -1.55
CA LEU C 525 42.40 12.88 -2.55
C LEU C 525 42.31 14.31 -2.04
N PHE C 526 41.19 14.65 -1.42
CA PHE C 526 41.06 16.02 -0.94
C PHE C 526 42.07 16.31 0.13
N MET C 527 42.33 15.36 1.01
CA MET C 527 43.37 15.58 2.01
C MET C 527 44.72 15.81 1.35
N LEU C 528 45.03 15.04 0.31
CA LEU C 528 46.34 15.22 -0.31
C LEU C 528 46.46 16.58 -0.97
N VAL C 529 45.40 17.01 -1.66
CA VAL C 529 45.44 18.34 -2.26
C VAL C 529 45.62 19.39 -1.17
N SER C 530 45.01 19.16 -0.01
CA SER C 530 45.22 20.08 1.10
C SER C 530 46.67 20.12 1.52
N VAL C 531 47.33 18.96 1.58
CA VAL C 531 48.75 18.97 1.97
C VAL C 531 49.57 19.74 0.95
N VAL C 532 49.31 19.51 -0.33
CA VAL C 532 50.05 20.21 -1.39
C VAL C 532 49.88 21.71 -1.23
N LEU C 533 48.64 22.16 -1.13
CA LEU C 533 48.41 23.59 -1.04
C LEU C 533 48.92 24.16 0.28
N TYR C 534 48.94 23.35 1.33
CA TYR C 534 49.51 23.81 2.57
C TYR C 534 50.98 24.14 2.40
N PHE C 535 51.72 23.25 1.75
CA PHE C 535 53.16 23.47 1.62
C PHE C 535 53.54 24.29 0.40
N SER C 536 52.61 24.65 -0.46
CA SER C 536 52.92 25.56 -1.55
C SER C 536 52.74 27.01 -1.14
N GLN C 537 52.59 27.31 0.15
CA GLN C 537 52.42 28.68 0.60
C GLN C 537 51.20 29.30 -0.05
N ARG C 538 50.04 28.70 0.22
CA ARG C 538 48.78 29.23 -0.24
C ARG C 538 47.78 29.16 0.89
N LYS C 539 46.76 30.01 0.83
CA LYS C 539 45.69 29.98 1.80
C LYS C 539 44.58 29.02 1.41
N GLU C 540 44.48 28.64 0.14
CA GLU C 540 43.33 27.90 -0.32
C GLU C 540 43.28 26.49 0.22
N TYR C 541 44.29 26.04 0.96
CA TYR C 541 44.29 24.67 1.45
C TYR C 541 43.06 24.38 2.28
N VAL C 542 42.55 25.39 2.99
CA VAL C 542 41.38 25.14 3.81
C VAL C 542 40.23 24.70 2.95
N ALA C 543 40.10 25.26 1.75
CA ALA C 543 39.02 24.85 0.87
C ALA C 543 39.12 23.36 0.55
N SER C 544 40.32 22.81 0.49
CA SER C 544 40.41 21.37 0.35
C SER C 544 40.06 20.68 1.65
N MET C 545 40.70 21.10 2.75
CA MET C 545 40.59 20.34 3.99
C MET C 545 39.15 20.23 4.40
N VAL C 546 38.43 21.34 4.30
CA VAL C 546 37.04 21.39 4.70
C VAL C 546 36.24 20.36 3.96
N PHE C 547 36.40 20.28 2.64
CA PHE C 547 35.60 19.31 1.91
C PHE C 547 35.88 17.93 2.42
N SER C 548 37.16 17.61 2.60
CA SER C 548 37.49 16.29 3.10
C SER C 548 36.81 16.06 4.41
N LEU C 549 36.87 17.04 5.29
CA LEU C 549 36.29 16.88 6.62
C LEU C 549 34.82 16.57 6.51
N ALA C 550 34.10 17.32 5.68
CA ALA C 550 32.68 17.05 5.52
C ALA C 550 32.46 15.64 5.04
N MET C 551 33.19 15.24 4.01
CA MET C 551 32.97 13.92 3.46
C MET C 551 33.32 12.87 4.49
N GLY C 552 34.33 13.13 5.31
CA GLY C 552 34.71 12.16 6.31
C GLY C 552 33.54 11.84 7.20
N TRP C 553 32.83 12.85 7.66
CA TRP C 553 31.71 12.59 8.54
C TRP C 553 30.60 11.89 7.79
N THR C 554 30.33 12.31 6.55
CA THR C 554 29.25 11.65 5.85
C THR C 554 29.64 10.25 5.46
N ASN C 555 30.94 9.94 5.42
CA ASN C 555 31.32 8.57 5.14
C ASN C 555 31.21 7.68 6.35
N MET C 556 30.94 8.25 7.52
CA MET C 556 30.73 7.41 8.68
C MET C 556 29.63 6.39 8.44
N LEU C 557 28.66 6.70 7.60
CA LEU C 557 27.60 5.75 7.33
C LEU C 557 28.07 4.46 6.71
N TYR C 558 29.27 4.42 6.12
CA TYR C 558 29.77 3.13 5.63
C TYR C 558 29.84 2.14 6.76
N TYR C 559 30.21 2.59 7.94
CA TYR C 559 30.31 1.65 9.03
C TYR C 559 28.97 1.22 9.57
N THR C 560 27.85 1.68 9.01
CA THR C 560 26.58 1.23 9.54
C THR C 560 26.34 -0.23 9.26
N ARG C 561 26.86 -0.76 8.16
CA ARG C 561 26.76 -2.19 7.93
C ARG C 561 27.39 -2.92 9.08
N GLY C 562 26.70 -3.97 9.54
CA GLY C 562 27.01 -4.63 10.80
C GLY C 562 25.89 -4.48 11.81
N PHE C 563 25.10 -3.43 11.68
CA PHE C 563 23.94 -3.20 12.52
C PHE C 563 22.72 -3.35 11.64
N GLN C 564 22.03 -4.48 11.78
CA GLN C 564 21.04 -4.92 10.80
C GLN C 564 19.98 -3.85 10.56
N GLN C 565 19.29 -3.45 11.63
CA GLN C 565 18.24 -2.46 11.51
C GLN C 565 18.76 -1.15 10.94
N MET C 566 20.01 -0.79 11.23
CA MET C 566 20.55 0.46 10.68
C MET C 566 21.11 0.23 9.29
N GLY C 567 21.70 -0.92 9.04
CA GLY C 567 22.30 -1.16 7.75
C GLY C 567 21.26 -1.12 6.64
N ILE C 568 20.09 -1.69 6.90
CA ILE C 568 19.06 -1.67 5.88
C ILE C 568 18.67 -0.22 5.60
N TYR C 569 18.53 0.58 6.64
CA TYR C 569 18.14 1.96 6.45
C TYR C 569 19.16 2.72 5.63
N ALA C 570 20.44 2.49 5.91
CA ALA C 570 21.48 3.18 5.15
C ALA C 570 21.45 2.77 3.69
N VAL C 571 21.17 1.49 3.41
CA VAL C 571 21.08 1.09 2.02
C VAL C 571 19.89 1.77 1.35
N MET C 572 18.79 1.93 2.08
CA MET C 572 17.66 2.62 1.48
C MET C 572 18.01 4.06 1.15
N ILE C 573 18.80 4.70 2.00
CA ILE C 573 19.26 6.06 1.65
C ILE C 573 20.08 6.03 0.38
N GLU C 574 20.98 5.04 0.25
CA GLU C 574 21.82 5.01 -0.94
C GLU C 574 20.97 4.88 -2.20
N LYS C 575 19.98 3.99 -2.16
CA LYS C 575 19.17 3.78 -3.34
C LYS C 575 18.33 5.01 -3.66
N MET C 576 17.78 5.67 -2.65
CA MET C 576 16.98 6.85 -2.96
C MET C 576 17.86 7.98 -3.48
N ILE C 577 19.08 8.14 -2.98
CA ILE C 577 19.92 9.20 -3.54
C ILE C 577 20.23 8.89 -4.99
N LEU C 578 20.46 7.63 -5.33
CA LEU C 578 20.76 7.35 -6.73
C LEU C 578 19.56 7.64 -7.62
N ARG C 579 18.39 7.16 -7.25
CA ARG C 579 17.24 7.27 -8.15
C ARG C 579 16.59 8.65 -8.06
N ASP C 580 16.00 8.95 -6.92
CA ASP C 580 15.03 10.01 -6.91
C ASP C 580 15.65 11.39 -6.90
N LEU C 581 16.88 11.54 -6.44
CA LEU C 581 17.55 12.83 -6.60
C LEU C 581 18.33 12.95 -7.89
N CYS C 582 18.05 12.10 -8.88
CA CYS C 582 18.27 12.51 -10.26
C CYS C 582 16.94 12.82 -10.92
N ARG C 583 15.97 11.93 -10.74
CA ARG C 583 14.68 12.14 -11.38
C ARG C 583 14.05 13.44 -10.91
N PHE C 584 14.18 13.75 -9.62
CA PHE C 584 13.66 15.00 -9.10
C PHE C 584 14.49 16.17 -9.59
N MET C 585 15.79 16.11 -9.41
CA MET C 585 16.56 17.32 -9.60
C MET C 585 16.58 17.76 -11.04
N PHE C 586 16.40 16.87 -12.01
CA PHE C 586 16.27 17.39 -13.37
C PHE C 586 15.06 18.29 -13.48
N VAL C 587 13.91 17.81 -13.02
CA VAL C 587 12.69 18.58 -13.13
C VAL C 587 12.80 19.86 -12.33
N TYR C 588 13.30 19.76 -11.11
CA TYR C 588 13.36 20.94 -10.26
C TYR C 588 14.30 21.98 -10.83
N LEU C 589 15.48 21.58 -11.27
CA LEU C 589 16.37 22.57 -11.85
C LEU C 589 15.78 23.19 -13.09
N VAL C 590 15.02 22.42 -13.86
CA VAL C 590 14.41 23.01 -15.04
C VAL C 590 13.43 24.09 -14.65
N PHE C 591 12.51 23.80 -13.73
CA PHE C 591 11.54 24.82 -13.36
C PHE C 591 12.22 26.02 -12.73
N LEU C 592 13.17 25.77 -11.83
CA LEU C 592 13.84 26.86 -11.15
C LEU C 592 14.55 27.75 -12.14
N PHE C 593 15.32 27.15 -13.03
CA PHE C 593 16.07 27.95 -13.98
C PHE C 593 15.14 28.71 -14.90
N GLY C 594 14.03 28.09 -15.29
CA GLY C 594 13.09 28.80 -16.15
C GLY C 594 12.54 30.04 -15.49
N PHE C 595 11.94 29.88 -14.31
CA PHE C 595 11.34 31.05 -13.70
C PHE C 595 12.38 32.03 -13.21
N SER C 596 13.59 31.56 -12.90
CA SER C 596 14.63 32.48 -12.49
C SER C 596 15.04 33.36 -13.63
N THR C 597 15.31 32.78 -14.78
CA THR C 597 15.74 33.63 -15.88
C THR C 597 14.59 34.49 -16.39
N ALA C 598 13.35 34.03 -16.27
CA ALA C 598 12.23 34.91 -16.59
C ALA C 598 12.18 36.11 -15.67
N VAL C 599 12.21 35.88 -14.36
CA VAL C 599 12.08 36.98 -13.42
C VAL C 599 13.24 37.94 -13.56
N VAL C 600 14.46 37.43 -13.70
CA VAL C 600 15.58 38.34 -13.79
C VAL C 600 15.56 39.07 -15.12
N THR C 601 14.99 38.47 -16.15
CA THR C 601 14.76 39.21 -17.38
C THR C 601 13.85 40.38 -17.14
N LEU C 602 12.81 40.17 -16.34
CA LEU C 602 11.84 41.22 -16.14
C LEU C 602 12.40 42.34 -15.26
N ILE C 603 12.72 42.03 -14.02
CA ILE C 603 13.05 43.07 -13.06
C ILE C 603 14.45 43.58 -13.40
N GLU C 604 14.52 44.73 -14.06
CA GLU C 604 15.80 45.37 -14.32
C GLU C 604 15.62 46.87 -14.16
N ASP C 605 16.09 47.38 -13.03
CA ASP C 605 16.10 48.80 -12.73
C ASP C 605 16.81 49.61 -13.82
N SER C 630 18.21 45.86 -6.24
CA SER C 630 19.65 45.67 -6.37
C SER C 630 20.02 44.32 -6.97
N TYR C 631 19.05 43.40 -7.01
CA TYR C 631 19.33 42.02 -7.38
C TYR C 631 19.85 41.93 -8.79
N ASN C 632 18.97 42.15 -9.77
CA ASN C 632 19.34 42.34 -11.17
C ASN C 632 20.33 41.30 -11.68
N SER C 633 20.33 40.13 -11.07
CA SER C 633 21.40 39.18 -11.26
C SER C 633 20.85 37.77 -11.29
N LEU C 634 21.29 36.99 -12.25
CA LEU C 634 20.78 35.65 -12.35
C LEU C 634 21.17 34.82 -11.15
N TYR C 635 22.33 35.09 -10.55
CA TYR C 635 22.69 34.33 -9.37
C TYR C 635 21.77 34.66 -8.20
N SER C 636 21.62 35.95 -7.91
CA SER C 636 20.85 36.32 -6.73
C SER C 636 19.41 35.88 -6.89
N THR C 637 18.87 35.96 -8.09
CA THR C 637 17.50 35.52 -8.27
C THR C 637 17.38 34.01 -8.26
N CYS C 638 18.37 33.30 -8.78
CA CYS C 638 18.32 31.85 -8.65
C CYS C 638 18.30 31.46 -7.19
N LEU C 639 19.08 32.14 -6.38
CA LEU C 639 19.06 31.87 -4.94
C LEU C 639 17.73 32.24 -4.34
N GLU C 640 17.20 33.40 -4.70
CA GLU C 640 15.99 33.90 -4.05
C GLU C 640 14.79 33.05 -4.40
N LEU C 641 14.78 32.46 -5.59
CA LEU C 641 13.72 31.52 -5.89
C LEU C 641 14.02 30.16 -5.32
N PHE C 642 15.28 29.82 -5.10
CA PHE C 642 15.54 28.61 -4.35
C PHE C 642 14.93 28.70 -2.97
N LYS C 643 14.92 29.89 -2.39
CA LYS C 643 14.47 30.01 -1.01
C LYS C 643 13.01 29.64 -0.83
N PHE C 644 12.23 29.56 -1.90
CA PHE C 644 10.83 29.15 -1.71
C PHE C 644 10.71 27.69 -1.37
N THR C 645 11.74 26.89 -1.65
CA THR C 645 11.62 25.48 -1.37
C THR C 645 11.91 25.16 0.08
N ILE C 646 12.80 25.89 0.73
CA ILE C 646 13.06 25.68 2.15
C ILE C 646 12.11 26.52 3.02
N GLY C 647 11.04 27.04 2.45
CA GLY C 647 10.12 27.77 3.29
C GLY C 647 10.69 29.05 3.82
N MET C 648 11.36 29.83 2.99
CA MET C 648 11.70 31.20 3.33
C MET C 648 11.58 32.13 2.12
N GLY C 649 10.80 31.76 1.13
CA GLY C 649 10.56 32.67 0.04
C GLY C 649 9.76 33.86 0.52
N ASP C 650 9.89 34.99 -0.18
CA ASP C 650 9.42 36.25 0.34
C ASP C 650 8.17 36.78 -0.34
N LEU C 651 8.05 36.58 -1.65
CA LEU C 651 6.95 36.98 -2.52
C LEU C 651 6.94 38.47 -2.84
N GLU C 652 7.70 39.29 -2.15
N GLU C 652 7.76 39.27 -2.18
CA GLU C 652 7.85 40.70 -2.51
CA GLU C 652 7.85 40.70 -2.44
C GLU C 652 9.31 41.10 -2.35
C GLU C 652 9.32 41.11 -2.34
N PHE C 653 10.22 40.27 -2.85
CA PHE C 653 11.64 40.47 -2.58
C PHE C 653 12.20 41.67 -3.31
N THR C 654 11.45 42.31 -4.19
CA THR C 654 11.84 43.63 -4.68
C THR C 654 10.61 44.36 -5.17
N GLU C 655 10.76 45.66 -5.35
CA GLU C 655 9.75 46.51 -5.98
C GLU C 655 10.28 47.30 -7.14
N ASN C 656 11.56 47.12 -7.51
CA ASN C 656 12.18 47.88 -8.59
C ASN C 656 11.81 47.24 -9.93
N TYR C 657 10.57 47.51 -10.35
CA TYR C 657 10.11 47.08 -11.66
C TYR C 657 8.75 47.71 -11.92
N ASP C 658 8.33 47.61 -13.16
CA ASP C 658 6.94 47.74 -13.53
C ASP C 658 6.41 46.36 -13.87
N PHE C 659 5.16 46.29 -14.32
CA PHE C 659 4.52 45.03 -14.67
C PHE C 659 4.34 44.15 -13.45
N LYS C 660 3.89 44.77 -12.36
CA LYS C 660 3.82 44.06 -11.08
C LYS C 660 2.92 42.85 -11.18
N ALA C 661 1.89 42.92 -12.00
CA ALA C 661 1.03 41.76 -12.20
C ALA C 661 1.80 40.62 -12.84
N VAL C 662 2.67 40.92 -13.80
CA VAL C 662 3.42 39.85 -14.42
C VAL C 662 4.36 39.23 -13.42
N PHE C 663 5.06 40.05 -12.65
CA PHE C 663 6.02 39.53 -11.70
C PHE C 663 5.33 38.65 -10.66
N ILE C 664 4.19 39.10 -10.16
CA ILE C 664 3.50 38.27 -9.19
C ILE C 664 2.98 37.00 -9.83
N ILE C 665 2.52 37.06 -11.08
CA ILE C 665 2.01 35.85 -11.68
C ILE C 665 3.12 34.84 -11.84
N LEU C 666 4.30 35.30 -12.20
CA LEU C 666 5.41 34.37 -12.30
C LEU C 666 5.71 33.75 -10.97
N LEU C 667 5.79 34.55 -9.91
CA LEU C 667 6.12 33.94 -8.63
C LEU C 667 5.03 32.99 -8.16
N LEU C 668 3.77 33.34 -8.35
CA LEU C 668 2.73 32.43 -7.89
C LEU C 668 2.74 31.16 -8.71
N ALA C 669 2.99 31.26 -10.01
CA ALA C 669 3.09 30.06 -10.81
C ALA C 669 4.25 29.20 -10.36
N TYR C 670 5.37 29.83 -10.05
CA TYR C 670 6.51 29.05 -9.59
C TYR C 670 6.20 28.37 -8.28
N VAL C 671 5.60 29.10 -7.35
CA VAL C 671 5.33 28.53 -6.04
C VAL C 671 4.39 27.36 -6.18
N ILE C 672 3.35 27.51 -7.00
CA ILE C 672 2.37 26.45 -7.14
C ILE C 672 2.99 25.23 -7.80
N LEU C 673 3.72 25.43 -8.89
CA LEU C 673 4.26 24.27 -9.59
C LEU C 673 5.31 23.56 -8.76
N THR C 674 6.09 24.29 -7.98
CA THR C 674 7.23 23.70 -7.30
C THR C 674 6.97 23.39 -5.83
N TYR C 675 6.67 24.40 -5.03
CA TYR C 675 6.49 24.16 -3.60
C TYR C 675 5.26 23.34 -3.31
N ILE C 676 4.16 23.59 -4.01
CA ILE C 676 2.92 22.88 -3.70
C ILE C 676 2.91 21.50 -4.33
N LEU C 677 3.27 21.42 -5.61
CA LEU C 677 3.10 20.19 -6.37
C LEU C 677 4.34 19.32 -6.30
N LEU C 678 5.43 19.78 -6.88
CA LEU C 678 6.55 18.89 -7.13
C LEU C 678 7.17 18.39 -5.83
N LEU C 679 7.29 19.25 -4.83
CA LEU C 679 7.86 18.79 -3.56
C LEU C 679 7.01 17.69 -2.95
N ASN C 680 5.71 17.76 -3.10
CA ASN C 680 4.86 16.74 -2.55
C ASN C 680 4.82 15.50 -3.44
N MET C 681 5.01 15.70 -4.74
CA MET C 681 5.19 14.56 -5.62
C MET C 681 6.40 13.76 -5.19
N LEU C 682 7.44 14.45 -4.74
CA LEU C 682 8.64 13.75 -4.29
C LEU C 682 8.31 12.82 -3.13
N ILE C 683 7.52 13.29 -2.17
CA ILE C 683 7.21 12.46 -1.02
C ILE C 683 6.38 11.27 -1.45
N ALA C 684 5.41 11.49 -2.33
CA ALA C 684 4.61 10.36 -2.77
C ALA C 684 5.48 9.31 -3.48
N LEU C 685 6.37 9.73 -4.36
CA LEU C 685 7.16 8.76 -5.11
C LEU C 685 8.18 8.05 -4.22
N MET C 686 8.79 8.77 -3.29
CA MET C 686 9.67 8.08 -2.36
C MET C 686 8.87 7.05 -1.58
N GLY C 687 7.62 7.37 -1.25
CA GLY C 687 6.78 6.38 -0.60
C GLY C 687 6.59 5.14 -1.44
N GLU C 688 6.34 5.33 -2.73
CA GLU C 688 6.10 4.17 -3.57
C GLU C 688 7.36 3.32 -3.71
N THR C 689 8.49 3.94 -4.03
CA THR C 689 9.68 3.12 -4.26
C THR C 689 10.16 2.48 -2.97
N VAL C 690 9.94 3.13 -1.83
CA VAL C 690 10.31 2.47 -0.58
C VAL C 690 9.43 1.28 -0.32
N ASN C 691 8.16 1.38 -0.69
CA ASN C 691 7.34 0.17 -0.63
C ASN C 691 7.89 -0.90 -1.55
N LYS C 692 8.48 -0.51 -2.68
CA LYS C 692 9.00 -1.52 -3.60
C LYS C 692 10.24 -2.21 -3.03
N ILE C 693 11.19 -1.45 -2.50
CA ILE C 693 12.50 -2.01 -2.16
C ILE C 693 12.55 -2.48 -0.70
N ALA C 694 11.43 -2.94 -0.16
CA ALA C 694 11.47 -3.51 1.19
C ALA C 694 12.37 -4.72 1.24
N GLN C 695 12.22 -5.64 0.29
CA GLN C 695 12.93 -6.92 0.34
C GLN C 695 14.31 -6.85 -0.29
N GLU C 696 14.46 -6.04 -1.34
CA GLU C 696 15.75 -5.93 -2.00
C GLU C 696 16.82 -5.45 -1.03
N SER C 697 16.45 -4.57 -0.11
CA SER C 697 17.45 -3.99 0.77
C SER C 697 18.09 -5.02 1.66
N LYS C 698 17.32 -5.97 2.19
CA LYS C 698 17.91 -6.98 3.06
C LYS C 698 18.96 -7.78 2.31
N ASN C 699 18.66 -8.15 1.07
CA ASN C 699 19.64 -8.87 0.29
C ASN C 699 20.85 -8.01 -0.01
N ILE C 700 20.67 -6.73 -0.30
CA ILE C 700 21.83 -5.89 -0.52
C ILE C 700 22.66 -5.81 0.74
N TRP C 701 22.01 -5.74 1.89
CA TRP C 701 22.77 -5.65 3.11
C TRP C 701 23.55 -6.92 3.36
N LYS C 702 22.93 -8.08 3.13
CA LYS C 702 23.65 -9.33 3.33
C LYS C 702 24.85 -9.39 2.41
N LEU C 703 24.70 -8.84 1.20
CA LEU C 703 25.85 -8.79 0.30
C LEU C 703 26.94 -7.87 0.85
N GLN C 704 26.56 -6.72 1.41
CA GLN C 704 27.58 -5.82 1.91
C GLN C 704 28.32 -6.44 3.10
N ARG C 705 27.59 -7.12 3.97
CA ARG C 705 28.27 -7.84 5.03
C ARG C 705 29.18 -8.92 4.46
N ALA C 706 28.76 -9.53 3.35
CA ALA C 706 29.58 -10.58 2.76
C ALA C 706 30.89 -10.02 2.22
N ILE C 707 30.81 -8.90 1.50
CA ILE C 707 32.03 -8.35 0.93
C ILE C 707 32.93 -7.85 2.05
N THR C 708 32.35 -7.34 3.13
CA THR C 708 33.17 -6.97 4.29
C THR C 708 33.89 -8.19 4.84
N ILE C 709 33.18 -9.30 4.98
CA ILE C 709 33.77 -10.50 5.55
C ILE C 709 34.93 -10.96 4.70
N LEU C 710 34.75 -10.97 3.39
CA LEU C 710 35.82 -11.44 2.53
C LEU C 710 37.04 -10.54 2.62
N ASP C 711 36.84 -9.23 2.57
CA ASP C 711 37.99 -8.34 2.60
C ASP C 711 38.72 -8.42 3.93
N THR C 712 37.97 -8.54 5.04
CA THR C 712 38.64 -8.72 6.32
C THR C 712 39.39 -10.03 6.36
N GLU C 713 38.80 -11.09 5.81
CA GLU C 713 39.45 -12.39 5.80
C GLU C 713 40.77 -12.32 5.07
N LYS C 714 40.83 -11.55 4.00
CA LYS C 714 42.05 -11.54 3.21
C LYS C 714 43.23 -11.00 4.00
N SER C 715 43.00 -10.04 4.89
CA SER C 715 44.15 -9.37 5.50
C SER C 715 44.76 -10.12 6.68
N PHE C 716 44.05 -10.14 7.81
CA PHE C 716 44.41 -10.78 9.08
C PHE C 716 45.62 -10.21 9.83
N LEU C 717 46.50 -9.46 9.16
CA LEU C 717 47.63 -8.73 9.76
C LEU C 717 48.47 -9.57 10.74
N LYS C 718 48.37 -10.91 10.70
CA LYS C 718 48.98 -11.75 11.73
C LYS C 718 49.39 -13.14 11.22
N CYS C 719 49.41 -13.38 9.91
CA CYS C 719 49.86 -14.65 9.36
C CYS C 719 49.06 -15.83 9.92
N MET C 720 47.75 -15.63 10.04
CA MET C 720 46.84 -16.64 10.58
C MET C 720 45.70 -16.85 9.59
N ARG C 721 45.17 -18.07 9.57
CA ARG C 721 44.05 -18.43 8.70
C ARG C 721 42.98 -19.11 9.56
N LYS C 722 42.10 -18.31 10.15
CA LYS C 722 41.01 -18.83 10.96
C LYS C 722 39.74 -19.00 10.14
N ALA C 723 39.88 -19.12 8.83
CA ALA C 723 38.74 -19.26 7.94
C ALA C 723 38.26 -20.70 7.80
N PHE C 724 38.93 -21.66 8.43
CA PHE C 724 38.65 -23.06 8.17
C PHE C 724 37.41 -23.54 8.92
N ARG C 725 36.85 -24.65 8.42
CA ARG C 725 35.59 -25.23 8.84
C ARG C 725 35.82 -26.34 9.89
N SER C 726 34.80 -27.15 10.14
CA SER C 726 34.79 -28.08 11.26
C SER C 726 35.72 -29.28 10.99
N GLY C 727 37.00 -28.99 10.84
CA GLY C 727 37.98 -30.04 10.77
C GLY C 727 37.89 -30.83 9.48
N LYS C 728 38.95 -31.59 9.22
CA LYS C 728 38.99 -32.50 8.09
C LYS C 728 38.22 -33.76 8.47
N LEU C 729 36.90 -33.64 8.47
CA LEU C 729 36.09 -34.79 8.82
C LEU C 729 36.17 -35.86 7.74
N LEU C 730 36.17 -37.12 8.16
CA LEU C 730 36.26 -38.23 7.23
C LEU C 730 34.96 -38.38 6.45
N GLN C 731 35.08 -38.54 5.13
CA GLN C 731 33.91 -38.70 4.28
C GLN C 731 33.30 -40.08 4.45
N VAL C 732 34.03 -41.10 3.99
CA VAL C 732 33.69 -42.50 4.23
C VAL C 732 34.91 -43.26 4.73
N GLY C 733 36.11 -42.77 4.42
CA GLY C 733 37.28 -43.61 4.55
C GLY C 733 37.43 -44.63 3.45
N PHE C 734 36.57 -44.58 2.42
CA PHE C 734 36.66 -45.49 1.30
C PHE C 734 35.99 -44.79 0.11
N THR C 735 36.80 -44.30 -0.81
CA THR C 735 36.30 -43.86 -2.10
C THR C 735 36.17 -45.10 -2.99
N PRO C 736 35.76 -44.94 -4.25
CA PRO C 736 35.93 -46.07 -5.18
C PRO C 736 37.36 -46.56 -5.24
N ASP C 737 38.32 -45.63 -5.13
CA ASP C 737 39.69 -46.00 -4.80
C ASP C 737 39.78 -46.30 -3.31
N GLY C 738 40.72 -47.18 -2.96
CA GLY C 738 40.81 -47.67 -1.59
C GLY C 738 41.24 -46.63 -0.58
N LYS C 739 41.80 -45.52 -1.02
CA LYS C 739 42.25 -44.52 -0.07
C LYS C 739 41.05 -43.88 0.63
N ASP C 740 41.32 -43.15 1.70
CA ASP C 740 40.28 -42.50 2.46
C ASP C 740 39.90 -41.18 1.78
N ASP C 741 39.12 -40.35 2.48
CA ASP C 741 38.83 -39.02 1.97
C ASP C 741 38.34 -38.12 3.10
N TYR C 742 38.83 -36.89 3.14
CA TYR C 742 38.43 -35.87 4.08
C TYR C 742 37.81 -34.68 3.35
N ARG C 743 36.90 -33.99 4.04
CA ARG C 743 35.95 -33.10 3.39
C ARG C 743 36.12 -31.62 3.70
N TRP C 744 36.58 -31.25 4.89
CA TRP C 744 36.39 -29.90 5.42
C TRP C 744 34.92 -29.54 5.43
N CYS C 745 34.18 -30.28 6.24
CA CYS C 745 32.74 -30.14 6.32
C CYS C 745 32.35 -29.08 7.32
N PHE C 746 31.11 -28.60 7.17
CA PHE C 746 30.48 -27.65 8.08
C PHE C 746 29.17 -28.24 8.55
N ARG C 747 28.91 -28.15 9.87
CA ARG C 747 27.75 -28.78 10.47
C ARG C 747 26.56 -27.83 10.51
N VAL C 748 25.38 -28.40 10.33
CA VAL C 748 24.13 -27.67 10.50
C VAL C 748 23.13 -28.59 11.17
N ASP C 749 22.68 -28.21 12.35
CA ASP C 749 21.70 -28.97 13.12
C ASP C 749 20.31 -28.45 12.79
N GLU C 750 19.41 -29.36 12.45
CA GLU C 750 18.02 -29.00 12.22
C GLU C 750 17.13 -29.96 12.99
N VAL C 751 15.97 -29.46 13.39
CA VAL C 751 14.97 -30.26 14.06
C VAL C 751 13.65 -30.05 13.33
N ASN C 752 13.02 -31.15 12.92
CA ASN C 752 11.83 -31.07 12.09
C ASN C 752 10.99 -32.32 12.27
N TRP C 753 9.70 -32.17 11.97
CA TRP C 753 8.73 -33.24 12.08
C TRP C 753 8.48 -33.94 10.75
N THR C 754 9.24 -33.61 9.71
CA THR C 754 9.25 -34.45 8.51
C THR C 754 10.15 -35.66 8.73
N THR C 755 10.11 -36.57 7.78
CA THR C 755 10.85 -37.84 7.81
C THR C 755 10.31 -38.80 8.85
N TRP C 756 9.13 -38.55 9.39
CA TRP C 756 8.50 -39.45 10.34
C TRP C 756 7.56 -40.40 9.61
N TYR D 202 -40.82 -16.57 33.06
CA TYR D 202 -40.36 -16.04 31.78
C TYR D 202 -41.04 -16.77 30.62
N TYR D 203 -40.93 -18.11 30.62
CA TYR D 203 -41.45 -18.93 29.53
C TYR D 203 -42.97 -18.99 29.64
N LYS D 204 -43.60 -17.88 29.33
CA LYS D 204 -45.04 -17.75 29.49
C LYS D 204 -45.76 -18.28 28.25
N GLY D 205 -46.93 -18.87 28.49
CA GLY D 205 -47.79 -19.32 27.40
C GLY D 205 -47.22 -20.44 26.56
N GLN D 206 -46.66 -21.47 27.19
CA GLN D 206 -46.02 -22.55 26.44
C GLN D 206 -47.05 -23.58 25.97
N THR D 207 -46.77 -24.15 24.81
CA THR D 207 -47.47 -25.33 24.29
C THR D 207 -46.42 -26.31 23.79
N ALA D 208 -46.81 -27.57 23.73
CA ALA D 208 -45.85 -28.61 23.35
C ALA D 208 -45.47 -28.53 21.87
N LEU D 209 -46.26 -27.83 21.05
CA LEU D 209 -45.95 -27.72 19.65
C LEU D 209 -44.59 -27.07 19.44
N HIS D 210 -44.32 -25.98 20.16
CA HIS D 210 -43.02 -25.36 19.98
C HIS D 210 -41.91 -26.17 20.60
N ILE D 211 -42.23 -27.06 21.55
CA ILE D 211 -41.19 -27.95 22.06
C ILE D 211 -40.80 -28.95 20.98
N ALA D 212 -41.79 -29.56 20.33
CA ALA D 212 -41.48 -30.50 19.26
C ALA D 212 -40.73 -29.80 18.13
N ILE D 213 -41.17 -28.60 17.78
CA ILE D 213 -40.57 -27.88 16.66
C ILE D 213 -39.17 -27.41 17.02
N GLU D 214 -38.99 -26.91 18.25
CA GLU D 214 -37.67 -26.58 18.76
C GLU D 214 -36.76 -27.80 18.69
N ARG D 215 -37.30 -28.97 18.99
CA ARG D 215 -36.56 -30.21 18.93
C ARG D 215 -36.49 -30.79 17.52
N ARG D 216 -37.20 -30.20 16.55
CA ARG D 216 -37.18 -30.66 15.16
C ARG D 216 -37.66 -32.11 15.07
N ASN D 217 -38.77 -32.39 15.73
CA ASN D 217 -39.43 -33.69 15.71
C ASN D 217 -40.80 -33.49 15.07
N MET D 218 -40.93 -33.85 13.80
CA MET D 218 -42.20 -33.64 13.10
C MET D 218 -43.26 -34.59 13.63
N THR D 219 -42.86 -35.78 14.07
CA THR D 219 -43.85 -36.78 14.48
C THR D 219 -44.65 -36.31 15.67
N LEU D 220 -43.98 -35.72 16.66
CA LEU D 220 -44.68 -35.20 17.83
C LEU D 220 -45.65 -34.10 17.42
N VAL D 221 -45.24 -33.26 16.47
CA VAL D 221 -46.14 -32.23 15.95
C VAL D 221 -47.38 -32.87 15.36
N THR D 222 -47.17 -33.91 14.55
CA THR D 222 -48.30 -34.60 13.92
C THR D 222 -49.24 -35.15 14.97
N LEU D 223 -48.69 -35.75 16.01
CA LEU D 223 -49.52 -36.29 17.07
C LEU D 223 -50.31 -35.19 17.76
N LEU D 224 -49.64 -34.09 18.09
CA LEU D 224 -50.30 -33.02 18.83
C LEU D 224 -51.43 -32.43 18.01
N VAL D 225 -51.22 -32.26 16.71
CA VAL D 225 -52.29 -31.78 15.85
C VAL D 225 -53.42 -32.81 15.81
N GLU D 226 -53.08 -34.09 15.69
CA GLU D 226 -54.10 -35.13 15.68
C GLU D 226 -54.83 -35.18 17.02
N ASN D 227 -54.16 -34.83 18.10
CA ASN D 227 -54.80 -34.70 19.40
C ASN D 227 -55.52 -33.38 19.58
N GLY D 228 -55.68 -32.60 18.52
CA GLY D 228 -56.45 -31.38 18.59
C GLY D 228 -55.75 -30.23 19.26
N ALA D 229 -54.44 -30.15 19.15
CA ALA D 229 -53.71 -29.03 19.70
C ALA D 229 -54.08 -27.76 18.94
N ASP D 230 -54.20 -26.65 19.68
CA ASP D 230 -54.52 -25.36 19.07
C ASP D 230 -53.33 -24.84 18.29
N VAL D 231 -53.63 -24.05 17.27
CA VAL D 231 -52.60 -23.48 16.40
C VAL D 231 -52.14 -22.12 16.91
N GLN D 232 -53.08 -21.23 17.22
CA GLN D 232 -52.74 -19.86 17.54
C GLN D 232 -52.25 -19.77 18.98
N ALA D 233 -51.06 -20.32 19.21
CA ALA D 233 -50.43 -20.31 20.53
C ALA D 233 -49.80 -18.95 20.75
N ALA D 234 -50.49 -18.09 21.49
CA ALA D 234 -50.02 -16.73 21.73
C ALA D 234 -49.03 -16.73 22.91
N ALA D 235 -47.91 -17.42 22.69
CA ALA D 235 -46.85 -17.42 23.68
C ALA D 235 -46.19 -16.05 23.70
N ASN D 236 -46.33 -15.35 24.83
CA ASN D 236 -45.71 -14.05 25.04
C ASN D 236 -44.47 -14.18 25.91
N GLY D 237 -43.82 -15.34 25.86
CA GLY D 237 -42.73 -15.60 26.77
C GLY D 237 -41.55 -14.68 26.52
N ASP D 238 -40.97 -14.20 27.62
CA ASP D 238 -39.82 -13.31 27.53
C ASP D 238 -38.65 -13.98 26.84
N PHE D 239 -38.58 -15.31 26.87
CA PHE D 239 -37.59 -16.03 26.10
C PHE D 239 -37.88 -15.98 24.60
N PHE D 240 -39.11 -15.64 24.20
CA PHE D 240 -39.50 -15.60 22.80
C PHE D 240 -39.94 -14.21 22.33
N LYS D 241 -39.53 -13.16 23.03
CA LYS D 241 -39.74 -11.80 22.55
C LYS D 241 -38.58 -11.37 21.67
N LYS D 242 -38.69 -10.16 21.13
CA LYS D 242 -37.57 -9.56 20.43
C LYS D 242 -36.45 -9.23 21.41
N THR D 243 -35.47 -8.45 20.94
CA THR D 243 -34.33 -8.09 21.78
C THR D 243 -33.56 -9.31 22.26
N LYS D 244 -32.89 -10.00 21.34
CA LYS D 244 -32.07 -11.18 21.64
C LYS D 244 -30.78 -10.87 22.41
N GLY D 245 -30.59 -9.64 22.90
CA GLY D 245 -29.48 -9.38 23.81
C GLY D 245 -29.54 -10.29 25.02
N ARG D 246 -30.70 -10.36 25.66
CA ARG D 246 -30.96 -11.49 26.56
C ARG D 246 -31.18 -12.74 25.70
N PRO D 247 -30.76 -13.91 26.15
CA PRO D 247 -30.98 -15.12 25.33
C PRO D 247 -32.44 -15.34 24.99
N GLY D 248 -32.72 -15.49 23.70
CA GLY D 248 -34.08 -15.67 23.24
C GLY D 248 -34.09 -15.87 21.74
N PHE D 249 -35.26 -16.25 21.24
CA PHE D 249 -35.41 -16.56 19.81
C PHE D 249 -36.81 -16.13 19.40
N TYR D 250 -36.88 -15.05 18.63
CA TYR D 250 -38.15 -14.42 18.32
C TYR D 250 -38.84 -15.14 17.17
N PHE D 251 -40.13 -15.46 17.39
CA PHE D 251 -40.99 -15.98 16.34
C PHE D 251 -42.36 -15.30 16.29
N GLY D 252 -42.83 -14.69 17.36
CA GLY D 252 -44.02 -13.87 17.30
C GLY D 252 -45.33 -14.63 17.37
N GLU D 253 -45.54 -15.40 18.43
CA GLU D 253 -46.88 -15.89 18.80
C GLU D 253 -47.53 -16.70 17.69
N LEU D 254 -46.75 -17.50 16.97
CA LEU D 254 -47.28 -18.46 16.01
C LEU D 254 -46.31 -19.62 15.80
N PRO D 255 -46.69 -20.88 16.04
CA PRO D 255 -45.74 -21.99 15.79
C PRO D 255 -45.32 -22.12 14.34
N LEU D 256 -46.15 -21.69 13.40
CA LEU D 256 -45.74 -21.66 12.00
C LEU D 256 -44.47 -20.85 11.83
N SER D 257 -44.38 -19.74 12.55
CA SER D 257 -43.17 -18.93 12.50
C SER D 257 -41.96 -19.73 12.97
N LEU D 258 -42.14 -20.51 14.04
CA LEU D 258 -41.03 -21.34 14.49
C LEU D 258 -40.59 -22.31 13.42
N ALA D 259 -41.55 -22.99 12.80
CA ALA D 259 -41.20 -23.99 11.81
C ALA D 259 -40.47 -23.37 10.64
N ALA D 260 -40.96 -22.23 10.15
CA ALA D 260 -40.30 -21.57 9.03
C ALA D 260 -38.93 -21.01 9.44
N CYS D 261 -38.86 -20.42 10.63
CA CYS D 261 -37.61 -19.88 11.14
C CYS D 261 -36.57 -20.96 11.33
N THR D 262 -37.00 -22.20 11.50
CA THR D 262 -36.11 -23.31 11.79
C THR D 262 -35.71 -24.09 10.55
N ASN D 263 -36.13 -23.65 9.36
CA ASN D 263 -35.81 -24.33 8.11
C ASN D 263 -36.45 -25.71 8.05
N GLN D 264 -37.73 -25.79 8.42
CA GLN D 264 -38.52 -27.02 8.41
C GLN D 264 -39.67 -26.84 7.43
N LEU D 265 -39.43 -27.20 6.16
CA LEU D 265 -40.46 -27.05 5.15
C LEU D 265 -41.65 -27.97 5.39
N ALA D 266 -41.38 -29.19 5.84
CA ALA D 266 -42.47 -30.15 6.04
C ALA D 266 -43.42 -29.68 7.12
N ILE D 267 -42.89 -29.13 8.21
CA ILE D 267 -43.77 -28.70 9.29
C ILE D 267 -44.65 -27.56 8.82
N VAL D 268 -44.08 -26.60 8.09
CA VAL D 268 -44.87 -25.45 7.68
C VAL D 268 -45.98 -25.88 6.72
N LYS D 269 -45.65 -26.76 5.77
CA LYS D 269 -46.70 -27.20 4.86
C LYS D 269 -47.78 -27.95 5.60
N PHE D 270 -47.38 -28.81 6.53
CA PHE D 270 -48.34 -29.58 7.30
C PHE D 270 -49.23 -28.66 8.13
N LEU D 271 -48.64 -27.65 8.77
CA LEU D 271 -49.43 -26.71 9.55
C LEU D 271 -50.40 -25.96 8.66
N LEU D 272 -49.98 -25.61 7.46
CA LEU D 272 -50.88 -24.97 6.51
C LEU D 272 -51.91 -25.91 5.92
N GLN D 273 -51.78 -27.22 6.13
CA GLN D 273 -52.65 -28.19 5.47
C GLN D 273 -53.16 -29.23 6.46
N ASN D 274 -53.49 -28.80 7.68
CA ASN D 274 -54.05 -29.70 8.68
C ASN D 274 -55.50 -30.01 8.37
N SER D 275 -55.98 -31.11 8.95
CA SER D 275 -57.40 -31.44 8.93
C SER D 275 -58.12 -30.85 10.13
N TRP D 276 -57.53 -30.92 11.31
CA TRP D 276 -58.19 -30.46 12.52
C TRP D 276 -58.34 -28.94 12.51
N GLN D 277 -57.24 -28.23 12.37
CA GLN D 277 -57.28 -26.78 12.21
C GLN D 277 -56.02 -26.33 11.46
N PRO D 278 -56.13 -25.78 10.25
CA PRO D 278 -54.93 -25.28 9.56
C PRO D 278 -54.49 -23.93 10.09
N ALA D 279 -53.28 -23.56 9.71
CA ALA D 279 -52.67 -22.30 10.11
C ALA D 279 -52.91 -21.23 9.05
N ASP D 280 -53.05 -19.98 9.51
CA ASP D 280 -53.23 -18.83 8.66
C ASP D 280 -51.99 -17.96 8.75
N ILE D 281 -51.32 -17.75 7.61
CA ILE D 281 -50.09 -16.96 7.62
C ILE D 281 -50.36 -15.54 8.08
N SER D 282 -51.54 -15.02 7.79
CA SER D 282 -51.86 -13.64 8.08
C SER D 282 -52.18 -13.37 9.54
N ALA D 283 -52.05 -14.35 10.43
CA ALA D 283 -52.25 -14.10 11.85
C ALA D 283 -51.13 -13.23 12.40
N ARG D 284 -51.52 -12.25 13.23
CA ARG D 284 -50.62 -11.23 13.71
C ARG D 284 -50.44 -11.33 15.22
N ASP D 285 -49.22 -11.12 15.66
CA ASP D 285 -48.88 -11.16 17.07
C ASP D 285 -49.18 -9.81 17.71
N SER D 286 -48.80 -9.64 18.98
CA SER D 286 -49.11 -8.41 19.70
C SER D 286 -48.45 -7.20 19.09
N VAL D 287 -47.32 -7.37 18.42
CA VAL D 287 -46.68 -6.27 17.72
C VAL D 287 -47.32 -6.01 16.36
N GLY D 288 -48.13 -6.96 15.88
CA GLY D 288 -48.68 -6.91 14.53
C GLY D 288 -47.89 -7.68 13.51
N ASN D 289 -46.81 -8.34 13.89
CA ASN D 289 -45.94 -9.01 12.94
C ASN D 289 -46.54 -10.34 12.49
N THR D 290 -46.22 -10.72 11.27
CA THR D 290 -46.62 -11.98 10.67
C THR D 290 -45.41 -12.90 10.53
N VAL D 291 -45.61 -14.01 9.83
CA VAL D 291 -44.51 -14.91 9.53
C VAL D 291 -43.42 -14.18 8.76
N LEU D 292 -43.82 -13.34 7.80
CA LEU D 292 -42.83 -12.69 6.94
C LEU D 292 -42.00 -11.69 7.71
N HIS D 293 -42.61 -10.89 8.59
CA HIS D 293 -41.83 -9.97 9.39
C HIS D 293 -40.84 -10.72 10.26
N ALA D 294 -41.24 -11.87 10.80
CA ALA D 294 -40.31 -12.68 11.57
C ALA D 294 -39.20 -13.23 10.69
N LEU D 295 -39.53 -13.66 9.47
CA LEU D 295 -38.51 -14.15 8.55
C LEU D 295 -37.49 -13.07 8.27
N VAL D 296 -37.96 -11.84 8.12
CA VAL D 296 -37.06 -10.71 7.96
C VAL D 296 -36.22 -10.55 9.20
N GLU D 297 -36.84 -10.64 10.37
CA GLU D 297 -36.15 -10.34 11.62
C GLU D 297 -35.00 -11.29 11.85
N VAL D 298 -35.18 -12.57 11.52
CA VAL D 298 -34.15 -13.56 11.83
C VAL D 298 -32.95 -13.49 10.90
N ALA D 299 -33.00 -12.71 9.84
CA ALA D 299 -31.85 -12.62 8.95
C ALA D 299 -30.71 -11.88 9.65
N ASP D 300 -29.49 -12.22 9.25
CA ASP D 300 -28.29 -11.50 9.70
C ASP D 300 -27.31 -11.25 8.56
N ASN D 301 -27.71 -11.47 7.32
CA ASN D 301 -26.92 -11.15 6.14
C ASN D 301 -25.65 -11.98 6.04
N THR D 302 -25.64 -13.18 6.61
CA THR D 302 -24.62 -14.17 6.29
C THR D 302 -25.08 -15.02 5.10
N VAL D 303 -24.12 -15.72 4.51
CA VAL D 303 -24.38 -16.42 3.24
C VAL D 303 -25.44 -17.49 3.42
N ASP D 304 -25.25 -18.35 4.41
CA ASP D 304 -26.19 -19.45 4.59
C ASP D 304 -27.51 -18.94 5.14
N ASN D 305 -27.45 -17.95 6.03
CA ASN D 305 -28.68 -17.30 6.45
C ASN D 305 -29.38 -16.65 5.25
N THR D 306 -28.61 -16.03 4.36
CA THR D 306 -29.22 -15.42 3.19
C THR D 306 -29.95 -16.46 2.35
N LYS D 307 -29.29 -17.57 2.05
CA LYS D 307 -29.92 -18.62 1.26
C LYS D 307 -31.14 -19.18 1.97
N PHE D 308 -31.01 -19.44 3.27
CA PHE D 308 -32.12 -20.04 4.01
C PHE D 308 -33.32 -19.12 4.02
N VAL D 309 -33.12 -17.85 4.37
CA VAL D 309 -34.27 -16.96 4.46
C VAL D 309 -34.84 -16.71 3.09
N THR D 310 -34.00 -16.65 2.07
CA THR D 310 -34.50 -16.50 0.71
C THR D 310 -35.42 -17.65 0.35
N SER D 311 -34.94 -18.88 0.55
CA SER D 311 -35.74 -20.04 0.22
C SER D 311 -37.04 -20.04 1.00
N MET D 312 -36.95 -19.88 2.32
CA MET D 312 -38.12 -19.99 3.16
C MET D 312 -39.13 -18.90 2.81
N TYR D 313 -38.65 -17.68 2.59
CA TYR D 313 -39.56 -16.58 2.27
C TYR D 313 -40.29 -16.87 0.97
N ASN D 314 -39.56 -17.28 -0.07
CA ASN D 314 -40.19 -17.55 -1.35
C ASN D 314 -41.25 -18.62 -1.20
N GLU D 315 -40.91 -19.72 -0.53
CA GLU D 315 -41.84 -20.82 -0.43
C GLU D 315 -43.06 -20.45 0.40
N ILE D 316 -42.85 -19.77 1.53
CA ILE D 316 -43.96 -19.41 2.39
C ILE D 316 -44.91 -18.51 1.63
N LEU D 317 -44.37 -17.57 0.87
CA LEU D 317 -45.24 -16.66 0.13
C LEU D 317 -46.04 -17.41 -0.92
N ILE D 318 -45.39 -18.32 -1.64
CA ILE D 318 -46.11 -19.03 -2.70
C ILE D 318 -47.23 -19.86 -2.10
N LEU D 319 -46.95 -20.52 -0.98
CA LEU D 319 -47.97 -21.34 -0.33
C LEU D 319 -49.13 -20.48 0.12
N GLY D 320 -48.84 -19.31 0.71
CA GLY D 320 -49.90 -18.42 1.11
C GLY D 320 -50.76 -18.01 -0.08
N ALA D 321 -50.12 -17.78 -1.22
CA ALA D 321 -50.88 -17.38 -2.39
C ALA D 321 -51.77 -18.52 -2.88
N LYS D 322 -51.22 -19.74 -2.94
CA LYS D 322 -52.01 -20.85 -3.48
C LYS D 322 -53.14 -21.23 -2.55
N LEU D 323 -52.95 -21.09 -1.24
CA LEU D 323 -54.03 -21.40 -0.31
C LEU D 323 -55.13 -20.36 -0.39
N HIS D 324 -54.75 -19.07 -0.43
CA HIS D 324 -55.71 -17.97 -0.49
C HIS D 324 -55.25 -16.99 -1.57
N PRO D 325 -55.51 -17.30 -2.84
CA PRO D 325 -55.15 -16.35 -3.91
C PRO D 325 -55.85 -15.02 -3.78
N THR D 326 -56.98 -14.96 -3.06
CA THR D 326 -57.71 -13.72 -2.89
C THR D 326 -57.07 -12.77 -1.89
N LEU D 327 -56.23 -13.28 -0.98
CA LEU D 327 -55.74 -12.51 0.15
C LEU D 327 -54.26 -12.16 -0.02
N LYS D 328 -53.91 -10.96 0.43
CA LYS D 328 -52.55 -10.45 0.34
C LYS D 328 -51.77 -10.82 1.59
N LEU D 329 -50.44 -10.95 1.43
CA LEU D 329 -49.55 -11.28 2.54
C LEU D 329 -48.54 -10.18 2.82
N GLU D 330 -47.69 -9.83 1.84
CA GLU D 330 -46.61 -8.91 2.12
C GLU D 330 -47.07 -7.46 2.17
N GLU D 331 -48.31 -7.17 1.82
CA GLU D 331 -48.84 -5.84 2.03
C GLU D 331 -49.30 -5.60 3.45
N ILE D 332 -49.30 -6.63 4.30
CA ILE D 332 -49.78 -6.46 5.67
C ILE D 332 -48.74 -5.74 6.49
N THR D 333 -49.18 -4.74 7.25
CA THR D 333 -48.31 -3.88 8.03
C THR D 333 -48.51 -4.11 9.52
N ASN D 334 -47.43 -3.91 10.28
CA ASN D 334 -47.48 -4.03 11.73
C ASN D 334 -47.93 -2.70 12.31
N ARG D 335 -47.85 -2.55 13.63
CA ARG D 335 -48.35 -1.35 14.29
C ARG D 335 -47.59 -0.11 13.84
N LYS D 336 -46.32 -0.26 13.50
CA LYS D 336 -45.55 0.86 12.97
C LYS D 336 -45.81 1.10 11.50
N GLY D 337 -46.69 0.31 10.87
CA GLY D 337 -47.02 0.53 9.47
C GLY D 337 -45.99 0.02 8.50
N LEU D 338 -45.23 -1.02 8.87
CA LEU D 338 -44.13 -1.52 8.06
C LEU D 338 -44.49 -2.83 7.39
N THR D 339 -44.26 -2.91 6.09
CA THR D 339 -44.32 -4.17 5.38
C THR D 339 -43.01 -4.91 5.62
N PRO D 340 -42.94 -6.17 5.20
CA PRO D 340 -41.64 -6.84 5.21
C PRO D 340 -40.60 -6.11 4.41
N LEU D 341 -40.98 -5.49 3.29
CA LEU D 341 -40.02 -4.74 2.52
C LEU D 341 -39.52 -3.54 3.29
N ALA D 342 -40.45 -2.73 3.80
CA ALA D 342 -40.07 -1.58 4.59
C ALA D 342 -39.28 -1.99 5.82
N LEU D 343 -39.69 -3.07 6.47
CA LEU D 343 -38.96 -3.53 7.65
C LEU D 343 -37.54 -3.92 7.28
N ALA D 344 -37.38 -4.79 6.30
CA ALA D 344 -36.06 -5.28 5.93
C ALA D 344 -35.18 -4.12 5.49
N ALA D 345 -35.77 -3.11 4.87
CA ALA D 345 -35.00 -1.93 4.54
C ALA D 345 -34.55 -1.21 5.79
N SER D 346 -35.47 -0.95 6.71
CA SER D 346 -35.17 -0.08 7.83
C SER D 346 -34.11 -0.64 8.77
N SER D 347 -33.86 -1.95 8.71
CA SER D 347 -32.92 -2.60 9.61
C SER D 347 -31.67 -3.11 8.90
N GLY D 348 -31.48 -2.77 7.63
CA GLY D 348 -30.27 -3.20 6.97
C GLY D 348 -30.19 -4.68 6.74
N LYS D 349 -31.34 -5.34 6.53
CA LYS D 349 -31.35 -6.75 6.15
C LYS D 349 -31.13 -6.83 4.64
N ILE D 350 -29.88 -6.57 4.25
CA ILE D 350 -29.57 -6.42 2.83
C ILE D 350 -29.82 -7.71 2.08
N GLY D 351 -29.64 -8.85 2.74
CA GLY D 351 -29.82 -10.12 2.08
C GLY D 351 -31.23 -10.28 1.56
N VAL D 352 -32.21 -10.30 2.48
CA VAL D 352 -33.59 -10.50 2.08
C VAL D 352 -34.07 -9.35 1.23
N LEU D 353 -33.50 -8.16 1.43
CA LEU D 353 -33.90 -7.04 0.59
C LEU D 353 -33.51 -7.30 -0.85
N ALA D 354 -32.32 -7.85 -1.07
CA ALA D 354 -31.90 -8.18 -2.42
C ALA D 354 -32.87 -9.16 -3.05
N TYR D 355 -33.36 -10.12 -2.28
CA TYR D 355 -34.33 -11.06 -2.84
C TYR D 355 -35.63 -10.36 -3.16
N ILE D 356 -36.17 -9.62 -2.20
CA ILE D 356 -37.52 -9.08 -2.35
C ILE D 356 -37.58 -8.13 -3.52
N LEU D 357 -36.53 -7.36 -3.73
CA LEU D 357 -36.57 -6.43 -4.85
C LEU D 357 -36.49 -7.12 -6.20
N GLN D 358 -36.19 -8.42 -6.25
CA GLN D 358 -35.93 -9.11 -7.51
C GLN D 358 -36.64 -10.46 -7.54
N ARG D 359 -37.88 -10.50 -7.07
CA ARG D 359 -38.66 -11.73 -7.17
C ARG D 359 -39.00 -12.00 -8.63
N GLU D 360 -38.72 -13.23 -9.07
CA GLU D 360 -39.05 -13.70 -10.40
C GLU D 360 -39.54 -15.13 -10.29
N ILE D 361 -40.68 -15.42 -10.90
CA ILE D 361 -41.33 -16.72 -10.83
C ILE D 361 -41.57 -17.20 -12.25
N HIS D 362 -41.17 -18.44 -12.53
CA HIS D 362 -41.42 -19.11 -13.81
C HIS D 362 -42.41 -20.23 -13.53
N GLU D 363 -43.69 -19.90 -13.61
CA GLU D 363 -44.75 -20.84 -13.33
C GLU D 363 -46.05 -20.23 -13.88
N PRO D 364 -46.88 -20.97 -14.59
CA PRO D 364 -48.09 -20.35 -15.15
C PRO D 364 -49.05 -19.93 -14.07
N GLU D 365 -49.77 -18.85 -14.34
CA GLU D 365 -50.86 -18.37 -13.49
C GLU D 365 -50.40 -17.97 -12.08
N CYS D 366 -49.09 -17.88 -11.84
CA CYS D 366 -48.55 -17.62 -10.52
C CYS D 366 -47.45 -16.56 -10.53
N ARG D 367 -47.33 -15.79 -11.61
CA ARG D 367 -46.34 -14.72 -11.66
C ARG D 367 -46.80 -13.46 -10.98
N HIS D 368 -48.09 -13.37 -10.61
CA HIS D 368 -48.62 -12.15 -10.01
C HIS D 368 -47.87 -11.74 -8.75
N LEU D 369 -47.27 -12.69 -8.06
CA LEU D 369 -46.46 -12.32 -6.91
C LEU D 369 -45.18 -11.62 -7.35
N SER D 370 -44.52 -12.14 -8.37
CA SER D 370 -43.18 -11.69 -8.71
C SER D 370 -43.22 -10.25 -9.22
N ARG D 371 -42.04 -9.62 -9.27
CA ARG D 371 -41.94 -8.21 -9.61
C ARG D 371 -40.93 -7.89 -10.69
N LYS D 372 -39.97 -8.75 -10.98
CA LYS D 372 -39.03 -8.57 -12.08
C LYS D 372 -39.55 -9.36 -13.28
N PHE D 373 -39.83 -8.67 -14.38
CA PHE D 373 -40.47 -9.24 -15.54
C PHE D 373 -39.48 -9.20 -16.70
N THR D 374 -39.97 -9.59 -17.88
CA THR D 374 -39.22 -9.39 -19.12
C THR D 374 -40.18 -8.88 -20.19
N GLU D 375 -39.91 -7.69 -20.71
CA GLU D 375 -40.75 -7.21 -21.81
C GLU D 375 -40.42 -7.95 -23.09
N TRP D 376 -39.14 -8.02 -23.46
CA TRP D 376 -38.75 -8.82 -24.59
C TRP D 376 -37.35 -9.37 -24.35
N ALA D 377 -37.05 -10.43 -25.08
CA ALA D 377 -35.79 -11.13 -24.97
C ALA D 377 -35.46 -11.68 -26.35
N TYR D 378 -34.72 -10.92 -27.13
CA TYR D 378 -34.15 -11.40 -28.37
C TYR D 378 -32.84 -12.09 -28.00
N GLY D 379 -32.00 -12.37 -29.01
CA GLY D 379 -30.84 -13.23 -28.82
C GLY D 379 -29.96 -12.86 -27.64
N PRO D 380 -29.31 -11.70 -27.69
CA PRO D 380 -28.62 -11.16 -26.51
C PRO D 380 -29.34 -10.05 -25.77
N VAL D 381 -30.35 -9.42 -26.37
CA VAL D 381 -30.99 -8.23 -25.84
C VAL D 381 -32.13 -8.67 -24.92
N HIS D 382 -32.09 -8.23 -23.66
CA HIS D 382 -33.12 -8.56 -22.69
C HIS D 382 -33.54 -7.28 -21.97
N SER D 383 -34.83 -6.94 -22.07
CA SER D 383 -35.34 -5.67 -21.57
C SER D 383 -36.32 -5.96 -20.44
N SER D 384 -35.83 -5.91 -19.20
CA SER D 384 -36.64 -6.29 -18.06
C SER D 384 -37.38 -5.09 -17.51
N LEU D 385 -38.43 -5.37 -16.74
CA LEU D 385 -39.26 -4.36 -16.11
C LEU D 385 -39.31 -4.63 -14.61
N TYR D 386 -38.98 -3.63 -13.80
CA TYR D 386 -39.00 -3.72 -12.35
C TYR D 386 -40.23 -3.01 -11.83
N ASP D 387 -41.05 -3.72 -11.05
CA ASP D 387 -42.18 -3.09 -10.37
C ASP D 387 -41.65 -2.23 -9.26
N LEU D 388 -42.19 -1.04 -9.13
CA LEU D 388 -41.74 -0.05 -8.16
C LEU D 388 -42.87 0.47 -7.29
N SER D 389 -43.91 -0.33 -7.09
CA SER D 389 -44.86 0.03 -6.05
C SER D 389 -44.10 0.09 -4.74
N CYS D 390 -44.44 1.07 -3.92
CA CYS D 390 -43.86 1.24 -2.59
C CYS D 390 -42.38 1.61 -2.62
N ILE D 391 -41.82 1.93 -3.78
CA ILE D 391 -40.42 2.37 -3.86
C ILE D 391 -40.32 3.89 -3.84
N ASP D 392 -41.16 4.58 -4.60
CA ASP D 392 -41.26 6.03 -4.51
C ASP D 392 -42.15 6.45 -3.34
N THR D 393 -43.34 5.86 -3.24
CA THR D 393 -44.32 6.28 -2.25
C THR D 393 -45.20 5.10 -1.87
N CYS D 394 -45.28 4.83 -0.56
CA CYS D 394 -46.30 3.98 0.03
C CYS D 394 -47.46 4.77 0.58
N GLU D 395 -47.43 6.09 0.42
CA GLU D 395 -48.28 7.06 1.11
C GLU D 395 -47.90 7.24 2.58
N LYS D 396 -47.02 6.39 3.12
CA LYS D 396 -46.46 6.63 4.45
C LYS D 396 -44.94 6.72 4.39
N ASN D 397 -44.30 5.65 3.93
CA ASN D 397 -42.84 5.56 3.95
C ASN D 397 -42.41 4.54 2.93
N SER D 398 -41.63 4.99 1.96
CA SER D 398 -41.17 4.16 0.86
C SER D 398 -39.81 3.58 1.22
N VAL D 399 -39.31 2.73 0.35
CA VAL D 399 -38.03 2.10 0.61
C VAL D 399 -36.93 3.14 0.63
N LEU D 400 -36.92 4.04 -0.36
CA LEU D 400 -35.88 5.05 -0.42
C LEU D 400 -35.91 5.92 0.81
N GLU D 401 -37.11 6.29 1.27
CA GLU D 401 -37.21 7.17 2.40
C GLU D 401 -36.59 6.53 3.63
N VAL D 402 -36.87 5.25 3.85
CA VAL D 402 -36.37 4.61 5.07
C VAL D 402 -34.91 4.25 4.94
N ILE D 403 -34.40 4.09 3.71
CA ILE D 403 -32.96 3.92 3.60
C ILE D 403 -32.25 5.23 3.87
N ALA D 404 -32.53 6.24 3.06
CA ALA D 404 -31.73 7.46 3.08
C ALA D 404 -31.88 8.22 4.38
N TYR D 405 -33.10 8.32 4.91
CA TYR D 405 -33.33 8.97 6.19
C TYR D 405 -33.22 8.00 7.34
N SER D 406 -32.43 6.94 7.20
CA SER D 406 -32.21 6.00 8.27
C SER D 406 -31.61 6.71 9.49
N SER D 407 -31.63 6.01 10.61
CA SER D 407 -31.09 6.56 11.85
C SER D 407 -29.56 6.44 11.94
N SER D 408 -28.89 5.95 10.90
CA SER D 408 -27.44 5.84 10.84
C SER D 408 -26.87 4.75 11.73
N GLU D 409 -27.68 4.05 12.50
CA GLU D 409 -27.21 2.92 13.28
C GLU D 409 -27.27 1.62 12.51
N THR D 410 -28.05 1.56 11.44
CA THR D 410 -28.09 0.38 10.62
C THR D 410 -26.71 0.10 10.04
N PRO D 411 -26.06 -1.02 10.37
CA PRO D 411 -24.61 -1.11 10.11
C PRO D 411 -24.20 -1.00 8.64
N ASN D 412 -25.11 -1.28 7.71
CA ASN D 412 -24.76 -1.31 6.29
C ASN D 412 -25.73 -0.50 5.44
N ARG D 413 -26.20 0.64 5.95
CA ARG D 413 -27.06 1.48 5.13
C ARG D 413 -26.36 1.94 3.86
N HIS D 414 -25.04 2.17 3.94
CA HIS D 414 -24.33 2.78 2.83
C HIS D 414 -24.43 1.94 1.57
N ASP D 415 -24.48 0.63 1.70
CA ASP D 415 -24.51 -0.23 0.55
C ASP D 415 -25.91 -0.51 0.04
N MET D 416 -26.95 -0.17 0.81
CA MET D 416 -28.28 -0.60 0.41
C MET D 416 -28.72 0.03 -0.89
N LEU D 417 -28.15 1.17 -1.25
CA LEU D 417 -28.56 1.80 -2.49
C LEU D 417 -27.87 1.22 -3.71
N LEU D 418 -26.88 0.35 -3.54
CA LEU D 418 -26.17 -0.14 -4.71
C LEU D 418 -26.95 -1.18 -5.49
N VAL D 419 -27.97 -1.81 -4.89
CA VAL D 419 -28.72 -2.85 -5.59
C VAL D 419 -29.48 -2.25 -6.76
N GLU D 420 -29.53 -2.99 -7.86
CA GLU D 420 -29.83 -2.45 -9.19
C GLU D 420 -31.08 -1.57 -9.29
N PRO D 421 -32.27 -2.02 -8.86
CA PRO D 421 -33.48 -1.26 -9.19
C PRO D 421 -33.56 0.07 -8.48
N LEU D 422 -32.83 0.26 -7.39
CA LEU D 422 -32.74 1.57 -6.76
C LEU D 422 -31.74 2.47 -7.43
N ASN D 423 -30.52 1.95 -7.64
CA ASN D 423 -29.45 2.80 -8.14
C ASN D 423 -29.78 3.31 -9.53
N ARG D 424 -30.32 2.45 -10.38
CA ARG D 424 -30.73 2.94 -11.68
C ARG D 424 -31.80 4.01 -11.55
N LEU D 425 -32.68 3.88 -10.57
CA LEU D 425 -33.70 4.91 -10.39
C LEU D 425 -33.09 6.23 -9.96
N LEU D 426 -32.19 6.19 -8.99
CA LEU D 426 -31.62 7.43 -8.51
C LEU D 426 -30.87 8.12 -9.62
N GLN D 427 -30.10 7.37 -10.41
CA GLN D 427 -29.41 8.00 -11.51
C GLN D 427 -30.38 8.56 -12.52
N ASP D 428 -31.45 7.82 -12.81
CA ASP D 428 -32.42 8.32 -13.78
C ASP D 428 -33.06 9.61 -13.29
N LYS D 429 -33.46 9.64 -12.03
CA LYS D 429 -34.07 10.85 -11.50
C LYS D 429 -33.07 12.00 -11.56
N TRP D 430 -31.81 11.71 -11.25
CA TRP D 430 -30.77 12.74 -11.28
C TRP D 430 -30.69 13.38 -12.65
N ASP D 431 -30.57 12.55 -13.68
CA ASP D 431 -30.49 13.09 -15.02
C ASP D 431 -31.79 13.72 -15.46
N ARG D 432 -32.91 13.34 -14.88
CA ARG D 432 -34.18 13.76 -15.44
C ARG D 432 -34.40 15.23 -15.17
N PHE D 433 -34.59 15.59 -13.89
CA PHE D 433 -34.90 16.97 -13.54
C PHE D 433 -34.08 17.49 -12.37
N VAL D 434 -33.58 16.60 -11.50
CA VAL D 434 -32.95 17.08 -10.26
C VAL D 434 -31.63 17.75 -10.55
N LYS D 435 -30.90 17.30 -11.56
CA LYS D 435 -29.62 17.92 -11.86
C LYS D 435 -29.77 19.41 -12.15
N ARG D 436 -30.77 19.77 -12.94
CA ARG D 436 -30.96 21.17 -13.23
C ARG D 436 -31.33 21.96 -11.98
N ILE D 437 -32.22 21.42 -11.15
CA ILE D 437 -32.62 22.18 -9.96
C ILE D 437 -31.43 22.33 -9.04
N PHE D 438 -30.61 21.30 -8.92
CA PHE D 438 -29.50 21.38 -8.01
C PHE D 438 -28.46 22.38 -8.49
N TYR D 439 -28.15 22.36 -9.78
CA TYR D 439 -27.22 23.37 -10.27
C TYR D 439 -27.79 24.76 -10.11
N PHE D 440 -29.09 24.91 -10.31
CA PHE D 440 -29.69 26.22 -10.12
C PHE D 440 -29.55 26.66 -8.67
N ASN D 441 -29.77 25.75 -7.74
CA ASN D 441 -29.63 26.09 -6.34
C ASN D 441 -28.20 26.49 -6.04
N PHE D 442 -27.25 25.78 -6.63
CA PHE D 442 -25.85 26.12 -6.42
C PHE D 442 -25.55 27.51 -6.93
N PHE D 443 -26.06 27.84 -8.10
CA PHE D 443 -25.80 29.15 -8.66
C PHE D 443 -26.43 30.22 -7.79
N VAL D 444 -27.64 29.99 -7.31
CA VAL D 444 -28.28 31.01 -6.49
C VAL D 444 -27.49 31.19 -5.21
N TYR D 445 -27.02 30.11 -4.61
CA TYR D 445 -26.25 30.25 -3.40
C TYR D 445 -24.98 31.02 -3.64
N CYS D 446 -24.30 30.76 -4.76
CA CYS D 446 -23.09 31.53 -5.06
C CYS D 446 -23.40 33.00 -5.21
N LEU D 447 -24.50 33.34 -5.88
CA LEU D 447 -24.85 34.76 -5.97
C LEU D 447 -25.11 35.33 -4.60
N TYR D 448 -25.74 34.56 -3.74
CA TYR D 448 -26.02 35.05 -2.40
C TYR D 448 -24.73 35.32 -1.65
N MET D 449 -23.77 34.42 -1.76
CA MET D 449 -22.53 34.63 -1.03
C MET D 449 -21.77 35.83 -1.58
N ILE D 450 -21.78 36.02 -2.90
CA ILE D 450 -21.11 37.20 -3.44
C ILE D 450 -21.77 38.45 -2.93
N ILE D 451 -23.09 38.48 -2.92
CA ILE D 451 -23.79 39.66 -2.44
C ILE D 451 -23.45 39.91 -0.98
N PHE D 452 -23.43 38.86 -0.18
CA PHE D 452 -23.15 39.05 1.23
C PHE D 452 -21.75 39.56 1.43
N THR D 453 -20.80 39.02 0.67
CA THR D 453 -19.42 39.46 0.80
C THR D 453 -19.31 40.94 0.47
N ALA D 454 -19.93 41.36 -0.62
CA ALA D 454 -19.85 42.76 -1.01
C ALA D 454 -20.49 43.65 0.03
N ALA D 455 -21.67 43.27 0.52
CA ALA D 455 -22.36 44.12 1.46
C ALA D 455 -21.60 44.23 2.77
N ALA D 456 -20.91 43.18 3.16
CA ALA D 456 -20.13 43.27 4.39
C ALA D 456 -18.88 44.09 4.20
N TYR D 457 -18.17 43.87 3.09
CA TYR D 457 -16.86 44.47 2.91
C TYR D 457 -16.94 45.98 2.93
N TYR D 458 -17.99 46.55 2.33
CA TYR D 458 -18.18 47.99 2.29
C TYR D 458 -19.03 48.49 3.46
N ARG D 459 -18.98 47.83 4.60
CA ARG D 459 -19.71 48.35 5.74
C ARG D 459 -19.16 49.71 6.13
N PRO D 460 -19.98 50.61 6.66
CA PRO D 460 -19.45 51.90 7.11
C PRO D 460 -18.68 51.76 8.42
N VAL D 461 -17.82 52.73 8.68
CA VAL D 461 -16.94 52.71 9.84
C VAL D 461 -17.29 53.81 10.84
N GLU D 462 -18.53 54.28 10.85
CA GLU D 462 -18.98 55.19 11.88
C GLU D 462 -19.32 54.44 13.15
N GLY D 463 -19.63 55.17 14.21
CA GLY D 463 -19.97 54.57 15.47
C GLY D 463 -21.43 54.21 15.60
N LEU D 464 -21.69 53.12 16.33
CA LEU D 464 -23.00 52.83 16.88
C LEU D 464 -24.13 52.77 15.85
N PRO D 465 -24.29 51.68 15.11
CA PRO D 465 -25.42 51.56 14.19
C PRO D 465 -26.75 51.66 14.93
N PRO D 466 -27.87 51.68 14.21
CA PRO D 466 -28.10 51.68 12.77
C PRO D 466 -27.58 52.93 12.09
N TYR D 467 -27.13 52.79 10.86
CA TYR D 467 -26.55 53.89 10.12
C TYR D 467 -27.57 54.45 9.14
N LYS D 468 -27.90 55.73 9.29
CA LYS D 468 -28.86 56.35 8.40
C LYS D 468 -28.27 56.47 7.00
N LEU D 469 -29.12 56.34 5.99
CA LEU D 469 -28.66 56.31 4.61
C LEU D 469 -28.55 57.69 4.02
N LYS D 470 -27.79 57.77 2.93
CA LYS D 470 -27.62 58.97 2.14
C LYS D 470 -28.25 58.77 0.77
N ASN D 471 -28.47 59.90 0.09
CA ASN D 471 -29.11 59.86 -1.22
C ASN D 471 -28.21 59.24 -2.28
N THR D 472 -26.92 59.11 -2.03
CA THR D 472 -26.02 58.56 -3.03
C THR D 472 -26.40 57.12 -3.32
N VAL D 473 -26.30 56.75 -4.60
CA VAL D 473 -26.79 55.46 -5.06
C VAL D 473 -26.01 54.31 -4.42
N GLY D 474 -24.77 54.56 -4.02
CA GLY D 474 -24.01 53.53 -3.34
C GLY D 474 -24.70 53.03 -2.09
N ASP D 475 -25.32 53.95 -1.34
CA ASP D 475 -26.03 53.53 -0.14
C ASP D 475 -27.22 52.65 -0.48
N TYR D 476 -27.90 52.94 -1.58
CA TYR D 476 -29.00 52.08 -1.98
C TYR D 476 -28.51 50.68 -2.31
N PHE D 477 -27.40 50.58 -3.04
CA PHE D 477 -26.84 49.27 -3.30
C PHE D 477 -26.49 48.56 -2.00
N ARG D 478 -25.84 49.26 -1.08
CA ARG D 478 -25.39 48.63 0.14
C ARG D 478 -26.58 48.15 0.98
N VAL D 479 -27.61 48.98 1.12
CA VAL D 479 -28.70 48.56 1.98
C VAL D 479 -29.49 47.44 1.33
N THR D 480 -29.62 47.44 0.01
CA THR D 480 -30.24 46.31 -0.66
C THR D 480 -29.43 45.05 -0.42
N GLY D 481 -28.11 45.16 -0.46
CA GLY D 481 -27.28 44.01 -0.15
C GLY D 481 -27.49 43.50 1.25
N GLU D 482 -27.59 44.41 2.22
CA GLU D 482 -27.83 43.97 3.58
C GLU D 482 -29.17 43.26 3.71
N ILE D 483 -30.20 43.78 3.05
CA ILE D 483 -31.52 43.15 3.11
C ILE D 483 -31.47 41.76 2.49
N LEU D 484 -30.85 41.62 1.33
CA LEU D 484 -30.78 40.31 0.71
C LEU D 484 -30.00 39.35 1.58
N SER D 485 -28.91 39.83 2.21
CA SER D 485 -28.12 38.95 3.05
C SER D 485 -28.93 38.43 4.22
N VAL D 486 -29.66 39.33 4.88
CA VAL D 486 -30.45 38.90 6.02
C VAL D 486 -31.59 37.99 5.57
N SER D 487 -32.16 38.27 4.41
CA SER D 487 -33.21 37.40 3.90
C SER D 487 -32.69 35.99 3.70
N GLY D 488 -31.53 35.87 3.09
CA GLY D 488 -30.95 34.55 2.94
C GLY D 488 -30.70 33.88 4.28
N GLY D 489 -30.23 34.65 5.25
CA GLY D 489 -29.97 34.06 6.55
C GLY D 489 -31.22 33.48 7.18
N VAL D 490 -32.31 34.25 7.15
CA VAL D 490 -33.53 33.74 7.78
C VAL D 490 -34.11 32.60 6.96
N TYR D 491 -33.94 32.63 5.64
CA TYR D 491 -34.42 31.52 4.82
C TYR D 491 -33.75 30.23 5.23
N PHE D 492 -32.43 30.27 5.39
CA PHE D 492 -31.76 29.07 5.87
C PHE D 492 -32.21 28.71 7.27
N PHE D 493 -32.52 29.70 8.11
CA PHE D 493 -33.01 29.39 9.44
C PHE D 493 -34.27 28.54 9.39
N PHE D 494 -35.23 28.96 8.57
CA PHE D 494 -36.48 28.21 8.50
C PHE D 494 -36.29 26.87 7.83
N ARG D 495 -35.43 26.75 6.81
CA ARG D 495 -35.20 25.42 6.27
C ARG D 495 -34.57 24.52 7.31
N GLY D 496 -33.71 25.07 8.16
CA GLY D 496 -33.14 24.26 9.23
C GLY D 496 -34.19 23.76 10.20
N ILE D 497 -35.11 24.63 10.60
CA ILE D 497 -36.16 24.19 11.50
C ILE D 497 -37.03 23.15 10.84
N GLN D 498 -37.37 23.35 9.56
CA GLN D 498 -38.19 22.37 8.88
C GLN D 498 -37.51 21.03 8.83
N TYR D 499 -36.20 21.01 8.60
CA TYR D 499 -35.47 19.76 8.61
C TYR D 499 -35.59 19.08 9.97
N PHE D 500 -35.34 19.83 11.04
CA PHE D 500 -35.39 19.23 12.37
C PHE D 500 -36.77 18.66 12.67
N LEU D 501 -37.81 19.41 12.34
CA LEU D 501 -39.15 18.94 12.64
C LEU D 501 -39.52 17.72 11.79
N GLN D 502 -39.22 17.75 10.50
CA GLN D 502 -39.63 16.65 9.65
C GLN D 502 -38.88 15.37 9.99
N ARG D 503 -37.64 15.49 10.44
CA ARG D 503 -36.84 14.31 10.76
C ARG D 503 -36.90 13.90 12.22
N ARG D 504 -37.18 14.82 13.13
CA ARG D 504 -37.15 14.56 14.57
C ARG D 504 -35.91 13.80 15.01
N PRO D 505 -34.72 14.25 14.67
CA PRO D 505 -33.53 13.68 15.32
C PRO D 505 -33.49 14.08 16.79
N SER D 506 -32.95 13.19 17.62
CA SER D 506 -32.98 13.36 19.07
C SER D 506 -31.60 13.08 19.64
N LEU D 507 -30.82 14.14 19.91
CA LEU D 507 -29.68 14.12 20.81
C LEU D 507 -28.50 13.24 20.38
N LYS D 508 -28.63 12.49 19.29
CA LYS D 508 -27.63 11.51 18.88
C LYS D 508 -27.26 11.67 17.42
N SER D 509 -28.24 11.67 16.54
CA SER D 509 -27.94 11.79 15.12
C SER D 509 -27.31 13.13 14.80
N LEU D 510 -27.64 14.17 15.57
CA LEU D 510 -27.03 15.46 15.31
C LEU D 510 -25.53 15.47 15.57
N PHE D 511 -25.05 14.67 16.50
CA PHE D 511 -23.61 14.62 16.75
C PHE D 511 -22.87 13.80 15.70
N VAL D 512 -23.51 12.80 15.10
CA VAL D 512 -22.86 11.89 14.18
C VAL D 512 -23.28 12.09 12.73
N ASP D 513 -24.33 12.86 12.47
CA ASP D 513 -24.96 12.85 11.17
C ASP D 513 -25.60 14.20 10.92
N SER D 514 -25.92 14.44 9.66
CA SER D 514 -26.55 15.70 9.25
C SER D 514 -25.68 16.88 9.63
N TYR D 515 -24.40 16.79 9.30
CA TYR D 515 -23.53 17.93 9.53
C TYR D 515 -23.93 19.10 8.66
N SER D 516 -24.32 18.85 7.42
CA SER D 516 -24.59 19.95 6.51
C SER D 516 -25.74 20.79 6.99
N GLU D 517 -26.81 20.15 7.46
CA GLU D 517 -27.96 20.91 7.91
C GLU D 517 -27.60 21.72 9.14
N ILE D 518 -26.82 21.13 10.04
CA ILE D 518 -26.42 21.82 11.25
C ILE D 518 -25.56 23.02 10.90
N LEU D 519 -24.62 22.86 9.97
CA LEU D 519 -23.72 23.96 9.66
C LEU D 519 -24.47 25.10 8.98
N PHE D 520 -25.34 24.78 8.03
CA PHE D 520 -26.11 25.87 7.43
C PHE D 520 -26.99 26.54 8.47
N PHE D 521 -27.52 25.77 9.41
CA PHE D 521 -28.30 26.40 10.46
C PHE D 521 -27.43 27.32 11.30
N VAL D 522 -26.20 26.89 11.60
CA VAL D 522 -25.35 27.71 12.45
C VAL D 522 -24.97 29.00 11.76
N GLN D 523 -24.76 28.94 10.45
CA GLN D 523 -24.59 30.19 9.71
C GLN D 523 -25.78 31.09 9.89
N SER D 524 -26.98 30.55 9.73
CA SER D 524 -28.14 31.42 9.85
C SER D 524 -28.25 31.97 11.26
N LEU D 525 -27.87 31.20 12.27
CA LEU D 525 -27.88 31.73 13.63
C LEU D 525 -26.95 32.91 13.76
N PHE D 526 -25.75 32.79 13.20
CA PHE D 526 -24.81 33.89 13.34
C PHE D 526 -25.32 35.13 12.64
N MET D 527 -25.94 34.96 11.48
CA MET D 527 -26.53 36.13 10.83
C MET D 527 -27.59 36.77 11.72
N LEU D 528 -28.43 35.95 12.35
CA LEU D 528 -29.48 36.55 13.17
C LEU D 528 -28.91 37.29 14.36
N VAL D 529 -27.91 36.71 15.02
CA VAL D 529 -27.28 37.40 16.14
C VAL D 529 -26.69 38.71 15.65
N SER D 530 -26.15 38.72 14.43
CA SER D 530 -25.65 39.97 13.88
C SER D 530 -26.76 40.98 13.71
N VAL D 531 -27.94 40.55 13.25
CA VAL D 531 -29.03 41.52 13.10
C VAL D 531 -29.42 42.08 14.45
N VAL D 532 -29.52 41.23 15.47
CA VAL D 532 -29.88 41.68 16.80
C VAL D 532 -28.88 42.72 17.29
N LEU D 533 -27.60 42.39 17.24
CA LEU D 533 -26.60 43.31 17.74
C LEU D 533 -26.51 44.56 16.87
N TYR D 534 -26.86 44.45 15.60
CA TYR D 534 -26.91 45.63 14.76
C TYR D 534 -27.93 46.61 15.28
N PHE D 535 -29.13 46.12 15.57
CA PHE D 535 -30.20 47.03 15.97
C PHE D 535 -30.24 47.30 17.46
N SER D 536 -29.38 46.69 18.25
CA SER D 536 -29.25 47.06 19.65
C SER D 536 -28.22 48.15 19.87
N GLN D 537 -27.74 48.81 18.81
CA GLN D 537 -26.76 49.87 18.95
C GLN D 537 -25.51 49.35 19.64
N ARG D 538 -24.86 48.41 18.99
CA ARG D 538 -23.59 47.88 19.45
C ARG D 538 -22.65 47.75 18.27
N LYS D 539 -21.35 47.77 18.57
CA LYS D 539 -20.34 47.55 17.55
C LYS D 539 -20.05 46.09 17.33
N GLU D 540 -20.37 45.23 18.30
CA GLU D 540 -19.90 43.85 18.24
C GLU D 540 -20.55 43.06 17.12
N TYR D 541 -21.55 43.61 16.43
CA TYR D 541 -22.23 42.84 15.40
C TYR D 541 -21.27 42.35 14.35
N VAL D 542 -20.21 43.11 14.08
CA VAL D 542 -19.27 42.72 13.05
C VAL D 542 -18.74 41.35 13.35
N ALA D 543 -18.41 41.08 14.62
CA ALA D 543 -17.90 39.76 14.97
C ALA D 543 -18.85 38.69 14.50
N SER D 544 -20.13 38.80 14.85
CA SER D 544 -21.06 37.77 14.43
C SER D 544 -21.12 37.71 12.92
N MET D 545 -21.23 38.86 12.26
CA MET D 545 -21.34 38.84 10.80
C MET D 545 -20.15 38.13 10.22
N VAL D 546 -18.97 38.43 10.75
CA VAL D 546 -17.76 37.89 10.17
C VAL D 546 -17.79 36.38 10.25
N PHE D 547 -18.17 35.84 11.40
CA PHE D 547 -18.14 34.40 11.52
C PHE D 547 -19.06 33.79 10.50
N SER D 548 -20.25 34.36 10.37
CA SER D 548 -21.19 33.85 9.40
C SER D 548 -20.57 33.84 8.03
N LEU D 549 -19.93 34.95 7.68
CA LEU D 549 -19.36 35.06 6.34
C LEU D 549 -18.34 33.96 6.11
N ALA D 550 -17.47 33.73 7.10
CA ALA D 550 -16.47 32.69 6.92
C ALA D 550 -17.16 31.36 6.70
N MET D 551 -18.13 31.03 7.56
CA MET D 551 -18.76 29.73 7.43
C MET D 551 -19.46 29.62 6.10
N GLY D 552 -20.04 30.73 5.62
CA GLY D 552 -20.74 30.69 4.36
C GLY D 552 -19.85 30.19 3.27
N TRP D 553 -18.63 30.72 3.20
CA TRP D 553 -17.75 30.28 2.14
C TRP D 553 -17.33 28.84 2.35
N THR D 554 -17.03 28.46 3.59
CA THR D 554 -16.62 27.08 3.77
C THR D 554 -17.78 26.14 3.60
N ASN D 555 -19.01 26.63 3.68
CA ASN D 555 -20.13 25.74 3.41
C ASN D 555 -20.35 25.55 1.93
N MET D 556 -19.66 26.30 1.08
CA MET D 556 -19.80 26.07 -0.34
C MET D 556 -19.48 24.63 -0.71
N LEU D 557 -18.62 23.97 0.06
CA LEU D 557 -18.30 22.58 -0.26
C LEU D 557 -19.50 21.66 -0.20
N TYR D 558 -20.58 22.03 0.49
CA TYR D 558 -21.77 21.20 0.45
C TYR D 558 -22.22 20.99 -0.97
N TYR D 559 -22.12 22.01 -1.80
CA TYR D 559 -22.58 21.84 -3.15
C TYR D 559 -21.64 21.02 -4.00
N THR D 560 -20.54 20.50 -3.47
CA THR D 560 -19.69 19.70 -4.33
C THR D 560 -20.34 18.40 -4.73
N ARG D 561 -21.23 17.85 -3.90
CA ARG D 561 -21.98 16.69 -4.33
C ARG D 561 -22.75 17.02 -5.59
N GLY D 562 -22.75 16.09 -6.54
CA GLY D 562 -23.18 16.34 -7.90
C GLY D 562 -22.04 16.26 -8.88
N PHE D 563 -20.83 16.52 -8.43
CA PHE D 563 -19.63 16.39 -9.23
C PHE D 563 -18.85 15.21 -8.66
N GLN D 564 -18.86 14.10 -9.38
CA GLN D 564 -18.39 12.82 -8.83
C GLN D 564 -16.98 12.93 -8.29
N GLN D 565 -16.02 13.22 -9.17
CA GLN D 565 -14.63 13.24 -8.78
C GLN D 565 -14.37 14.21 -7.62
N MET D 566 -15.10 15.34 -7.55
CA MET D 566 -14.90 16.26 -6.44
C MET D 566 -15.75 15.89 -5.25
N GLY D 567 -16.92 15.31 -5.47
CA GLY D 567 -17.74 14.91 -4.34
C GLY D 567 -17.04 13.90 -3.47
N ILE D 568 -16.33 12.96 -4.10
CA ILE D 568 -15.59 11.99 -3.31
C ILE D 568 -14.54 12.68 -2.48
N TYR D 569 -13.84 13.64 -3.08
CA TYR D 569 -12.79 14.32 -2.36
C TYR D 569 -13.34 15.08 -1.17
N ALA D 570 -14.48 15.74 -1.35
CA ALA D 570 -15.07 16.47 -0.24
C ALA D 570 -15.48 15.52 0.88
N VAL D 571 -16.00 14.35 0.54
CA VAL D 571 -16.35 13.41 1.59
C VAL D 571 -15.10 12.94 2.33
N MET D 572 -14.02 12.72 1.61
CA MET D 572 -12.80 12.33 2.29
C MET D 572 -12.34 13.43 3.24
N ILE D 573 -12.50 14.68 2.87
CA ILE D 573 -12.17 15.76 3.80
C ILE D 573 -13.04 15.67 5.04
N GLU D 574 -14.34 15.43 4.86
CA GLU D 574 -15.21 15.39 6.02
C GLU D 574 -14.78 14.29 6.99
N LYS D 575 -14.51 13.11 6.45
CA LYS D 575 -14.16 12.00 7.33
C LYS D 575 -12.82 12.23 8.00
N MET D 576 -11.87 12.80 7.30
CA MET D 576 -10.57 13.00 7.94
C MET D 576 -10.63 14.13 8.95
N ILE D 577 -11.47 15.14 8.75
CA ILE D 577 -11.61 16.14 9.80
C ILE D 577 -12.20 15.50 11.04
N LEU D 578 -13.17 14.60 10.89
CA LEU D 578 -13.75 14.01 12.09
C LEU D 578 -12.74 13.13 12.81
N ARG D 579 -12.04 12.26 12.09
CA ARG D 579 -11.17 11.31 12.76
C ARG D 579 -9.85 11.95 13.17
N ASP D 580 -9.06 12.35 12.19
CA ASP D 580 -7.66 12.56 12.47
C ASP D 580 -7.40 13.87 13.17
N LEU D 581 -8.29 14.85 13.08
CA LEU D 581 -8.15 16.06 13.89
C LEU D 581 -8.90 15.99 15.21
N CYS D 582 -9.28 14.81 15.66
CA CYS D 582 -9.37 14.59 17.09
C CYS D 582 -8.16 13.82 17.57
N ARG D 583 -7.82 12.75 16.83
CA ARG D 583 -6.69 11.93 17.22
C ARG D 583 -5.43 12.77 17.33
N PHE D 584 -5.16 13.61 16.35
CA PHE D 584 -3.99 14.45 16.39
C PHE D 584 -4.12 15.51 17.46
N MET D 585 -5.21 16.26 17.46
CA MET D 585 -5.21 17.47 18.26
C MET D 585 -5.17 17.18 19.74
N PHE D 586 -5.66 16.02 20.20
CA PHE D 586 -5.47 15.75 21.62
C PHE D 586 -3.99 15.68 21.95
N VAL D 587 -3.24 14.90 21.17
CA VAL D 587 -1.83 14.74 21.44
C VAL D 587 -1.10 16.05 21.29
N TYR D 588 -1.40 16.78 20.23
CA TYR D 588 -0.68 18.01 19.98
C TYR D 588 -0.94 19.02 21.08
N LEU D 589 -2.20 19.20 21.48
CA LEU D 589 -2.44 20.17 22.53
C LEU D 589 -1.80 19.73 23.82
N VAL D 590 -1.72 18.43 24.08
CA VAL D 590 -1.05 18.01 25.31
C VAL D 590 0.42 18.41 25.28
N PHE D 591 1.12 18.08 24.20
CA PHE D 591 2.54 18.43 24.17
C PHE D 591 2.73 19.93 24.24
N LEU D 592 1.95 20.67 23.45
CA LEU D 592 2.11 22.11 23.40
C LEU D 592 1.86 22.72 24.76
N PHE D 593 0.78 22.32 25.41
CA PHE D 593 0.46 22.92 26.70
C PHE D 593 1.52 22.57 27.72
N GLY D 594 2.04 21.34 27.66
CA GLY D 594 3.09 20.97 28.59
C GLY D 594 4.30 21.85 28.46
N PHE D 595 4.86 21.94 27.25
CA PHE D 595 6.08 22.72 27.12
C PHE D 595 5.81 24.22 27.24
N SER D 596 4.61 24.68 26.94
CA SER D 596 4.32 26.08 27.21
C SER D 596 4.39 26.37 28.68
N THR D 597 3.76 25.54 29.49
CA THR D 597 3.77 25.81 30.92
C THR D 597 5.17 25.66 31.49
N ALA D 598 5.94 24.71 30.99
CA ALA D 598 7.33 24.60 31.44
C ALA D 598 8.12 25.85 31.11
N VAL D 599 8.08 26.28 29.84
CA VAL D 599 8.91 27.40 29.45
C VAL D 599 8.47 28.67 30.16
N VAL D 600 7.17 28.92 30.24
CA VAL D 600 6.72 30.14 30.87
C VAL D 600 6.98 30.10 32.36
N THR D 601 6.97 28.90 32.95
CA THR D 601 7.40 28.77 34.33
C THR D 601 8.84 29.19 34.48
N LEU D 602 9.68 28.79 33.54
CA LEU D 602 11.10 29.08 33.66
C LEU D 602 11.37 30.56 33.44
N ILE D 603 11.08 31.05 32.23
CA ILE D 603 11.52 32.39 31.85
C ILE D 603 10.62 33.40 32.57
N GLU D 604 11.12 33.96 33.65
CA GLU D 604 10.38 35.01 34.35
C GLU D 604 11.37 36.06 34.83
N ASP D 605 11.43 37.16 34.10
CA ASP D 605 12.25 38.31 34.43
C ASP D 605 11.97 38.82 35.85
N SER D 630 9.83 40.06 27.49
CA SER D 630 8.56 40.70 27.84
C SER D 630 7.37 39.76 27.81
N TYR D 631 7.59 38.52 27.38
CA TYR D 631 6.48 37.60 27.14
C TYR D 631 5.87 37.23 28.47
N ASN D 632 6.59 36.46 29.29
CA ASN D 632 6.26 36.20 30.69
C ASN D 632 4.81 35.79 30.87
N SER D 633 4.22 35.20 29.84
CA SER D 633 2.78 35.04 29.77
C SER D 633 2.46 33.71 29.13
N LEU D 634 1.51 33.00 29.71
CA LEU D 634 1.17 31.72 29.15
C LEU D 634 0.59 31.87 27.76
N TYR D 635 -0.13 32.96 27.50
CA TYR D 635 -0.68 33.12 26.15
C TYR D 635 0.42 33.34 25.13
N SER D 636 1.31 34.28 25.38
CA SER D 636 2.33 34.59 24.39
C SER D 636 3.24 33.41 24.17
N THR D 637 3.54 32.66 25.24
CA THR D 637 4.39 31.50 25.05
C THR D 637 3.66 30.39 24.34
N CYS D 638 2.37 30.21 24.61
CA CYS D 638 1.62 29.24 23.84
C CYS D 638 1.67 29.60 22.37
N LEU D 639 1.60 30.88 22.07
CA LEU D 639 1.69 31.30 20.70
C LEU D 639 3.08 31.02 20.12
N GLU D 640 4.13 31.41 20.83
CA GLU D 640 5.47 31.26 20.25
C GLU D 640 5.83 29.81 20.07
N LEU D 641 5.34 28.94 20.94
CA LEU D 641 5.56 27.52 20.71
C LEU D 641 4.64 26.99 19.64
N PHE D 642 3.49 27.61 19.42
CA PHE D 642 2.70 27.19 18.27
C PHE D 642 3.47 27.44 17.00
N LYS D 643 4.20 28.54 16.95
CA LYS D 643 4.83 28.94 15.69
C LYS D 643 5.83 27.92 15.18
N PHE D 644 6.33 27.01 16.02
CA PHE D 644 7.25 26.02 15.47
C PHE D 644 6.54 25.05 14.55
N THR D 645 5.22 24.98 14.60
CA THR D 645 4.52 24.04 13.76
C THR D 645 4.29 24.57 12.36
N ILE D 646 4.12 25.87 12.20
CA ILE D 646 4.00 26.47 10.89
C ILE D 646 5.35 26.94 10.36
N GLY D 647 6.45 26.47 10.93
CA GLY D 647 7.74 26.87 10.39
C GLY D 647 8.03 28.33 10.57
N MET D 648 7.81 28.87 11.77
CA MET D 648 8.32 30.19 12.08
C MET D 648 8.77 30.30 13.53
N GLY D 649 9.16 29.20 14.15
CA GLY D 649 9.76 29.31 15.47
C GLY D 649 11.12 29.96 15.39
N ASP D 650 11.54 30.52 16.52
CA ASP D 650 12.80 31.28 16.54
C ASP D 650 13.95 30.54 17.17
N LEU D 651 13.69 29.80 18.24
CA LEU D 651 14.68 29.12 19.08
C LEU D 651 15.46 30.07 19.99
N GLU D 652 15.30 31.37 19.84
N GLU D 652 15.27 31.37 19.84
CA GLU D 652 15.87 32.35 20.75
CA GLU D 652 15.88 32.37 20.70
C GLU D 652 14.90 33.50 20.95
C GLU D 652 14.89 33.51 20.93
N PHE D 653 13.62 33.18 21.14
CA PHE D 653 12.61 34.23 21.20
C PHE D 653 12.70 35.06 22.46
N THR D 654 13.53 34.69 23.43
CA THR D 654 13.88 35.60 24.50
C THR D 654 15.27 35.27 24.99
N GLU D 655 15.86 36.23 25.70
CA GLU D 655 17.08 36.01 26.46
C GLU D 655 16.93 36.37 27.92
N ASN D 656 15.71 36.71 28.37
CA ASN D 656 15.45 37.12 29.74
C ASN D 656 15.24 35.88 30.59
N TYR D 657 16.34 35.24 30.95
CA TYR D 657 16.32 34.11 31.86
C TYR D 657 17.75 33.73 32.20
N ASP D 658 17.87 32.87 33.20
CA ASP D 658 19.05 32.06 33.38
C ASP D 658 18.68 30.62 33.04
N PHE D 659 19.61 29.70 33.27
CA PHE D 659 19.40 28.29 32.97
C PHE D 659 19.22 28.07 31.47
N LYS D 660 20.07 28.72 30.70
CA LYS D 660 19.91 28.73 29.25
C LYS D 660 19.96 27.31 28.69
N ALA D 661 20.74 26.44 29.31
CA ALA D 661 20.75 25.05 28.89
C ALA D 661 19.39 24.42 29.08
N VAL D 662 18.72 24.72 30.19
CA VAL D 662 17.41 24.13 30.40
C VAL D 662 16.43 24.63 29.35
N PHE D 663 16.45 25.93 29.10
CA PHE D 663 15.50 26.51 28.16
C PHE D 663 15.72 25.94 26.78
N ILE D 664 16.97 25.82 26.35
CA ILE D 664 17.22 25.26 25.04
C ILE D 664 16.82 23.80 25.00
N ILE D 665 17.06 23.05 26.08
CA ILE D 665 16.71 21.64 26.03
C ILE D 665 15.22 21.49 25.89
N LEU D 666 14.46 22.33 26.58
CA LEU D 666 13.02 22.26 26.42
C LEU D 666 12.62 22.55 25.00
N LEU D 667 13.14 23.61 24.40
CA LEU D 667 12.72 23.90 23.04
C LEU D 667 13.15 22.82 22.08
N LEU D 668 14.34 22.28 22.22
CA LEU D 668 14.76 21.24 21.29
C LEU D 668 13.92 19.99 21.48
N ALA D 669 13.58 19.66 22.72
CA ALA D 669 12.72 18.50 22.92
C ALA D 669 11.37 18.75 22.31
N TYR D 670 10.84 19.96 22.45
CA TYR D 670 9.54 20.23 21.88
C TYR D 670 9.60 20.14 20.37
N VAL D 671 10.63 20.72 19.76
CA VAL D 671 10.72 20.71 18.32
C VAL D 671 10.82 19.29 17.81
N ILE D 672 11.64 18.48 18.46
CA ILE D 672 11.82 17.11 18.00
C ILE D 672 10.53 16.32 18.14
N LEU D 673 9.89 16.40 19.30
CA LEU D 673 8.70 15.58 19.51
C LEU D 673 7.55 16.03 18.62
N THR D 674 7.46 17.32 18.31
CA THR D 674 6.28 17.84 17.63
C THR D 674 6.53 18.11 16.15
N TYR D 675 7.46 18.99 15.82
CA TYR D 675 7.65 19.33 14.42
C TYR D 675 8.17 18.16 13.60
N ILE D 676 9.11 17.41 14.16
CA ILE D 676 9.75 16.36 13.37
C ILE D 676 8.99 15.06 13.44
N LEU D 677 8.54 14.66 14.62
CA LEU D 677 7.84 13.38 14.75
C LEU D 677 6.36 13.51 14.44
N LEU D 678 5.64 14.20 15.31
CA LEU D 678 4.20 14.07 15.31
C LEU D 678 3.60 14.59 14.02
N LEU D 679 4.11 15.71 13.51
CA LEU D 679 3.58 16.22 12.26
C LEU D 679 3.76 15.23 11.13
N ASN D 680 4.86 14.50 11.12
CA ASN D 680 5.08 13.55 10.05
C ASN D 680 4.30 12.26 10.28
N MET D 681 4.10 11.88 11.52
CA MET D 681 3.24 10.74 11.77
C MET D 681 1.82 11.05 11.34
N LEU D 682 1.42 12.32 11.40
CA LEU D 682 0.11 12.68 10.91
C LEU D 682 -0.04 12.34 9.44
N ILE D 683 0.98 12.65 8.65
CA ILE D 683 0.89 12.37 7.22
C ILE D 683 0.87 10.88 6.98
N ALA D 684 1.67 10.13 7.73
CA ALA D 684 1.64 8.68 7.54
C ALA D 684 0.26 8.11 7.84
N LEU D 685 -0.35 8.51 8.95
CA LEU D 685 -1.65 7.96 9.30
C LEU D 685 -2.74 8.40 8.35
N MET D 686 -2.70 9.64 7.88
CA MET D 686 -3.69 10.03 6.88
C MET D 686 -3.49 9.22 5.61
N GLY D 687 -2.26 8.84 5.31
CA GLY D 687 -2.05 7.96 4.17
C GLY D 687 -2.70 6.62 4.35
N GLU D 688 -2.54 6.03 5.53
CA GLU D 688 -3.17 4.73 5.76
C GLU D 688 -4.69 4.84 5.72
N THR D 689 -5.24 5.86 6.36
CA THR D 689 -6.69 5.99 6.39
C THR D 689 -7.25 6.24 5.00
N VAL D 690 -6.50 6.94 4.15
CA VAL D 690 -6.93 7.09 2.76
C VAL D 690 -6.96 5.74 2.07
N ASN D 691 -5.95 4.91 2.30
CA ASN D 691 -6.05 3.57 1.74
C ASN D 691 -7.27 2.83 2.26
N LYS D 692 -7.69 3.11 3.49
CA LYS D 692 -8.86 2.41 3.99
C LYS D 692 -10.16 2.90 3.34
N ILE D 693 -10.38 4.21 3.27
CA ILE D 693 -11.69 4.72 2.87
C ILE D 693 -11.76 4.99 1.37
N ALA D 694 -11.02 4.24 0.56
CA ALA D 694 -11.16 4.41 -0.87
C ALA D 694 -12.56 4.08 -1.34
N GLN D 695 -13.11 2.95 -0.89
CA GLN D 695 -14.39 2.46 -1.39
C GLN D 695 -15.57 2.98 -0.59
N GLU D 696 -15.39 3.20 0.71
CA GLU D 696 -16.47 3.72 1.53
C GLU D 696 -16.96 5.06 1.01
N SER D 697 -16.05 5.87 0.48
CA SER D 697 -16.43 7.22 0.06
C SER D 697 -17.42 7.19 -1.09
N LYS D 698 -17.26 6.28 -2.05
CA LYS D 698 -18.20 6.25 -3.16
C LYS D 698 -19.60 5.94 -2.67
N ASN D 699 -19.73 4.98 -1.76
CA ASN D 699 -21.03 4.69 -1.21
C ASN D 699 -21.59 5.88 -0.44
N ILE D 700 -20.74 6.57 0.33
CA ILE D 700 -21.25 7.73 1.05
C ILE D 700 -21.71 8.78 0.08
N TRP D 701 -20.97 8.98 -1.00
CA TRP D 701 -21.37 10.00 -1.94
C TRP D 701 -22.69 9.65 -2.61
N LYS D 702 -22.85 8.38 -3.01
CA LYS D 702 -24.11 7.99 -3.61
C LYS D 702 -25.25 8.21 -2.65
N LEU D 703 -25.01 7.97 -1.36
CA LEU D 703 -26.02 8.26 -0.37
C LEU D 703 -26.32 9.75 -0.30
N GLN D 704 -25.30 10.59 -0.34
CA GLN D 704 -25.54 12.03 -0.24
C GLN D 704 -26.35 12.51 -1.43
N ARG D 705 -26.01 12.05 -2.62
CA ARG D 705 -26.82 12.39 -3.78
C ARG D 705 -28.22 11.85 -3.63
N ALA D 706 -28.37 10.70 -2.97
CA ALA D 706 -29.71 10.15 -2.76
C ALA D 706 -30.54 11.06 -1.86
N ILE D 707 -29.93 11.57 -0.79
CA ILE D 707 -30.67 12.48 0.06
C ILE D 707 -31.03 13.73 -0.70
N THR D 708 -30.11 14.21 -1.52
CA THR D 708 -30.41 15.40 -2.31
C THR D 708 -31.61 15.16 -3.20
N ILE D 709 -31.65 14.01 -3.86
CA ILE D 709 -32.75 13.71 -4.77
C ILE D 709 -34.06 13.65 -3.98
N LEU D 710 -34.05 12.97 -2.85
CA LEU D 710 -35.28 12.82 -2.10
C LEU D 710 -35.79 14.16 -1.61
N ASP D 711 -34.90 15.01 -1.12
CA ASP D 711 -35.36 16.28 -0.59
C ASP D 711 -35.84 17.20 -1.72
N THR D 712 -35.17 17.18 -2.87
CA THR D 712 -35.66 17.98 -3.97
C THR D 712 -37.02 17.51 -4.44
N GLU D 713 -37.20 16.19 -4.55
CA GLU D 713 -38.51 15.67 -4.95
C GLU D 713 -39.56 16.03 -3.93
N LYS D 714 -39.21 15.94 -2.65
CA LYS D 714 -40.22 15.94 -1.60
C LYS D 714 -40.99 17.24 -1.58
N SER D 715 -40.29 18.37 -1.67
CA SER D 715 -40.98 19.64 -1.56
C SER D 715 -41.32 20.22 -2.93
N PHE D 716 -40.34 20.77 -3.62
CA PHE D 716 -40.49 21.34 -4.95
C PHE D 716 -41.42 22.57 -5.05
N LEU D 717 -42.20 22.88 -4.01
CA LEU D 717 -42.86 24.17 -3.80
C LEU D 717 -43.73 24.62 -4.98
N LYS D 718 -44.15 23.71 -5.86
CA LYS D 718 -44.93 24.08 -7.04
C LYS D 718 -46.00 23.07 -7.44
N CYS D 719 -46.26 22.04 -6.63
CA CYS D 719 -47.39 21.15 -6.87
C CYS D 719 -47.28 20.43 -8.22
N MET D 720 -46.12 19.83 -8.47
CA MET D 720 -45.87 19.03 -9.65
C MET D 720 -45.28 17.69 -9.22
N ARG D 721 -45.64 16.62 -9.95
CA ARG D 721 -45.19 15.26 -9.64
C ARG D 721 -44.61 14.64 -10.91
N LYS D 722 -43.32 14.92 -11.17
CA LYS D 722 -42.60 14.32 -12.28
C LYS D 722 -41.73 13.15 -11.86
N ALA D 723 -42.05 12.50 -10.74
CA ALA D 723 -41.28 11.39 -10.22
C ALA D 723 -41.74 10.04 -10.74
N PHE D 724 -42.80 9.99 -11.55
CA PHE D 724 -43.39 8.70 -11.91
C PHE D 724 -42.56 7.96 -12.97
N ARG D 725 -42.82 6.67 -13.07
CA ARG D 725 -42.03 5.70 -13.82
C ARG D 725 -42.65 5.45 -15.20
N SER D 726 -42.20 4.39 -15.87
CA SER D 726 -42.56 4.12 -17.27
C SER D 726 -44.01 3.67 -17.38
N GLY D 727 -44.92 4.58 -17.06
CA GLY D 727 -46.32 4.36 -17.32
C GLY D 727 -46.92 3.30 -16.42
N LYS D 728 -48.25 3.34 -16.34
CA LYS D 728 -49.01 2.30 -15.67
C LYS D 728 -49.05 1.11 -16.63
N LEU D 729 -47.96 0.36 -16.66
CA LEU D 729 -47.91 -0.83 -17.51
C LEU D 729 -48.69 -1.97 -16.87
N LEU D 730 -49.31 -2.80 -17.70
CA LEU D 730 -50.07 -3.93 -17.19
C LEU D 730 -49.16 -5.10 -16.85
N GLN D 731 -49.39 -5.65 -15.66
CA GLN D 731 -48.73 -6.88 -15.25
C GLN D 731 -49.09 -8.02 -16.19
N VAL D 732 -50.38 -8.38 -16.20
CA VAL D 732 -50.92 -9.33 -17.16
C VAL D 732 -52.17 -8.81 -17.84
N GLY D 733 -52.82 -7.78 -17.29
CA GLY D 733 -54.19 -7.47 -17.64
C GLY D 733 -55.19 -8.39 -16.97
N PHE D 734 -54.71 -9.37 -16.21
CA PHE D 734 -55.57 -10.31 -15.52
C PHE D 734 -54.81 -10.91 -14.33
N THR D 735 -55.22 -10.56 -13.13
CA THR D 735 -54.69 -11.21 -11.93
C THR D 735 -55.42 -12.53 -11.74
N PRO D 736 -55.11 -13.28 -10.69
CA PRO D 736 -56.01 -14.41 -10.35
C PRO D 736 -57.44 -13.96 -10.17
N ASP D 737 -57.63 -12.76 -9.62
CA ASP D 737 -58.93 -12.11 -9.63
C ASP D 737 -59.23 -11.56 -11.03
N GLY D 738 -60.51 -11.29 -11.28
CA GLY D 738 -60.94 -10.87 -12.61
C GLY D 738 -60.38 -9.53 -13.06
N LYS D 739 -59.96 -8.69 -12.14
CA LYS D 739 -59.54 -7.36 -12.49
C LYS D 739 -58.13 -7.40 -13.09
N ASP D 740 -57.74 -6.29 -13.72
CA ASP D 740 -56.42 -6.16 -14.31
C ASP D 740 -55.42 -5.80 -13.21
N ASP D 741 -54.23 -5.33 -13.59
CA ASP D 741 -53.32 -4.75 -12.61
C ASP D 741 -52.28 -3.90 -13.33
N TYR D 742 -51.96 -2.75 -12.74
CA TYR D 742 -50.93 -1.84 -13.22
C TYR D 742 -49.79 -1.76 -12.22
N ARG D 743 -48.58 -1.50 -12.74
CA ARG D 743 -47.36 -1.71 -11.99
C ARG D 743 -46.53 -0.47 -11.74
N TRP D 744 -46.53 0.52 -12.62
CA TRP D 744 -45.52 1.58 -12.63
C TRP D 744 -44.12 0.97 -12.70
N CYS D 745 -43.86 0.30 -13.80
CA CYS D 745 -42.60 -0.40 -13.97
C CYS D 745 -41.52 0.53 -14.49
N PHE D 746 -40.27 0.09 -14.32
CA PHE D 746 -39.09 0.78 -14.82
C PHE D 746 -38.29 -0.18 -15.70
N ARG D 747 -37.87 0.29 -16.87
CA ARG D 747 -37.22 -0.58 -17.86
C ARG D 747 -35.71 -0.57 -17.67
N VAL D 748 -35.10 -1.74 -17.86
CA VAL D 748 -33.65 -1.87 -17.83
C VAL D 748 -33.25 -2.79 -18.99
N ASP D 749 -32.46 -2.27 -19.90
CA ASP D 749 -31.98 -3.01 -21.05
C ASP D 749 -30.61 -3.58 -20.74
N GLU D 750 -30.44 -4.86 -20.97
CA GLU D 750 -29.15 -5.52 -20.83
C GLU D 750 -28.86 -6.30 -22.10
N VAL D 751 -27.58 -6.40 -22.44
CA VAL D 751 -27.12 -7.18 -23.57
C VAL D 751 -26.04 -8.12 -23.08
N ASN D 752 -26.26 -9.42 -23.27
CA ASN D 752 -25.34 -10.43 -22.78
C ASN D 752 -25.43 -11.66 -23.65
N TRP D 753 -24.33 -12.42 -23.67
CA TRP D 753 -24.18 -13.62 -24.47
C TRP D 753 -24.46 -14.89 -23.70
N THR D 754 -24.73 -14.80 -22.40
CA THR D 754 -25.15 -15.99 -21.67
C THR D 754 -26.58 -16.35 -22.03
N THR D 755 -27.05 -17.46 -21.47
CA THR D 755 -28.36 -18.03 -21.73
C THR D 755 -28.48 -18.59 -23.13
N TRP D 756 -27.36 -18.89 -23.78
CA TRP D 756 -27.37 -19.45 -25.13
C TRP D 756 -26.97 -20.92 -25.05
#